data_7BOP
#
_entry.id   7BOP
#
_cell.length_a   154.504
_cell.length_b   273.006
_cell.length_c   186.279
_cell.angle_alpha   90.00
_cell.angle_beta   90.00
_cell.angle_gamma   90.00
#
_symmetry.space_group_name_H-M   'C 2 2 21'
#
loop_
_entity.id
_entity.type
_entity.pdbx_description
1 polymer 'Alpha-1,2-mannosyltransferase (Ktr4), putative'
2 non-polymer 'MANGANESE (II) ION'
3 non-polymer "GUANOSINE-5'-DIPHOSPHATE"
4 non-polymer 'SODIUM ION'
5 non-polymer GLYCEROL
6 water water
#
_entity_poly.entity_id   1
_entity_poly.type   'polypeptide(L)'
_entity_poly.pdbx_seq_one_letter_code
;MGSSHHHHHHSSGHSQSHGPSFISKGSKEYNGMKRDPLLDPTGEPEGHLWRADDNDYAPNSAHSARTNAALISLVRNEEL
EDLISTMKDLERTWNSKFNYPWIFFNDKPFTEEFKKRTQAETKAKCYYEQVPKEHWDPPEWINMELFRESAAILTEQKIQ
YSDKLSYHQMCRWNSGMFYKHPALKNYKYYWRVEPKVQFFCNVDYDVFRFMEDRNLTYGFTINLFDDPKTVPTLWPETKK
FLAANPSYLSSNNMMGWLTDDSLRPDHTEAANGYSTCHFWSNFEIGDLDFFRGEQYDAYFNHLDRAGGFFYERWGDAPVH
SIGLGLFADAAKVHWFRDIGYNHIPYYNCPNSPKCSKCTPGQFYAGAPFLAKEDCRPSYFKHVGMH
;
_entity_poly.pdbx_strand_id   A,B,C,D,E,F
#
loop_
_chem_comp.id
_chem_comp.type
_chem_comp.name
_chem_comp.formula
GDP RNA linking GUANOSINE-5'-DIPHOSPHATE 'C10 H15 N5 O11 P2'
GOL non-polymer GLYCEROL 'C3 H8 O3'
MN non-polymer 'MANGANESE (II) ION' 'Mn 2'
NA non-polymer 'SODIUM ION' 'Na 1'
#
# COMPACT_ATOMS: atom_id res chain seq x y z
N SER A 17 14.12 -0.22 0.06
CA SER A 17 15.53 -0.46 0.49
C SER A 17 15.57 -1.46 1.66
N HIS A 18 14.79 -1.17 2.70
CA HIS A 18 14.59 -2.08 3.85
C HIS A 18 13.63 -3.26 3.60
N GLY A 19 13.28 -3.51 2.32
CA GLY A 19 12.36 -4.59 1.95
C GLY A 19 13.00 -5.97 2.00
N PRO A 20 12.18 -7.01 1.74
CA PRO A 20 12.65 -8.38 1.76
C PRO A 20 13.46 -8.76 0.51
N SER A 21 14.48 -9.60 0.72
CA SER A 21 15.24 -10.24 -0.37
C SER A 21 14.70 -11.64 -0.57
N PHE A 22 14.45 -12.01 -1.83
CA PHE A 22 14.02 -13.37 -2.21
C PHE A 22 15.06 -14.00 -3.16
N ILE A 23 15.31 -15.31 -3.02
CA ILE A 23 16.25 -16.05 -3.89
C ILE A 23 15.58 -17.29 -4.50
N GLU A 29 11.58 -17.92 -2.05
CA GLU A 29 12.29 -18.14 -0.79
C GLU A 29 12.77 -16.83 -0.18
N TYR A 30 12.13 -16.39 0.91
CA TYR A 30 12.61 -15.22 1.68
C TYR A 30 14.01 -15.49 2.22
N ASN A 31 14.89 -14.50 2.10
CA ASN A 31 16.32 -14.66 2.44
C ASN A 31 16.89 -13.51 3.29
N GLY A 32 16.05 -12.86 4.08
CA GLY A 32 16.48 -11.76 4.94
C GLY A 32 16.32 -10.39 4.29
N MET A 33 16.96 -9.39 4.88
CA MET A 33 16.79 -8.02 4.39
C MET A 33 17.69 -7.74 3.18
N LYS A 34 17.17 -6.95 2.25
CA LYS A 34 17.91 -6.54 1.04
C LYS A 34 19.01 -5.58 1.42
N ARG A 35 18.63 -4.45 2.02
CA ARG A 35 19.58 -3.44 2.47
C ARG A 35 19.27 -3.08 3.92
N ASP A 36 20.17 -3.43 4.80
CA ASP A 36 19.96 -3.25 6.22
C ASP A 36 20.15 -1.77 6.57
N PRO A 37 19.14 -1.12 7.19
CA PRO A 37 19.29 0.27 7.66
C PRO A 37 20.46 0.49 8.62
N LEU A 38 20.91 -0.56 9.29
CA LEU A 38 22.07 -0.50 10.16
C LEU A 38 23.37 -0.12 9.44
N LEU A 39 23.42 -0.30 8.12
CA LEU A 39 24.52 0.17 7.29
C LEU A 39 24.58 1.70 7.19
N ASP A 40 23.45 2.38 7.32
CA ASP A 40 23.44 3.86 7.30
C ASP A 40 24.15 4.39 8.53
N PRO A 41 24.79 5.58 8.41
CA PRO A 41 25.41 6.22 9.58
C PRO A 41 24.37 6.32 10.70
N THR A 42 24.69 5.72 11.85
CA THR A 42 23.72 5.53 12.91
C THR A 42 24.18 6.39 14.07
N GLY A 43 23.31 7.31 14.48
CA GLY A 43 23.60 8.24 15.58
C GLY A 43 22.56 8.13 16.67
N GLU A 44 22.47 9.20 17.44
CA GLU A 44 21.58 9.23 18.60
C GLU A 44 20.20 9.66 18.20
N PRO A 45 19.19 9.33 19.03
CA PRO A 45 17.86 9.84 18.73
C PRO A 45 17.79 11.36 18.84
N GLU A 46 16.72 11.95 18.28
CA GLU A 46 16.55 13.39 18.31
C GLU A 46 15.94 13.82 19.64
N GLY A 47 15.97 15.12 19.89
CA GLY A 47 15.41 15.71 21.10
C GLY A 47 16.43 15.78 22.22
N HIS A 48 15.97 16.18 23.39
CA HIS A 48 16.85 16.34 24.54
C HIS A 48 17.31 14.98 25.06
N LEU A 49 18.61 14.87 25.35
CA LEU A 49 19.18 13.64 25.91
C LEU A 49 19.89 14.00 27.20
N TRP A 50 19.74 13.14 28.20
CA TRP A 50 20.39 13.32 29.50
C TRP A 50 21.78 12.72 29.45
N ARG A 51 22.80 13.57 29.65
CA ARG A 51 24.22 13.19 29.58
C ARG A 51 24.84 12.99 30.95
N ALA A 52 25.80 12.07 31.03
CA ALA A 52 26.52 11.83 32.28
C ALA A 52 27.46 12.98 32.66
N ASP A 53 28.01 13.65 31.65
CA ASP A 53 29.03 14.68 31.89
C ASP A 53 28.50 16.00 32.45
N ASP A 54 27.21 16.27 32.36
CA ASP A 54 26.65 17.48 33.00
C ASP A 54 25.47 17.20 33.93
N ASN A 55 25.43 15.98 34.47
CA ASN A 55 24.48 15.63 35.53
C ASN A 55 25.19 14.87 36.62
N ASP A 56 24.52 14.82 37.78
CA ASP A 56 24.96 14.00 38.89
C ASP A 56 24.46 12.56 38.69
N TYR A 57 25.32 11.69 38.18
CA TYR A 57 25.05 10.26 38.09
C TYR A 57 26.01 9.46 38.97
N ALA A 58 26.54 10.08 40.03
CA ALA A 58 27.41 9.37 40.96
C ALA A 58 26.66 8.18 41.58
N PRO A 59 27.35 7.03 41.73
CA PRO A 59 26.67 5.80 42.15
C PRO A 59 26.01 5.86 43.54
N ASN A 60 26.57 6.65 44.45
CA ASN A 60 26.03 6.74 45.81
C ASN A 60 25.40 8.11 46.15
N SER A 61 25.23 8.98 45.14
CA SER A 61 24.52 10.25 45.35
C SER A 61 23.06 10.04 45.69
N ALA A 62 22.57 10.81 46.66
CA ALA A 62 21.18 10.82 47.03
C ALA A 62 20.37 11.78 46.17
N HIS A 63 21.03 12.54 45.29
CA HIS A 63 20.36 13.59 44.51
C HIS A 63 20.72 13.42 43.02
N SER A 64 20.78 12.16 42.58
CA SER A 64 21.23 11.83 41.23
C SER A 64 20.16 12.13 40.21
N ALA A 65 20.56 12.13 38.95
CA ALA A 65 19.66 12.31 37.83
C ALA A 65 18.93 11.02 37.40
N ARG A 66 19.08 9.94 38.16
CA ARG A 66 18.45 8.67 37.81
C ARG A 66 16.94 8.70 38.06
N THR A 67 16.18 8.19 37.10
CA THR A 67 14.75 7.98 37.32
C THR A 67 14.57 6.61 38.00
N ASN A 68 13.32 6.21 38.25
CA ASN A 68 13.04 4.96 38.97
C ASN A 68 13.06 3.75 38.01
N ALA A 69 14.27 3.30 37.72
CA ALA A 69 14.52 2.24 36.76
C ALA A 69 15.65 1.35 37.25
N ALA A 70 15.67 0.10 36.75
CA ALA A 70 16.70 -0.85 37.12
C ALA A 70 17.08 -1.73 35.94
N LEU A 71 18.33 -2.18 35.95
CA LEU A 71 18.77 -3.28 35.13
C LEU A 71 18.31 -4.54 35.86
N ILE A 72 17.65 -5.46 35.16
CA ILE A 72 17.14 -6.68 35.79
C ILE A 72 17.57 -7.92 35.03
N SER A 73 17.70 -9.03 35.75
CA SER A 73 18.11 -10.27 35.12
C SER A 73 17.61 -11.48 35.91
N LEU A 74 16.84 -12.33 35.24
CA LEU A 74 16.52 -13.67 35.75
C LEU A 74 17.67 -14.55 35.34
N VAL A 75 18.35 -15.14 36.34
CA VAL A 75 19.61 -15.84 36.08
C VAL A 75 19.89 -16.88 37.17
N ARG A 76 20.60 -17.93 36.78
CA ARG A 76 21.00 -19.02 37.68
C ARG A 76 22.40 -18.78 38.23
N ASN A 77 22.68 -19.38 39.39
CA ASN A 77 24.03 -19.37 39.96
C ASN A 77 25.07 -19.96 39.01
N GLU A 78 24.69 -21.00 38.28
CA GLU A 78 25.60 -21.70 37.36
C GLU A 78 25.96 -20.88 36.12
N GLU A 79 25.21 -19.80 35.84
CA GLU A 79 25.49 -18.90 34.71
C GLU A 79 26.34 -17.68 35.10
N LEU A 80 26.93 -17.71 36.29
CA LEU A 80 27.66 -16.58 36.82
C LEU A 80 28.75 -16.06 35.88
N GLU A 81 29.61 -16.93 35.38
CA GLU A 81 30.69 -16.47 34.50
C GLU A 81 30.18 -15.76 33.25
N ASP A 82 29.13 -16.31 32.63
CA ASP A 82 28.52 -15.68 31.46
C ASP A 82 27.81 -14.37 31.83
N LEU A 83 27.19 -14.31 33.01
CA LEU A 83 26.60 -13.06 33.51
C LEU A 83 27.68 -11.98 33.67
N ILE A 84 28.80 -12.34 34.28
CA ILE A 84 29.92 -11.40 34.46
C ILE A 84 30.42 -10.81 33.12
N SER A 85 30.59 -11.64 32.09
CA SER A 85 30.95 -11.15 30.76
C SER A 85 29.97 -10.09 30.26
N THR A 86 28.68 -10.36 30.43
CA THR A 86 27.63 -9.44 30.03
C THR A 86 27.67 -8.12 30.82
N MET A 87 27.81 -8.23 32.13
CA MET A 87 27.91 -7.06 33.00
C MET A 87 29.08 -6.16 32.59
N LYS A 88 30.23 -6.76 32.28
CA LYS A 88 31.40 -5.99 31.83
C LYS A 88 31.09 -5.16 30.59
N ASP A 89 30.37 -5.76 29.63
CA ASP A 89 30.00 -5.05 28.41
C ASP A 89 29.02 -3.93 28.69
N LEU A 90 27.98 -4.22 29.47
CA LEU A 90 26.94 -3.23 29.72
C LEU A 90 27.47 -2.06 30.56
N GLU A 91 28.30 -2.40 31.54
CA GLU A 91 28.99 -1.38 32.34
C GLU A 91 29.94 -0.52 31.50
N ARG A 92 30.80 -1.15 30.70
CA ARG A 92 31.76 -0.41 29.88
C ARG A 92 31.07 0.51 28.89
N THR A 93 30.03 0.00 28.22
CA THR A 93 29.36 0.78 27.19
C THR A 93 28.39 1.82 27.71
N TRP A 94 27.84 1.61 28.90
CA TRP A 94 26.74 2.44 29.39
C TRP A 94 26.72 2.69 30.91
N ASN A 95 26.57 1.63 31.70
CA ASN A 95 26.21 1.84 33.12
C ASN A 95 27.34 2.39 34.02
N SER A 96 28.61 2.32 33.58
CA SER A 96 29.67 2.93 34.38
C SER A 96 29.49 4.45 34.47
N LYS A 97 28.79 5.04 33.50
CA LYS A 97 28.50 6.48 33.50
C LYS A 97 27.20 6.84 34.22
N PHE A 98 26.20 5.97 34.14
CA PHE A 98 24.87 6.30 34.67
C PHE A 98 24.57 5.64 36.01
N ASN A 99 25.17 4.48 36.26
CA ASN A 99 25.12 3.80 37.56
C ASN A 99 23.72 3.48 38.06
N TYR A 100 22.88 2.95 37.16
CA TYR A 100 21.59 2.41 37.56
C TYR A 100 21.82 1.08 38.29
N PRO A 101 20.92 0.76 39.24
CA PRO A 101 21.09 -0.49 40.01
C PRO A 101 20.80 -1.75 39.20
N TRP A 102 21.44 -2.86 39.61
CA TRP A 102 21.16 -4.19 39.09
C TRP A 102 20.29 -4.95 40.10
N ILE A 103 19.20 -5.55 39.60
CA ILE A 103 18.36 -6.43 40.41
C ILE A 103 18.34 -7.81 39.76
N PHE A 104 18.90 -8.79 40.46
CA PHE A 104 18.96 -10.17 40.00
C PHE A 104 17.83 -10.99 40.61
N PHE A 105 17.23 -11.85 39.79
CA PHE A 105 16.12 -12.72 40.19
C PHE A 105 16.47 -14.17 39.94
N ASN A 106 15.99 -15.03 40.83
CA ASN A 106 16.24 -16.46 40.72
C ASN A 106 15.16 -17.20 41.53
N ASP A 107 14.68 -18.31 41.01
CA ASP A 107 13.73 -19.16 41.75
C ASP A 107 14.38 -19.79 43.00
N LYS A 108 15.69 -20.00 42.94
CA LYS A 108 16.50 -20.47 44.06
C LYS A 108 17.34 -19.33 44.65
N PRO A 109 17.87 -19.52 45.88
CA PRO A 109 18.72 -18.48 46.47
C PRO A 109 20.04 -18.28 45.73
N PHE A 110 20.53 -17.04 45.69
CA PHE A 110 21.86 -16.80 45.12
C PHE A 110 22.95 -17.16 46.11
N THR A 111 24.07 -17.69 45.61
CA THR A 111 25.22 -18.00 46.45
C THR A 111 25.94 -16.73 46.88
N GLU A 112 26.77 -16.85 47.90
CA GLU A 112 27.63 -15.74 48.31
C GLU A 112 28.68 -15.41 47.24
N GLU A 113 29.17 -16.42 46.53
CA GLU A 113 30.08 -16.19 45.41
C GLU A 113 29.41 -15.34 44.29
N PHE A 114 28.16 -15.65 43.97
CA PHE A 114 27.38 -14.89 42.99
C PHE A 114 27.29 -13.42 43.39
N LYS A 115 26.93 -13.18 44.66
CA LYS A 115 26.78 -11.81 45.15
C LYS A 115 28.08 -11.02 45.11
N LYS A 116 29.18 -11.65 45.52
CA LYS A 116 30.49 -10.98 45.55
C LYS A 116 30.99 -10.65 44.15
N ARG A 117 30.94 -11.63 43.26
CA ARG A 117 31.43 -11.48 41.90
C ARG A 117 30.64 -10.44 41.10
N THR A 118 29.31 -10.43 41.24
CA THR A 118 28.46 -9.45 40.54
C THR A 118 28.65 -8.02 41.03
N GLN A 119 28.64 -7.80 42.35
CA GLN A 119 28.85 -6.47 42.92
C GLN A 119 30.24 -5.90 42.58
N ALA A 120 31.23 -6.79 42.41
CA ALA A 120 32.58 -6.38 41.99
C ALA A 120 32.66 -5.78 40.58
N GLU A 121 31.65 -6.01 39.74
CA GLU A 121 31.66 -5.52 38.36
C GLU A 121 30.93 -4.19 38.15
N THR A 122 30.44 -3.58 39.22
CA THR A 122 29.65 -2.35 39.08
C THR A 122 29.84 -1.48 40.31
N LYS A 123 29.76 -0.17 40.11
CA LYS A 123 29.75 0.79 41.22
C LYS A 123 28.35 0.99 41.75
N ALA A 124 27.33 0.56 40.99
CA ALA A 124 25.94 0.73 41.43
C ALA A 124 25.57 -0.31 42.46
N LYS A 125 24.45 -0.08 43.14
CA LYS A 125 23.90 -1.06 44.08
C LYS A 125 23.38 -2.27 43.33
N CYS A 126 23.67 -3.46 43.87
CA CYS A 126 23.14 -4.72 43.39
C CYS A 126 22.16 -5.28 44.41
N TYR A 127 21.05 -5.82 43.92
CA TYR A 127 20.04 -6.47 44.75
C TYR A 127 19.83 -7.90 44.27
N TYR A 128 19.49 -8.78 45.22
CA TYR A 128 19.44 -10.22 45.00
C TYR A 128 18.11 -10.72 45.50
N GLU A 129 17.23 -11.09 44.57
CA GLU A 129 15.84 -11.40 44.88
C GLU A 129 15.50 -12.84 44.50
N GLN A 130 14.61 -13.44 45.27
CA GLN A 130 14.10 -14.75 44.96
C GLN A 130 12.70 -14.62 44.41
N VAL A 131 12.38 -15.40 43.40
CA VAL A 131 11.03 -15.43 42.85
C VAL A 131 10.13 -16.21 43.81
N PRO A 132 9.00 -15.63 44.24
CA PRO A 132 8.12 -16.40 45.14
C PRO A 132 7.56 -17.67 44.48
N LYS A 133 7.33 -18.72 45.26
CA LYS A 133 6.79 -19.99 44.78
C LYS A 133 5.52 -19.79 43.95
N GLU A 134 4.64 -18.93 44.43
CA GLU A 134 3.39 -18.63 43.70
C GLU A 134 3.57 -17.94 42.33
N HIS A 135 4.74 -17.35 42.09
CA HIS A 135 5.08 -16.77 40.78
C HIS A 135 5.91 -17.70 39.88
N TRP A 136 6.28 -18.87 40.39
CA TRP A 136 7.16 -19.81 39.69
C TRP A 136 6.54 -21.17 39.46
N ASP A 137 5.93 -21.75 40.51
CA ASP A 137 5.27 -23.06 40.40
C ASP A 137 4.13 -22.98 39.38
N PRO A 138 3.91 -24.07 38.62
CA PRO A 138 2.76 -24.04 37.73
C PRO A 138 1.47 -23.85 38.52
N PRO A 139 0.50 -23.10 37.99
CA PRO A 139 -0.75 -22.93 38.74
C PRO A 139 -1.54 -24.23 38.92
N GLU A 140 -2.41 -24.23 39.93
CA GLU A 140 -3.16 -25.43 40.36
C GLU A 140 -3.93 -26.12 39.24
N TRP A 141 -4.44 -25.34 38.30
CA TRP A 141 -5.26 -25.88 37.21
C TRP A 141 -4.49 -26.61 36.10
N ILE A 142 -3.16 -26.56 36.12
CA ILE A 142 -2.35 -27.22 35.10
C ILE A 142 -2.19 -28.68 35.49
N ASN A 143 -2.57 -29.57 34.58
CA ASN A 143 -2.39 -31.01 34.79
C ASN A 143 -0.99 -31.40 34.33
N MET A 144 -0.18 -31.93 35.25
CA MET A 144 1.21 -32.25 34.94
C MET A 144 1.38 -33.46 34.02
N GLU A 145 0.44 -34.40 34.02
CA GLU A 145 0.47 -35.51 33.04
C GLU A 145 0.25 -35.02 31.60
N LEU A 146 -0.70 -34.10 31.43
CA LEU A 146 -0.90 -33.44 30.13
C LEU A 146 0.33 -32.64 29.71
N PHE A 147 0.93 -31.92 30.67
CA PHE A 147 2.20 -31.24 30.41
C PHE A 147 3.26 -32.21 29.86
N ARG A 148 3.46 -33.34 30.54
CA ARG A 148 4.51 -34.29 30.17
C ARG A 148 4.27 -34.91 28.80
N GLU A 149 3.01 -35.19 28.47
CA GLU A 149 2.67 -35.76 27.17
C GLU A 149 2.96 -34.79 26.01
N SER A 150 2.53 -33.54 26.14
CA SER A 150 2.80 -32.56 25.09
C SER A 150 4.32 -32.20 25.01
N ALA A 151 4.99 -32.21 26.15
CA ALA A 151 6.44 -31.96 26.20
C ALA A 151 7.22 -33.05 25.46
N ALA A 152 6.81 -34.30 25.60
CA ALA A 152 7.43 -35.41 24.86
C ALA A 152 7.26 -35.23 23.34
N ILE A 153 6.11 -34.74 22.90
CA ILE A 153 5.88 -34.51 21.47
C ILE A 153 6.76 -33.35 20.97
N LEU A 154 6.80 -32.23 21.70
CA LEU A 154 7.65 -31.10 21.29
C LEU A 154 9.13 -31.50 21.28
N THR A 155 9.56 -32.27 22.27
CA THR A 155 10.92 -32.82 22.30
C THR A 155 11.24 -33.62 21.02
N GLU A 156 10.29 -34.44 20.57
CA GLU A 156 10.49 -35.26 19.37
CA GLU A 156 10.44 -35.25 19.36
C GLU A 156 10.53 -34.38 18.11
N GLN A 157 9.70 -33.35 18.05
CA GLN A 157 9.56 -32.56 16.83
C GLN A 157 10.55 -31.41 16.67
N LYS A 158 10.89 -30.74 17.76
CA LYS A 158 11.58 -29.45 17.69
C LYS A 158 13.10 -29.60 17.58
N ILE A 159 13.66 -28.90 16.60
CA ILE A 159 15.10 -28.93 16.29
C ILE A 159 15.93 -28.46 17.49
N GLN A 160 16.93 -29.26 17.83
CA GLN A 160 17.90 -28.96 18.89
C GLN A 160 17.20 -28.51 20.16
N TYR A 161 16.25 -29.33 20.59
CA TYR A 161 15.36 -29.01 21.68
C TYR A 161 14.89 -30.28 22.40
N SER A 162 15.11 -30.26 23.72
CA SER A 162 14.61 -31.23 24.64
C SER A 162 13.91 -30.46 25.77
N ASP A 163 12.64 -30.78 26.01
CA ASP A 163 11.79 -29.96 26.85
C ASP A 163 12.24 -29.94 28.31
N LYS A 164 12.12 -28.78 28.95
CA LYS A 164 12.37 -28.63 30.39
C LYS A 164 11.23 -27.82 30.97
N LEU A 165 10.65 -28.29 32.08
CA LEU A 165 9.59 -27.55 32.76
C LEU A 165 10.04 -26.13 33.12
N SER A 166 11.29 -26.00 33.55
CA SER A 166 11.85 -24.71 33.93
C SER A 166 11.79 -23.65 32.82
N TYR A 167 11.95 -24.09 31.57
CA TYR A 167 11.84 -23.16 30.45
C TYR A 167 10.44 -22.55 30.37
N HIS A 168 9.43 -23.40 30.56
CA HIS A 168 8.03 -22.96 30.56
C HIS A 168 7.79 -22.01 31.73
N GLN A 169 8.35 -22.34 32.90
CA GLN A 169 8.19 -21.49 34.08
C GLN A 169 8.83 -20.11 33.87
N MET A 170 10.00 -20.11 33.24
CA MET A 170 10.68 -18.87 32.86
C MET A 170 9.85 -18.02 31.90
N CYS A 171 9.28 -18.64 30.87
CA CYS A 171 8.45 -17.92 29.91
C CYS A 171 7.23 -17.29 30.57
N ARG A 172 6.58 -18.06 31.43
CA ARG A 172 5.44 -17.56 32.19
C ARG A 172 5.84 -16.42 33.13
N TRP A 173 6.98 -16.57 33.78
CA TRP A 173 7.48 -15.52 34.70
C TRP A 173 7.75 -14.20 33.98
N ASN A 174 8.46 -14.27 32.85
CA ASN A 174 8.69 -13.09 32.02
C ASN A 174 7.40 -12.53 31.41
N SER A 175 6.43 -13.40 31.11
CA SER A 175 5.17 -12.96 30.51
C SER A 175 4.23 -12.21 31.46
N GLY A 176 4.14 -12.68 32.70
CA GLY A 176 3.12 -12.16 33.63
C GLY A 176 3.50 -11.89 35.07
N MET A 177 4.69 -12.30 35.50
CA MET A 177 5.04 -12.28 36.92
C MET A 177 6.13 -11.30 37.32
N PHE A 178 7.12 -11.04 36.46
CA PHE A 178 8.24 -10.17 36.85
C PHE A 178 7.78 -8.79 37.31
N TYR A 179 6.79 -8.24 36.61
CA TYR A 179 6.25 -6.92 36.94
C TYR A 179 5.35 -6.88 38.20
N LYS A 180 5.08 -8.05 38.78
CA LYS A 180 4.38 -8.19 40.06
C LYS A 180 5.32 -8.49 41.22
N HIS A 181 6.62 -8.61 40.98
CA HIS A 181 7.55 -8.91 42.06
C HIS A 181 7.67 -7.69 43.00
N PRO A 182 7.61 -7.91 44.34
CA PRO A 182 7.66 -6.78 45.29
C PRO A 182 8.87 -5.85 45.14
N ALA A 183 10.04 -6.41 44.93
CA ALA A 183 11.28 -5.66 44.59
C ALA A 183 11.15 -4.57 43.52
N LEU A 184 10.24 -4.75 42.56
CA LEU A 184 10.03 -3.77 41.50
C LEU A 184 8.86 -2.81 41.72
N LYS A 185 8.20 -2.88 42.87
CA LYS A 185 6.99 -2.09 43.11
C LYS A 185 7.18 -0.58 42.90
N ASN A 186 8.31 -0.03 43.36
CA ASN A 186 8.56 1.41 43.20
C ASN A 186 9.31 1.81 41.93
N TYR A 187 9.49 0.85 41.01
CA TYR A 187 10.16 1.09 39.73
C TYR A 187 9.13 1.20 38.62
N LYS A 188 9.41 2.04 37.63
CA LYS A 188 8.59 2.18 36.44
C LYS A 188 9.25 1.57 35.18
N TYR A 189 10.58 1.62 35.06
CA TYR A 189 11.27 1.11 33.87
C TYR A 189 12.25 0.02 34.21
N TYR A 190 12.43 -0.90 33.28
CA TYR A 190 13.40 -1.97 33.43
C TYR A 190 14.17 -2.14 32.13
N TRP A 191 15.40 -2.63 32.27
CA TRP A 191 16.22 -3.09 31.14
C TRP A 191 16.57 -4.53 31.48
N ARG A 192 15.94 -5.46 30.75
CA ARG A 192 16.17 -6.88 30.94
C ARG A 192 17.48 -7.30 30.27
N VAL A 193 18.29 -8.04 31.02
CA VAL A 193 19.58 -8.51 30.58
C VAL A 193 19.66 -10.02 30.81
N GLU A 194 20.28 -10.73 29.86
CA GLU A 194 20.56 -12.14 29.99
C GLU A 194 22.05 -12.40 30.03
N PRO A 195 22.49 -13.50 30.65
CA PRO A 195 23.89 -13.88 30.57
C PRO A 195 24.31 -14.27 29.14
N LYS A 196 25.60 -14.14 28.85
CA LYS A 196 26.21 -14.53 27.59
C LYS A 196 25.79 -13.65 26.40
N VAL A 197 25.42 -12.40 26.66
CA VAL A 197 25.13 -11.47 25.57
C VAL A 197 26.25 -10.44 25.51
N GLN A 198 26.39 -9.82 24.34
CA GLN A 198 27.39 -8.77 24.15
C GLN A 198 26.74 -7.43 23.85
N PHE A 199 27.39 -6.37 24.31
CA PHE A 199 27.08 -5.00 23.92
C PHE A 199 28.31 -4.41 23.27
N PHE A 200 28.13 -3.83 22.08
CA PHE A 200 29.24 -3.42 21.22
C PHE A 200 29.50 -1.92 21.14
N CYS A 201 28.55 -1.08 21.56
CA CYS A 201 28.59 0.36 21.29
C CYS A 201 28.45 1.19 22.54
N ASN A 202 29.29 2.21 22.67
CA ASN A 202 29.11 3.20 23.73
C ASN A 202 27.80 3.93 23.50
N VAL A 203 27.03 4.06 24.57
CA VAL A 203 25.78 4.80 24.55
C VAL A 203 25.95 5.94 25.56
N ASP A 204 25.79 7.18 25.10
CA ASP A 204 26.15 8.36 25.87
C ASP A 204 24.95 9.19 26.34
N TYR A 205 23.78 8.57 26.42
CA TYR A 205 22.61 9.19 27.01
C TYR A 205 21.89 8.19 27.91
N ASP A 206 21.09 8.73 28.83
CA ASP A 206 20.34 7.92 29.76
C ASP A 206 19.12 7.32 29.03
N VAL A 207 19.19 6.03 28.71
CA VAL A 207 18.14 5.38 27.90
C VAL A 207 16.81 5.35 28.63
N PHE A 208 16.86 5.26 29.96
CA PHE A 208 15.64 5.23 30.74
C PHE A 208 14.89 6.55 30.69
N ARG A 209 15.61 7.65 30.84
CA ARG A 209 14.98 8.97 30.75
C ARG A 209 14.66 9.36 29.31
N PHE A 210 15.40 8.81 28.35
CA PHE A 210 14.98 8.88 26.94
C PHE A 210 13.56 8.32 26.80
N MET A 211 13.32 7.13 27.36
CA MET A 211 12.00 6.49 27.35
C MET A 211 10.97 7.34 28.07
N GLU A 212 11.30 7.76 29.28
CA GLU A 212 10.38 8.51 30.12
C GLU A 212 9.95 9.85 29.53
N ASP A 213 10.90 10.61 29.02
CA ASP A 213 10.62 11.93 28.46
C ASP A 213 9.74 11.86 27.22
N ARG A 214 9.79 10.73 26.51
CA ARG A 214 8.95 10.53 25.31
C ARG A 214 7.73 9.63 25.55
N ASN A 215 7.47 9.28 26.81
CA ASN A 215 6.39 8.37 27.19
C ASN A 215 6.41 7.04 26.43
N LEU A 216 7.62 6.51 26.22
CA LEU A 216 7.77 5.28 25.48
C LEU A 216 7.43 4.07 26.34
N THR A 217 6.91 3.05 25.68
CA THR A 217 6.43 1.85 26.33
C THR A 217 7.48 0.73 26.28
N TYR A 218 8.21 0.63 25.18
CA TYR A 218 9.04 -0.55 24.96
C TYR A 218 10.11 -0.28 23.93
N GLY A 219 11.28 -0.87 24.15
CA GLY A 219 12.39 -0.78 23.23
C GLY A 219 12.97 -2.15 22.94
N PHE A 220 13.32 -2.37 21.68
CA PHE A 220 13.92 -3.64 21.22
C PHE A 220 15.13 -3.39 20.33
N THR A 221 15.92 -4.45 20.11
CA THR A 221 17.03 -4.40 19.14
C THR A 221 16.87 -5.37 17.97
N ILE A 222 16.26 -6.53 18.19
CA ILE A 222 16.18 -7.61 17.19
C ILE A 222 14.71 -8.07 17.05
N ASN A 223 14.32 -8.43 15.83
CA ASN A 223 12.93 -8.79 15.53
C ASN A 223 12.97 -10.05 14.66
N LEU A 224 12.43 -11.15 15.18
CA LEU A 224 12.61 -12.49 14.60
C LEU A 224 11.30 -13.21 14.36
N PHE A 225 11.34 -14.18 13.43
CA PHE A 225 10.34 -15.23 13.36
C PHE A 225 10.53 -16.22 14.53
N ASP A 226 9.45 -16.85 14.94
CA ASP A 226 9.49 -17.91 15.95
C ASP A 226 9.21 -19.25 15.31
N ASP A 227 9.38 -20.30 16.09
CA ASP A 227 8.96 -21.65 15.72
C ASP A 227 7.44 -21.78 15.92
N PRO A 228 6.66 -21.94 14.82
CA PRO A 228 5.20 -22.10 14.96
C PRO A 228 4.76 -23.25 15.88
N LYS A 229 5.57 -24.30 15.98
CA LYS A 229 5.24 -25.45 16.86
C LYS A 229 5.19 -25.09 18.34
N THR A 230 5.84 -24.00 18.75
CA THR A 230 5.78 -23.55 20.15
C THR A 230 4.52 -22.75 20.48
N VAL A 231 3.79 -22.28 19.47
CA VAL A 231 2.68 -21.33 19.66
C VAL A 231 1.40 -21.63 18.84
N PRO A 232 1.07 -22.91 18.56
CA PRO A 232 -0.03 -23.10 17.61
C PRO A 232 -1.41 -22.52 18.01
N THR A 233 -1.79 -22.53 19.28
CA THR A 233 -3.08 -21.94 19.70
C THR A 233 -2.96 -20.53 20.32
N LEU A 234 -1.78 -19.93 20.29
CA LEU A 234 -1.58 -18.60 20.90
C LEU A 234 -2.46 -17.56 20.22
N TRP A 235 -2.44 -17.50 18.90
CA TRP A 235 -3.26 -16.53 18.18
C TRP A 235 -4.77 -16.82 18.27
N PRO A 236 -5.17 -18.11 18.11
CA PRO A 236 -6.56 -18.43 18.39
C PRO A 236 -7.04 -17.98 19.79
N GLU A 237 -6.23 -18.22 20.81
CA GLU A 237 -6.58 -17.79 22.18
C GLU A 237 -6.60 -16.27 22.31
N THR A 238 -5.67 -15.60 21.65
CA THR A 238 -5.64 -14.14 21.59
C THR A 238 -6.94 -13.56 20.98
N LYS A 239 -7.35 -14.13 19.85
CA LYS A 239 -8.60 -13.71 19.21
C LYS A 239 -9.84 -13.91 20.10
N LYS A 240 -9.86 -14.99 20.88
CA LYS A 240 -10.91 -15.23 21.87
C LYS A 240 -10.93 -14.12 22.93
N PHE A 241 -9.75 -13.79 23.46
CA PHE A 241 -9.62 -12.71 24.41
C PHE A 241 -10.13 -11.37 23.84
N LEU A 242 -9.75 -11.06 22.60
CA LEU A 242 -10.17 -9.83 21.95
C LEU A 242 -11.69 -9.77 21.74
N ALA A 243 -12.29 -10.88 21.34
CA ALA A 243 -13.75 -10.94 21.16
C ALA A 243 -14.50 -10.69 22.47
N ALA A 244 -13.94 -11.14 23.57
CA ALA A 244 -14.49 -10.88 24.91
C ALA A 244 -14.20 -9.46 25.43
N ASN A 245 -13.20 -8.78 24.88
CA ASN A 245 -12.79 -7.44 25.33
C ASN A 245 -12.55 -6.48 24.16
N PRO A 246 -13.60 -6.14 23.40
CA PRO A 246 -13.42 -5.35 22.18
C PRO A 246 -12.93 -3.91 22.37
N SER A 247 -13.06 -3.34 23.56
CA SER A 247 -12.54 -2.00 23.82
C SER A 247 -11.03 -1.98 24.06
N TYR A 248 -10.40 -3.13 24.25
CA TYR A 248 -8.97 -3.16 24.58
C TYR A 248 -8.03 -2.86 23.41
N LEU A 249 -8.41 -3.24 22.18
CA LEU A 249 -7.54 -3.02 21.02
C LEU A 249 -7.20 -1.54 20.87
N SER A 250 -5.92 -1.20 20.77
CA SER A 250 -5.51 0.20 20.57
C SER A 250 -5.77 0.64 19.12
N SER A 251 -5.84 1.95 18.92
CA SER A 251 -6.03 2.49 17.57
C SER A 251 -4.72 2.39 16.76
N ASN A 252 -3.59 2.73 17.37
CA ASN A 252 -2.31 2.62 16.70
C ASN A 252 -1.69 1.24 17.02
N ASN A 253 -2.27 0.22 16.39
CA ASN A 253 -1.96 -1.17 16.66
C ASN A 253 -1.09 -1.76 15.55
N MET A 254 -0.53 -2.93 15.83
CA MET A 254 0.37 -3.61 14.90
C MET A 254 -0.30 -4.84 14.25
N MET A 255 -1.60 -4.77 13.98
CA MET A 255 -2.32 -5.93 13.42
C MET A 255 -1.69 -6.42 12.11
N GLY A 256 -1.27 -5.49 11.24
CA GLY A 256 -0.61 -5.82 9.98
C GLY A 256 0.65 -6.65 10.15
N TRP A 257 1.48 -6.28 11.12
CA TRP A 257 2.68 -7.05 11.43
C TRP A 257 2.34 -8.39 12.08
N LEU A 258 1.44 -8.36 13.06
CA LEU A 258 1.06 -9.58 13.78
C LEU A 258 0.43 -10.65 12.86
N THR A 259 -0.28 -10.23 11.81
CA THR A 259 -0.98 -11.16 10.93
C THR A 259 -0.34 -11.28 9.56
N ASP A 260 0.87 -10.74 9.38
CA ASP A 260 1.51 -10.75 8.07
C ASP A 260 1.75 -12.18 7.61
N ASP A 261 1.52 -12.43 6.32
CA ASP A 261 1.88 -13.70 5.69
C ASP A 261 2.67 -13.52 4.37
N SER A 262 3.21 -12.32 4.13
CA SER A 262 3.83 -11.99 2.85
C SER A 262 5.30 -12.46 2.74
N LEU A 263 5.97 -12.71 3.86
CA LEU A 263 7.37 -13.16 3.85
C LEU A 263 7.52 -14.67 3.96
N ARG A 264 6.85 -15.25 4.96
CA ARG A 264 6.94 -16.68 5.24
C ARG A 264 5.54 -17.19 5.51
N PRO A 265 4.71 -17.30 4.44
CA PRO A 265 3.32 -17.70 4.63
C PRO A 265 3.09 -19.03 5.35
N ASP A 266 4.03 -19.96 5.26
CA ASP A 266 3.88 -21.24 5.97
C ASP A 266 4.02 -21.10 7.49
N HIS A 267 4.78 -20.12 7.96
CA HIS A 267 4.79 -19.82 9.40
C HIS A 267 3.44 -19.32 9.85
N THR A 268 2.85 -18.40 9.10
CA THR A 268 1.58 -17.80 9.50
C THR A 268 0.46 -18.84 9.52
N GLU A 269 0.47 -19.73 8.51
CA GLU A 269 -0.48 -20.83 8.49
C GLU A 269 -0.25 -21.78 9.64
N ALA A 270 1.00 -22.15 9.91
CA ALA A 270 1.31 -23.12 10.97
C ALA A 270 0.97 -22.57 12.38
N ALA A 271 1.04 -21.25 12.54
CA ALA A 271 0.70 -20.59 13.80
C ALA A 271 -0.73 -20.03 13.79
N ASN A 272 -1.53 -20.46 12.80
CA ASN A 272 -2.97 -20.20 12.74
C ASN A 272 -3.34 -18.72 12.76
N GLY A 273 -2.67 -17.95 11.91
CA GLY A 273 -2.97 -16.54 11.71
C GLY A 273 -1.95 -15.54 12.25
N TYR A 274 -1.05 -15.98 13.13
CA TYR A 274 0.02 -15.14 13.68
C TYR A 274 1.31 -15.36 12.87
N SER A 275 1.96 -14.26 12.48
CA SER A 275 3.21 -14.31 11.69
C SER A 275 4.34 -15.03 12.41
N THR A 276 4.24 -15.07 13.75
CA THR A 276 5.25 -15.58 14.69
C THR A 276 6.34 -14.55 14.98
N CYS A 277 6.28 -13.39 14.35
CA CYS A 277 7.30 -12.37 14.53
C CYS A 277 7.18 -11.75 15.93
N HIS A 278 8.34 -11.46 16.51
CA HIS A 278 8.39 -11.00 17.86
C HIS A 278 9.64 -10.19 18.08
N PHE A 279 9.54 -9.28 19.03
CA PHE A 279 10.70 -8.56 19.54
C PHE A 279 11.48 -9.58 20.35
N TRP A 280 12.79 -9.62 20.17
CA TRP A 280 13.56 -10.70 20.75
C TRP A 280 13.88 -10.36 22.21
N SER A 281 13.05 -10.90 23.09
CA SER A 281 12.90 -10.41 24.47
C SER A 281 14.08 -10.62 25.42
N ASN A 282 15.09 -11.39 25.03
CA ASN A 282 16.32 -11.44 25.84
C ASN A 282 16.89 -10.03 26.11
N PHE A 283 16.68 -9.11 25.17
CA PHE A 283 16.87 -7.68 25.36
C PHE A 283 15.50 -7.02 25.42
N GLU A 284 15.27 -6.20 26.45
CA GLU A 284 14.07 -5.36 26.55
C GLU A 284 14.39 -4.14 27.39
N ILE A 285 13.92 -2.98 26.95
CA ILE A 285 13.81 -1.81 27.81
C ILE A 285 12.33 -1.44 27.81
N GLY A 286 11.68 -1.50 28.97
CA GLY A 286 10.24 -1.39 28.99
C GLY A 286 9.64 -0.62 30.15
N ASP A 287 8.40 -0.22 29.96
CA ASP A 287 7.57 0.45 30.97
C ASP A 287 6.77 -0.62 31.71
N LEU A 288 7.18 -0.91 32.94
CA LEU A 288 6.49 -1.86 33.80
C LEU A 288 5.00 -1.57 33.95
N ASP A 289 4.62 -0.29 33.95
CA ASP A 289 3.21 0.07 34.10
C ASP A 289 2.35 -0.28 32.88
N PHE A 290 2.94 -0.49 31.71
CA PHE A 290 2.19 -1.07 30.59
C PHE A 290 1.73 -2.47 30.92
N PHE A 291 2.67 -3.31 31.35
CA PHE A 291 2.41 -4.71 31.63
C PHE A 291 1.51 -4.89 32.86
N ARG A 292 1.65 -3.98 33.83
CA ARG A 292 0.76 -3.94 35.00
C ARG A 292 -0.64 -3.48 34.67
N GLY A 293 -0.81 -2.83 33.52
CA GLY A 293 -2.09 -2.27 33.12
C GLY A 293 -3.19 -3.28 32.92
N GLU A 294 -4.42 -2.77 32.90
CA GLU A 294 -5.62 -3.60 32.79
C GLU A 294 -5.56 -4.52 31.58
N GLN A 295 -5.24 -3.95 30.43
CA GLN A 295 -5.34 -4.66 29.16
C GLN A 295 -4.33 -5.80 29.09
N TYR A 296 -3.04 -5.47 29.23
CA TYR A 296 -2.01 -6.48 29.13
C TYR A 296 -2.17 -7.55 30.20
N ASP A 297 -2.39 -7.14 31.45
CA ASP A 297 -2.46 -8.13 32.51
C ASP A 297 -3.67 -9.03 32.39
N ALA A 298 -4.80 -8.51 31.91
CA ALA A 298 -5.97 -9.36 31.61
C ALA A 298 -5.63 -10.38 30.50
N TYR A 299 -4.89 -9.92 29.49
CA TYR A 299 -4.40 -10.80 28.42
C TYR A 299 -3.53 -11.90 29.00
N PHE A 300 -2.57 -11.55 29.85
CA PHE A 300 -1.74 -12.57 30.47
C PHE A 300 -2.58 -13.60 31.23
N ASN A 301 -3.51 -13.13 32.06
CA ASN A 301 -4.32 -14.05 32.86
C ASN A 301 -5.18 -14.96 32.00
N HIS A 302 -5.71 -14.43 30.91
CA HIS A 302 -6.41 -15.27 29.93
C HIS A 302 -5.51 -16.40 29.39
N LEU A 303 -4.31 -16.05 28.97
CA LEU A 303 -3.34 -17.05 28.48
C LEU A 303 -2.96 -18.05 29.57
N ASP A 304 -2.83 -17.54 30.80
CA ASP A 304 -2.48 -18.38 31.95
C ASP A 304 -3.53 -19.47 32.22
N ARG A 305 -4.80 -19.07 32.15
CA ARG A 305 -5.92 -20.00 32.29
C ARG A 305 -6.09 -20.95 31.09
N ALA A 306 -5.72 -20.49 29.89
CA ALA A 306 -5.76 -21.34 28.69
C ALA A 306 -4.77 -22.50 28.73
N GLY A 307 -3.67 -22.35 29.45
CA GLY A 307 -2.72 -23.43 29.71
C GLY A 307 -1.54 -23.54 28.77
N GLY A 308 -1.51 -22.73 27.71
CA GLY A 308 -0.49 -22.81 26.69
C GLY A 308 0.94 -22.49 27.09
N PHE A 309 1.15 -21.82 28.21
CA PHE A 309 2.51 -21.73 28.77
C PHE A 309 3.11 -23.09 29.12
N PHE A 310 2.24 -24.06 29.44
CA PHE A 310 2.67 -25.41 29.80
C PHE A 310 2.34 -26.46 28.77
N TYR A 311 1.12 -26.45 28.22
CA TYR A 311 0.73 -27.45 27.21
C TYR A 311 1.32 -27.16 25.84
N GLU A 312 1.71 -25.91 25.60
CA GLU A 312 2.53 -25.54 24.46
C GLU A 312 3.78 -24.92 25.07
N ARG A 313 4.57 -24.17 24.30
CA ARG A 313 5.75 -23.52 24.88
C ARG A 313 5.73 -22.05 24.48
N TRP A 314 4.64 -21.38 24.85
CA TRP A 314 4.47 -19.97 24.51
C TRP A 314 5.60 -19.16 25.11
N GLY A 315 6.43 -18.56 24.25
CA GLY A 315 7.53 -17.71 24.70
C GLY A 315 7.00 -16.39 25.24
N ASP A 316 7.74 -15.80 26.17
CA ASP A 316 7.45 -14.42 26.59
C ASP A 316 7.66 -13.41 25.47
N ALA A 317 8.52 -13.71 24.51
CA ALA A 317 8.72 -12.78 23.40
C ALA A 317 7.45 -12.62 22.53
N PRO A 318 6.89 -13.74 21.99
CA PRO A 318 5.64 -13.58 21.24
C PRO A 318 4.49 -13.01 22.10
N VAL A 319 4.41 -13.42 23.36
CA VAL A 319 3.36 -12.91 24.26
C VAL A 319 3.49 -11.39 24.52
N HIS A 320 4.69 -10.93 24.85
CA HIS A 320 4.96 -9.48 24.91
C HIS A 320 4.66 -8.77 23.60
N SER A 321 5.11 -9.36 22.50
CA SER A 321 4.96 -8.74 21.18
C SER A 321 3.51 -8.59 20.77
N ILE A 322 2.72 -9.64 21.01
CA ILE A 322 1.29 -9.58 20.72
C ILE A 322 0.61 -8.56 21.65
N GLY A 323 0.93 -8.61 22.94
CA GLY A 323 0.37 -7.65 23.90
C GLY A 323 0.64 -6.21 23.52
N LEU A 324 1.89 -5.91 23.17
CA LEU A 324 2.27 -4.59 22.68
C LEU A 324 1.53 -4.23 21.40
N GLY A 325 1.51 -5.17 20.46
CA GLY A 325 0.88 -4.95 19.16
C GLY A 325 -0.61 -4.75 19.19
N LEU A 326 -1.29 -5.24 20.22
CA LEU A 326 -2.74 -5.07 20.36
C LEU A 326 -3.16 -3.95 21.32
N PHE A 327 -2.37 -3.73 22.39
CA PHE A 327 -2.76 -2.86 23.50
C PHE A 327 -1.92 -1.60 23.70
N ALA A 328 -0.71 -1.55 23.11
CA ALA A 328 0.11 -0.36 23.19
C ALA A 328 -0.12 0.55 21.99
N ASP A 329 0.40 1.77 22.11
CA ASP A 329 0.50 2.71 21.02
C ASP A 329 1.81 2.39 20.29
N ALA A 330 1.71 1.97 19.03
CA ALA A 330 2.90 1.58 18.24
C ALA A 330 3.93 2.70 18.12
N ALA A 331 3.48 3.96 18.19
CA ALA A 331 4.37 5.11 18.19
C ALA A 331 5.26 5.15 19.43
N LYS A 332 4.84 4.48 20.50
CA LYS A 332 5.61 4.41 21.75
C LYS A 332 6.49 3.17 21.87
N VAL A 333 6.65 2.43 20.77
CA VAL A 333 7.58 1.30 20.70
C VAL A 333 8.75 1.76 19.86
N HIS A 334 9.97 1.49 20.32
CA HIS A 334 11.17 2.08 19.73
C HIS A 334 12.21 1.02 19.38
N TRP A 335 12.76 1.11 18.18
CA TRP A 335 13.92 0.29 17.80
C TRP A 335 15.19 0.99 18.27
N PHE A 336 15.87 0.40 19.25
CA PHE A 336 17.16 0.91 19.74
C PHE A 336 18.26 0.47 18.80
N ARG A 337 18.24 1.04 17.59
CA ARG A 337 19.20 0.70 16.56
C ARG A 337 20.64 1.01 16.96
N ASP A 338 20.80 2.01 17.82
CA ASP A 338 22.12 2.44 18.30
C ASP A 338 22.73 1.61 19.43
N ILE A 339 21.98 0.65 19.98
CA ILE A 339 22.52 -0.28 20.98
C ILE A 339 22.99 -1.54 20.25
N GLY A 340 24.30 -1.63 20.06
CA GLY A 340 24.92 -2.80 19.46
C GLY A 340 24.75 -3.98 20.39
N TYR A 341 24.24 -5.09 19.85
CA TYR A 341 23.79 -6.20 20.66
C TYR A 341 23.95 -7.54 19.98
N ASN A 342 24.26 -8.57 20.78
CA ASN A 342 24.33 -9.96 20.31
C ASN A 342 23.90 -10.91 21.42
N HIS A 343 22.91 -11.74 21.13
CA HIS A 343 22.63 -13.00 21.85
C HIS A 343 22.75 -14.04 20.75
N ILE A 344 23.50 -15.10 20.99
CA ILE A 344 23.78 -16.10 19.93
C ILE A 344 22.44 -16.55 19.31
N PRO A 345 22.28 -16.62 17.99
CA PRO A 345 23.28 -16.34 16.96
C PRO A 345 23.03 -15.02 16.21
N TYR A 346 22.29 -14.08 16.80
CA TYR A 346 21.83 -12.89 16.06
C TYR A 346 22.39 -11.57 16.61
N TYR A 347 22.36 -10.56 15.74
CA TYR A 347 23.04 -9.28 15.97
C TYR A 347 22.18 -8.09 15.59
N ASN A 348 22.33 -7.01 16.35
CA ASN A 348 22.01 -5.68 15.93
C ASN A 348 23.32 -4.89 16.00
N CYS A 349 23.96 -4.69 14.85
CA CYS A 349 25.24 -3.97 14.80
C CYS A 349 25.11 -2.74 13.92
N PRO A 350 24.99 -1.55 14.54
CA PRO A 350 24.88 -0.35 13.75
C PRO A 350 26.23 0.16 13.23
N ASN A 351 26.17 0.93 12.15
CA ASN A 351 27.32 1.63 11.61
C ASN A 351 27.52 2.93 12.39
N SER A 352 28.39 2.87 13.38
CA SER A 352 28.73 4.02 14.20
C SER A 352 30.15 3.89 14.72
N PRO A 353 30.89 5.01 14.79
CA PRO A 353 32.21 4.97 15.40
C PRO A 353 32.19 4.70 16.92
N LYS A 354 31.02 4.71 17.55
CA LYS A 354 30.92 4.30 18.96
C LYS A 354 30.99 2.79 19.18
N CYS A 355 30.94 2.00 18.09
CA CYS A 355 30.89 0.55 18.17
C CYS A 355 32.24 -0.05 17.85
N SER A 356 32.49 -1.24 18.36
CA SER A 356 33.60 -2.06 17.89
C SER A 356 33.26 -3.54 18.05
N LYS A 357 34.00 -4.38 17.32
CA LYS A 357 33.92 -5.86 17.41
C LYS A 357 32.63 -6.49 16.89
N CYS A 358 31.86 -5.76 16.08
CA CYS A 358 30.74 -6.36 15.35
C CYS A 358 30.75 -5.82 13.93
N THR A 359 30.20 -6.61 13.01
CA THR A 359 30.13 -6.24 11.62
C THR A 359 28.79 -5.55 11.36
N PRO A 360 28.82 -4.26 10.94
CA PRO A 360 27.56 -3.58 10.72
C PRO A 360 26.65 -4.27 9.71
N GLY A 361 25.37 -4.40 10.08
CA GLY A 361 24.37 -4.99 9.22
C GLY A 361 24.48 -6.50 8.98
N GLN A 362 25.37 -7.20 9.69
CA GLN A 362 25.41 -8.65 9.61
C GLN A 362 24.45 -9.18 10.65
N PHE A 363 23.38 -9.80 10.18
CA PHE A 363 22.27 -10.23 11.02
C PHE A 363 22.59 -11.47 11.88
N TYR A 364 23.37 -12.41 11.31
CA TYR A 364 23.56 -13.72 11.92
C TYR A 364 25.02 -14.18 11.82
N ALA A 365 25.39 -15.07 12.73
CA ALA A 365 26.62 -15.84 12.64
C ALA A 365 26.23 -17.31 12.66
N GLY A 366 26.63 -18.06 11.62
CA GLY A 366 26.30 -19.48 11.50
C GLY A 366 25.93 -19.83 10.07
N ALA A 367 25.11 -20.85 9.91
CA ALA A 367 24.72 -21.33 8.58
C ALA A 367 23.82 -20.30 7.87
N PRO A 368 23.93 -20.23 6.52
CA PRO A 368 23.16 -19.23 5.79
C PRO A 368 21.64 -19.36 5.89
N PHE A 369 21.12 -20.53 6.26
CA PHE A 369 19.67 -20.67 6.45
C PHE A 369 19.14 -19.81 7.62
N LEU A 370 20.03 -19.32 8.48
CA LEU A 370 19.63 -18.38 9.53
C LEU A 370 19.14 -17.02 9.04
N ALA A 371 19.54 -16.61 7.81
CA ALA A 371 19.18 -15.29 7.28
C ALA A 371 17.67 -15.02 7.25
N LYS A 372 16.89 -16.06 6.98
CA LYS A 372 15.42 -15.91 6.87
C LYS A 372 14.69 -15.69 8.21
N GLU A 373 15.40 -15.75 9.32
CA GLU A 373 14.80 -15.55 10.63
C GLU A 373 14.59 -14.07 11.00
N ASP A 374 15.13 -13.15 10.19
CA ASP A 374 14.97 -11.72 10.43
C ASP A 374 13.57 -11.30 9.99
N CYS A 375 12.78 -10.75 10.91
CA CYS A 375 11.44 -10.27 10.55
C CYS A 375 11.33 -8.75 10.43
N ARG A 376 12.44 -8.03 10.58
CA ARG A 376 12.40 -6.57 10.45
C ARG A 376 11.80 -6.04 9.13
N PRO A 377 12.03 -6.71 7.98
CA PRO A 377 11.41 -6.16 6.77
C PRO A 377 9.88 -6.05 6.86
N SER A 378 9.25 -7.00 7.54
CA SER A 378 7.83 -6.91 7.82
C SER A 378 7.51 -5.84 8.87
N TYR A 379 8.27 -5.82 9.96
CA TYR A 379 8.02 -4.84 11.02
C TYR A 379 8.20 -3.39 10.53
N PHE A 380 9.25 -3.17 9.75
CA PHE A 380 9.54 -1.84 9.21
C PHE A 380 8.50 -1.39 8.17
N LYS A 381 7.96 -2.33 7.40
CA LYS A 381 6.88 -2.01 6.46
C LYS A 381 5.57 -1.69 7.20
N HIS A 382 5.18 -2.55 8.13
CA HIS A 382 3.86 -2.46 8.76
C HIS A 382 3.78 -1.51 9.95
N VAL A 383 4.91 -1.24 10.59
CA VAL A 383 4.94 -0.43 11.81
C VAL A 383 5.93 0.72 11.63
N GLY A 384 7.19 0.44 11.30
CA GLY A 384 8.17 1.49 11.00
C GLY A 384 9.48 1.31 11.72
N MET A 385 10.38 2.26 11.50
CA MET A 385 11.78 2.20 11.97
C MET A 385 12.07 3.17 13.09
N HIS A 386 11.02 3.80 13.62
CA HIS A 386 11.13 4.79 14.70
C HIS A 386 11.52 4.12 16.03
N HIS B 18 34.54 -11.40 -17.25
CA HIS B 18 33.43 -12.28 -17.68
C HIS B 18 32.80 -13.02 -16.49
N GLY B 19 31.52 -13.35 -16.64
CA GLY B 19 30.77 -14.11 -15.65
C GLY B 19 30.44 -13.36 -14.38
N PRO B 20 29.66 -12.25 -14.48
CA PRO B 20 29.09 -11.65 -13.28
C PRO B 20 27.87 -12.45 -12.78
N SER B 21 27.93 -12.94 -11.54
CA SER B 21 26.81 -13.65 -10.91
C SER B 21 25.80 -12.65 -10.34
N PHE B 22 24.51 -12.88 -10.61
CA PHE B 22 23.42 -12.01 -10.15
C PHE B 22 22.36 -12.83 -9.37
N ILE B 23 21.69 -12.17 -8.43
CA ILE B 23 20.57 -12.75 -7.65
C ILE B 23 19.28 -12.02 -8.02
N LYS B 28 19.22 -9.88 -10.51
CA LYS B 28 18.99 -8.50 -10.08
C LYS B 28 20.24 -7.87 -9.44
N GLU B 29 20.65 -8.37 -8.28
CA GLU B 29 21.77 -7.79 -7.52
C GLU B 29 23.06 -8.60 -7.69
N TYR B 30 24.16 -7.91 -8.04
CA TYR B 30 25.47 -8.53 -8.28
C TYR B 30 25.97 -9.29 -7.04
N ASN B 31 26.49 -10.50 -7.25
CA ASN B 31 26.93 -11.36 -6.15
C ASN B 31 28.26 -12.06 -6.44
N GLY B 32 29.16 -11.37 -7.14
CA GLY B 32 30.49 -11.92 -7.40
C GLY B 32 30.59 -12.65 -8.71
N MET B 33 31.67 -13.42 -8.88
CA MET B 33 31.92 -14.09 -10.13
C MET B 33 31.16 -15.40 -10.24
N LYS B 34 30.75 -15.75 -11.46
CA LYS B 34 29.98 -16.95 -11.72
C LYS B 34 30.92 -18.15 -11.70
N ARG B 35 31.94 -18.13 -12.58
CA ARG B 35 32.95 -19.18 -12.59
C ARG B 35 34.33 -18.52 -12.54
N ASP B 36 35.01 -18.73 -11.44
CA ASP B 36 36.31 -18.12 -11.22
C ASP B 36 37.36 -18.82 -12.09
N PRO B 37 38.07 -18.07 -12.96
CA PRO B 37 39.16 -18.68 -13.75
C PRO B 37 40.27 -19.31 -12.90
N LEU B 38 40.37 -18.90 -11.64
CA LEU B 38 41.30 -19.54 -10.70
C LEU B 38 41.06 -21.03 -10.50
N LEU B 39 39.85 -21.50 -10.79
CA LEU B 39 39.53 -22.92 -10.73
C LEU B 39 40.19 -23.72 -11.84
N ASP B 40 40.51 -23.07 -12.95
CA ASP B 40 41.19 -23.75 -14.06
C ASP B 40 42.62 -24.10 -13.66
N PRO B 41 43.20 -25.15 -14.26
CA PRO B 41 44.59 -25.48 -13.98
C PRO B 41 45.47 -24.26 -14.25
N THR B 42 46.18 -23.79 -13.22
CA THR B 42 46.89 -22.53 -13.27
C THR B 42 48.38 -22.82 -13.24
N GLY B 43 49.08 -22.36 -14.27
CA GLY B 43 50.51 -22.61 -14.41
C GLY B 43 51.28 -21.32 -14.55
N GLU B 44 52.46 -21.44 -15.12
CA GLU B 44 53.36 -20.31 -15.27
C GLU B 44 53.04 -19.53 -16.53
N PRO B 45 53.44 -18.26 -16.59
CA PRO B 45 53.28 -17.55 -17.86
C PRO B 45 54.13 -18.15 -18.99
N GLU B 46 53.78 -17.82 -20.22
CA GLU B 46 54.52 -18.33 -21.38
C GLU B 46 55.80 -17.54 -21.61
N GLY B 47 56.68 -18.10 -22.43
CA GLY B 47 57.95 -17.49 -22.79
C GLY B 47 59.09 -17.90 -21.86
N HIS B 48 60.25 -17.28 -22.06
CA HIS B 48 61.42 -17.61 -21.27
C HIS B 48 61.25 -17.10 -19.84
N LEU B 49 61.61 -17.94 -18.88
CA LEU B 49 61.53 -17.63 -17.46
C LEU B 49 62.90 -17.87 -16.82
N TRP B 50 63.32 -16.98 -15.93
CA TRP B 50 64.62 -17.13 -15.24
C TRP B 50 64.45 -17.94 -13.94
N ARG B 51 65.13 -19.09 -13.89
CA ARG B 51 65.05 -20.03 -12.77
C ARG B 51 66.21 -19.88 -11.80
N ALA B 52 65.98 -20.16 -10.52
CA ALA B 52 67.02 -20.08 -9.49
C ALA B 52 68.09 -21.18 -9.63
N ASP B 53 67.71 -22.35 -10.13
CA ASP B 53 68.65 -23.48 -10.34
C ASP B 53 69.63 -23.30 -11.48
N ASP B 54 69.29 -22.43 -12.43
CA ASP B 54 70.02 -22.26 -13.69
C ASP B 54 70.80 -20.95 -13.76
N ASN B 55 70.72 -20.13 -12.70
CA ASN B 55 71.32 -18.81 -12.70
C ASN B 55 71.86 -18.51 -11.31
N ASP B 56 72.79 -17.57 -11.22
CA ASP B 56 73.36 -17.20 -9.94
C ASP B 56 72.47 -16.18 -9.21
N TYR B 57 71.64 -16.67 -8.30
CA TYR B 57 70.83 -15.83 -7.44
C TYR B 57 71.32 -15.87 -5.99
N ALA B 58 72.60 -16.21 -5.79
CA ALA B 58 73.17 -16.23 -4.45
C ALA B 58 73.08 -14.83 -3.83
N PRO B 59 72.87 -14.74 -2.49
CA PRO B 59 72.70 -13.44 -1.83
C PRO B 59 73.80 -12.40 -2.09
N ASN B 60 75.07 -12.82 -2.07
CA ASN B 60 76.19 -11.87 -2.15
C ASN B 60 77.03 -12.01 -3.42
N SER B 61 76.40 -12.41 -4.52
CA SER B 61 77.11 -12.61 -5.80
C SER B 61 77.72 -11.32 -6.34
N ALA B 62 78.91 -11.44 -6.93
CA ALA B 62 79.57 -10.34 -7.62
C ALA B 62 78.91 -9.99 -8.96
N HIS B 63 78.26 -10.97 -9.58
CA HIS B 63 77.67 -10.79 -10.92
C HIS B 63 76.33 -11.51 -10.93
N SER B 64 75.44 -10.95 -10.12
CA SER B 64 74.13 -11.50 -9.82
C SER B 64 73.24 -11.55 -11.07
N ALA B 65 72.43 -12.59 -11.18
CA ALA B 65 71.39 -12.63 -12.21
C ALA B 65 70.17 -11.74 -11.88
N ARG B 66 70.15 -11.08 -10.71
CA ARG B 66 69.08 -10.15 -10.37
C ARG B 66 69.11 -8.88 -11.20
N THR B 67 67.92 -8.37 -11.54
CA THR B 67 67.81 -7.03 -12.06
C THR B 67 67.71 -6.01 -10.91
N ASN B 68 67.56 -4.73 -11.27
CA ASN B 68 67.54 -3.66 -10.26
C ASN B 68 66.12 -3.48 -9.73
N ALA B 69 65.76 -4.39 -8.84
CA ALA B 69 64.44 -4.45 -8.23
C ALA B 69 64.56 -4.72 -6.74
N ALA B 70 63.51 -4.35 -6.00
CA ALA B 70 63.47 -4.58 -4.57
C ALA B 70 62.07 -4.90 -4.08
N LEU B 71 62.03 -5.66 -2.99
CA LEU B 71 60.83 -5.85 -2.17
C LEU B 71 60.76 -4.64 -1.25
N ILE B 72 59.62 -3.96 -1.21
CA ILE B 72 59.49 -2.74 -0.42
C ILE B 72 58.27 -2.81 0.47
N SER B 73 58.35 -2.14 1.61
CA SER B 73 57.24 -2.09 2.55
C SER B 73 57.28 -0.79 3.35
N LEU B 74 56.20 -0.01 3.27
CA LEU B 74 55.97 1.06 4.25
C LEU B 74 55.36 0.37 5.46
N VAL B 75 56.00 0.50 6.62
CA VAL B 75 55.63 -0.30 7.78
C VAL B 75 56.06 0.37 9.09
N ARG B 76 55.29 0.14 10.16
CA ARG B 76 55.55 0.70 11.49
C ARG B 76 56.29 -0.30 12.36
N ASN B 77 57.05 0.20 13.34
CA ASN B 77 57.74 -0.66 14.33
C ASN B 77 56.76 -1.59 15.04
N GLU B 78 55.58 -1.05 15.30
CA GLU B 78 54.54 -1.76 16.03
CA GLU B 78 54.49 -1.73 16.01
C GLU B 78 53.96 -2.95 15.26
N GLU B 79 54.18 -3.00 13.94
CA GLU B 79 53.71 -4.10 13.08
C GLU B 79 54.76 -5.18 12.82
N LEU B 80 55.82 -5.20 13.62
CA LEU B 80 56.95 -6.11 13.38
C LEU B 80 56.54 -7.57 13.28
N GLU B 81 55.77 -8.06 14.25
CA GLU B 81 55.39 -9.47 14.28
C GLU B 81 54.56 -9.87 13.04
N ASP B 82 53.60 -9.03 12.66
CA ASP B 82 52.82 -9.30 11.44
C ASP B 82 53.69 -9.22 10.18
N LEU B 83 54.68 -8.32 10.18
CA LEU B 83 55.63 -8.23 9.07
C LEU B 83 56.46 -9.51 8.96
N ILE B 84 56.91 -10.03 10.10
CA ILE B 84 57.71 -11.25 10.13
C ILE B 84 56.93 -12.41 9.50
N SER B 85 55.64 -12.55 9.86
CA SER B 85 54.78 -13.57 9.26
C SER B 85 54.76 -13.49 7.75
N THR B 86 54.56 -12.28 7.23
CA THR B 86 54.56 -12.02 5.79
C THR B 86 55.91 -12.38 5.15
N MET B 87 57.00 -11.88 5.75
CA MET B 87 58.34 -12.20 5.28
C MET B 87 58.56 -13.71 5.16
N LYS B 88 58.16 -14.47 6.18
CA LYS B 88 58.35 -15.93 6.16
C LYS B 88 57.66 -16.58 4.96
N ASP B 89 56.43 -16.13 4.68
CA ASP B 89 55.70 -16.63 3.51
C ASP B 89 56.37 -16.27 2.20
N LEU B 90 56.73 -14.99 2.04
CA LEU B 90 57.30 -14.56 0.77
C LEU B 90 58.70 -15.17 0.55
N GLU B 91 59.45 -15.29 1.63
CA GLU B 91 60.75 -15.99 1.56
C GLU B 91 60.59 -17.45 1.17
N ARG B 92 59.73 -18.18 1.87
CA ARG B 92 59.53 -19.60 1.62
C ARG B 92 59.06 -19.88 0.19
N THR B 93 58.09 -19.08 -0.29
CA THR B 93 57.52 -19.31 -1.61
C THR B 93 58.35 -18.80 -2.77
N TRP B 94 59.19 -17.80 -2.52
CA TRP B 94 59.87 -17.12 -3.63
C TRP B 94 61.27 -16.60 -3.29
N ASN B 95 61.40 -15.67 -2.34
CA ASN B 95 62.65 -14.93 -2.20
C ASN B 95 63.83 -15.73 -1.62
N SER B 96 63.60 -16.87 -0.99
CA SER B 96 64.73 -17.71 -0.54
C SER B 96 65.52 -18.27 -1.74
N LYS B 97 64.86 -18.34 -2.89
CA LYS B 97 65.50 -18.76 -4.14
C LYS B 97 66.14 -17.61 -4.92
N PHE B 98 65.54 -16.42 -4.90
CA PHE B 98 65.99 -15.30 -5.75
C PHE B 98 66.77 -14.22 -5.02
N ASN B 99 66.53 -14.08 -3.71
CA ASN B 99 67.28 -13.19 -2.82
C ASN B 99 67.36 -11.75 -3.25
N TYR B 100 66.21 -11.21 -3.65
CA TYR B 100 66.11 -9.79 -3.89
C TYR B 100 66.10 -9.07 -2.54
N PRO B 101 66.64 -7.84 -2.49
CA PRO B 101 66.71 -7.12 -1.22
C PRO B 101 65.35 -6.61 -0.73
N TRP B 102 65.26 -6.44 0.58
CA TRP B 102 64.12 -5.79 1.24
C TRP B 102 64.47 -4.35 1.58
N ILE B 103 63.62 -3.41 1.20
CA ILE B 103 63.77 -2.02 1.62
C ILE B 103 62.53 -1.60 2.40
N PHE B 104 62.74 -1.32 3.68
CA PHE B 104 61.65 -0.93 4.58
C PHE B 104 61.63 0.58 4.75
N PHE B 105 60.43 1.15 4.76
CA PHE B 105 60.22 2.59 4.85
C PHE B 105 59.32 2.90 6.03
N ASN B 106 59.58 4.01 6.69
CA ASN B 106 58.80 4.42 7.85
C ASN B 106 58.98 5.92 8.00
N ASP B 107 57.92 6.62 8.36
CA ASP B 107 58.02 8.04 8.68
C ASP B 107 58.88 8.31 9.93
N LYS B 108 58.92 7.35 10.84
CA LYS B 108 59.77 7.40 12.04
C LYS B 108 60.95 6.44 11.91
N PRO B 109 61.99 6.60 12.73
CA PRO B 109 63.13 5.67 12.65
C PRO B 109 62.74 4.24 13.05
N PHE B 110 63.38 3.24 12.43
CA PHE B 110 63.18 1.85 12.84
C PHE B 110 64.02 1.54 14.08
N THR B 111 63.46 0.73 14.98
CA THR B 111 64.18 0.32 16.19
C THR B 111 65.20 -0.74 15.83
N GLU B 112 66.17 -0.95 16.73
CA GLU B 112 67.18 -1.98 16.51
C GLU B 112 66.58 -3.38 16.51
N GLU B 113 65.54 -3.60 17.31
CA GLU B 113 64.83 -4.88 17.32
C GLU B 113 64.17 -5.16 15.95
N PHE B 114 63.57 -4.14 15.34
CA PHE B 114 62.98 -4.28 13.99
C PHE B 114 64.04 -4.75 12.98
N LYS B 115 65.20 -4.11 13.03
CA LYS B 115 66.28 -4.42 12.09
C LYS B 115 66.82 -5.83 12.26
N LYS B 116 67.07 -6.18 13.52
CA LYS B 116 67.55 -7.51 13.90
C LYS B 116 66.57 -8.62 13.46
N ARG B 117 65.30 -8.48 13.84
CA ARG B 117 64.30 -9.51 13.55
C ARG B 117 64.02 -9.68 12.05
N THR B 118 63.92 -8.57 11.32
CA THR B 118 63.67 -8.62 9.88
C THR B 118 64.85 -9.24 9.12
N GLN B 119 66.07 -8.81 9.43
CA GLN B 119 67.25 -9.37 8.77
C GLN B 119 67.44 -10.87 9.05
N ALA B 120 67.00 -11.33 10.22
CA ALA B 120 67.02 -12.76 10.57
C ALA B 120 66.08 -13.63 9.71
N GLU B 121 65.10 -13.04 9.03
CA GLU B 121 64.16 -13.79 8.19
C GLU B 121 64.58 -13.91 6.73
N THR B 122 65.72 -13.35 6.34
CA THR B 122 66.16 -13.38 4.95
C THR B 122 67.69 -13.47 4.81
N LYS B 123 68.15 -14.12 3.75
CA LYS B 123 69.57 -14.14 3.38
C LYS B 123 69.90 -12.92 2.52
N ALA B 124 68.89 -12.26 1.96
CA ALA B 124 69.11 -11.05 1.15
C ALA B 124 69.45 -9.87 2.04
N LYS B 125 69.95 -8.80 1.43
CA LYS B 125 70.25 -7.56 2.14
C LYS B 125 68.96 -6.81 2.51
N CYS B 126 68.92 -6.27 3.73
CA CYS B 126 67.83 -5.42 4.20
C CYS B 126 68.31 -3.99 4.35
N TYR B 127 67.46 -3.04 3.97
CA TYR B 127 67.73 -1.61 4.11
C TYR B 127 66.57 -0.97 4.85
N TYR B 128 66.90 0.06 5.63
CA TYR B 128 65.98 0.67 6.57
C TYR B 128 65.99 2.16 6.32
N GLU B 129 64.87 2.68 5.79
CA GLU B 129 64.83 4.03 5.27
C GLU B 129 63.76 4.85 5.98
N GLN B 130 64.03 6.14 6.12
CA GLN B 130 63.07 7.06 6.68
C GLN B 130 62.48 7.89 5.56
N VAL B 131 61.17 8.12 5.63
CA VAL B 131 60.49 8.97 4.66
C VAL B 131 60.82 10.43 5.03
N PRO B 132 61.37 11.22 4.09
CA PRO B 132 61.63 12.63 4.41
C PRO B 132 60.36 13.40 4.75
N LYS B 133 60.50 14.41 5.62
CA LYS B 133 59.37 15.24 6.05
C LYS B 133 58.60 15.80 4.86
N GLU B 134 59.31 16.24 3.83
CA GLU B 134 58.65 16.81 2.64
C GLU B 134 57.84 15.79 1.81
N HIS B 135 58.08 14.51 2.04
CA HIS B 135 57.28 13.43 1.44
C HIS B 135 56.17 12.90 2.36
N TRP B 136 56.05 13.45 3.57
CA TRP B 136 55.13 12.93 4.58
C TRP B 136 54.19 13.98 5.16
N ASP B 137 54.72 15.16 5.48
CA ASP B 137 53.89 16.24 6.03
C ASP B 137 52.88 16.67 4.97
N PRO B 138 51.67 17.06 5.38
CA PRO B 138 50.75 17.60 4.38
C PRO B 138 51.34 18.84 3.72
N PRO B 139 51.11 19.03 2.42
CA PRO B 139 51.63 20.25 1.79
C PRO B 139 51.05 21.54 2.37
N GLU B 140 51.76 22.65 2.15
CA GLU B 140 51.41 23.95 2.75
C GLU B 140 50.04 24.49 2.35
N TRP B 141 49.55 24.11 1.17
CA TRP B 141 48.24 24.57 0.71
C TRP B 141 47.07 23.85 1.37
N ILE B 142 47.31 22.80 2.15
CA ILE B 142 46.23 22.05 2.81
C ILE B 142 45.93 22.73 4.13
N ASN B 143 44.66 23.09 4.31
CA ASN B 143 44.21 23.70 5.55
C ASN B 143 43.79 22.61 6.51
N MET B 144 44.39 22.58 7.70
CA MET B 144 44.19 21.47 8.62
C MET B 144 42.82 21.51 9.33
N GLU B 145 42.24 22.69 9.50
CA GLU B 145 40.87 22.77 10.03
C GLU B 145 39.86 22.15 9.04
N LEU B 146 40.01 22.43 7.75
CA LEU B 146 39.19 21.79 6.70
C LEU B 146 39.36 20.29 6.71
N PHE B 147 40.61 19.82 6.85
CA PHE B 147 40.89 18.39 6.99
C PHE B 147 40.13 17.75 8.15
N ARG B 148 40.19 18.37 9.32
CA ARG B 148 39.54 17.82 10.51
C ARG B 148 38.01 17.80 10.37
N GLU B 149 37.43 18.81 9.74
CA GLU B 149 35.97 18.84 9.52
C GLU B 149 35.53 17.72 8.59
N SER B 150 36.24 17.56 7.47
CA SER B 150 36.00 16.44 6.55
C SER B 150 36.16 15.09 7.21
N ALA B 151 37.23 14.93 7.97
CA ALA B 151 37.53 13.67 8.68
C ALA B 151 36.44 13.28 9.67
N ALA B 152 35.89 14.27 10.38
CA ALA B 152 34.80 14.01 11.33
C ALA B 152 33.57 13.44 10.62
N ILE B 153 33.24 13.97 9.46
CA ILE B 153 32.12 13.47 8.67
C ILE B 153 32.41 12.04 8.16
N LEU B 154 33.60 11.79 7.63
CA LEU B 154 33.91 10.45 7.14
C LEU B 154 33.92 9.42 8.28
N THR B 155 34.48 9.80 9.43
CA THR B 155 34.41 8.97 10.64
C THR B 155 32.96 8.57 11.02
N GLU B 156 32.06 9.53 10.94
CA GLU B 156 30.64 9.30 11.23
C GLU B 156 30.00 8.36 10.19
N GLN B 157 30.35 8.54 8.93
CA GLN B 157 29.69 7.84 7.83
C GLN B 157 30.24 6.47 7.50
N LYS B 158 31.56 6.31 7.55
CA LYS B 158 32.22 5.13 6.98
C LYS B 158 32.25 3.94 7.94
N ILE B 159 31.85 2.77 7.42
CA ILE B 159 31.78 1.52 8.17
C ILE B 159 33.14 1.12 8.72
N GLN B 160 33.18 0.82 10.02
CA GLN B 160 34.39 0.30 10.67
C GLN B 160 35.61 1.15 10.33
N TYR B 161 35.43 2.45 10.51
CA TYR B 161 36.41 3.45 10.10
C TYR B 161 36.33 4.67 11.02
N SER B 162 37.49 4.99 11.58
CA SER B 162 37.72 6.20 12.36
C SER B 162 38.94 6.87 11.76
N ASP B 163 38.80 8.14 11.35
CA ASP B 163 39.80 8.79 10.53
C ASP B 163 41.09 9.07 11.28
N LYS B 164 42.21 8.87 10.60
CA LYS B 164 43.55 9.23 11.09
C LYS B 164 44.29 9.96 10.00
N LEU B 165 44.93 11.08 10.34
CA LEU B 165 45.76 11.84 9.39
C LEU B 165 46.81 10.94 8.73
N SER B 166 47.40 10.05 9.52
CA SER B 166 48.44 9.14 9.03
C SER B 166 48.00 8.26 7.86
N TYR B 167 46.73 7.85 7.85
CA TYR B 167 46.18 7.08 6.73
C TYR B 167 46.19 7.88 5.43
N HIS B 168 45.83 9.16 5.50
CA HIS B 168 45.88 10.06 4.35
C HIS B 168 47.33 10.27 3.88
N GLN B 169 48.25 10.41 4.84
CA GLN B 169 49.67 10.60 4.52
C GLN B 169 50.23 9.36 3.84
N MET B 170 49.81 8.19 4.32
CA MET B 170 50.19 6.92 3.71
C MET B 170 49.67 6.82 2.28
N CYS B 171 48.39 7.15 2.08
CA CYS B 171 47.80 7.11 0.73
C CYS B 171 48.54 8.05 -0.23
N ARG B 172 48.83 9.26 0.24
CA ARG B 172 49.58 10.22 -0.55
C ARG B 172 51.00 9.72 -0.87
N TRP B 173 51.66 9.11 0.11
CA TRP B 173 53.02 8.59 -0.08
C TRP B 173 53.07 7.48 -1.15
N ASN B 174 52.14 6.54 -1.05
CA ASN B 174 52.03 5.48 -2.07
C ASN B 174 51.61 6.04 -3.42
N SER B 175 50.81 7.10 -3.42
CA SER B 175 50.32 7.68 -4.68
C SER B 175 51.39 8.45 -5.46
N GLY B 176 52.22 9.23 -4.75
CA GLY B 176 53.16 10.14 -5.41
C GLY B 176 54.60 10.27 -4.93
N MET B 177 54.94 9.66 -3.80
CA MET B 177 56.22 9.91 -3.13
C MET B 177 57.19 8.75 -3.08
N PHE B 178 56.69 7.51 -2.99
CA PHE B 178 57.59 6.35 -2.81
C PHE B 178 58.61 6.24 -3.96
N TYR B 179 58.17 6.57 -5.16
CA TYR B 179 59.02 6.51 -6.35
C TYR B 179 59.99 7.69 -6.49
N LYS B 180 59.88 8.67 -5.60
CA LYS B 180 60.81 9.77 -5.50
C LYS B 180 61.77 9.62 -4.31
N HIS B 181 61.68 8.53 -3.55
CA HIS B 181 62.59 8.34 -2.43
C HIS B 181 64.02 8.09 -2.96
N PRO B 182 65.03 8.80 -2.43
CA PRO B 182 66.43 8.58 -2.90
C PRO B 182 66.91 7.12 -2.90
N ALA B 183 66.58 6.37 -1.85
CA ALA B 183 66.84 4.93 -1.75
C ALA B 183 66.41 4.08 -2.95
N LEU B 184 65.36 4.49 -3.66
CA LEU B 184 64.91 3.76 -4.87
C LEU B 184 65.42 4.35 -6.18
N LYS B 185 66.30 5.34 -6.12
CA LYS B 185 66.75 6.06 -7.32
C LYS B 185 67.32 5.15 -8.41
N ASN B 186 68.13 4.17 -8.03
CA ASN B 186 68.76 3.26 -9.00
C ASN B 186 67.98 1.97 -9.24
N TYR B 187 66.74 1.89 -8.76
CA TYR B 187 65.88 0.74 -8.97
C TYR B 187 64.84 1.07 -10.03
N LYS B 188 64.47 0.06 -10.81
CA LYS B 188 63.41 0.17 -11.80
C LYS B 188 62.11 -0.52 -11.36
N TYR B 189 62.21 -1.68 -10.71
CA TYR B 189 61.01 -2.45 -10.31
C TYR B 189 60.90 -2.59 -8.80
N TYR B 190 59.65 -2.66 -8.33
CA TYR B 190 59.35 -2.88 -6.92
C TYR B 190 58.26 -3.91 -6.77
N TRP B 191 58.31 -4.62 -5.63
CA TRP B 191 57.24 -5.49 -5.19
C TRP B 191 56.83 -4.97 -3.83
N ARG B 192 55.68 -4.32 -3.78
CA ARG B 192 55.15 -3.77 -2.54
C ARG B 192 54.54 -4.88 -1.67
N VAL B 193 54.89 -4.88 -0.39
CA VAL B 193 54.47 -5.88 0.56
C VAL B 193 53.93 -5.18 1.81
N GLU B 194 52.85 -5.73 2.37
CA GLU B 194 52.27 -5.22 3.61
C GLU B 194 52.37 -6.26 4.69
N PRO B 195 52.34 -5.82 5.96
CA PRO B 195 52.30 -6.79 7.06
C PRO B 195 50.98 -7.55 7.10
N LYS B 196 51.03 -8.75 7.66
CA LYS B 196 49.86 -9.60 7.89
C LYS B 196 49.22 -10.11 6.59
N VAL B 197 50.04 -10.32 5.55
CA VAL B 197 49.54 -10.93 4.32
C VAL B 197 50.13 -12.33 4.21
N GLN B 198 49.46 -13.17 3.45
CA GLN B 198 49.90 -14.52 3.22
C GLN B 198 50.22 -14.71 1.75
N PHE B 199 51.21 -15.56 1.50
CA PHE B 199 51.51 -16.09 0.18
C PHE B 199 51.40 -17.61 0.26
N PHE B 200 50.68 -18.20 -0.70
CA PHE B 200 50.30 -19.61 -0.62
C PHE B 200 51.02 -20.53 -1.61
N CYS B 201 51.61 -19.97 -2.67
CA CYS B 201 52.14 -20.78 -3.78
C CYS B 201 53.64 -20.58 -4.03
N ASN B 202 54.36 -21.68 -4.20
CA ASN B 202 55.72 -21.59 -4.69
C ASN B 202 55.69 -20.94 -6.07
N VAL B 203 56.59 -19.98 -6.27
CA VAL B 203 56.78 -19.32 -7.55
C VAL B 203 58.25 -19.58 -7.92
N ASP B 204 58.46 -20.19 -9.08
CA ASP B 204 59.78 -20.74 -9.47
C ASP B 204 60.43 -20.02 -10.63
N TYR B 205 60.02 -18.76 -10.85
CA TYR B 205 60.69 -17.90 -11.81
C TYR B 205 60.84 -16.52 -11.19
N ASP B 206 61.79 -15.76 -11.74
CA ASP B 206 62.09 -14.42 -11.28
C ASP B 206 61.02 -13.48 -11.81
N VAL B 207 60.12 -13.02 -10.93
CA VAL B 207 59.00 -12.17 -11.38
C VAL B 207 59.46 -10.82 -11.91
N PHE B 208 60.57 -10.30 -11.36
CA PHE B 208 61.11 -9.02 -11.82
C PHE B 208 61.69 -9.06 -13.23
N ARG B 209 62.47 -10.09 -13.54
CA ARG B 209 62.96 -10.27 -14.90
C ARG B 209 61.84 -10.69 -15.85
N PHE B 210 60.80 -11.36 -15.35
CA PHE B 210 59.59 -11.59 -16.14
C PHE B 210 58.97 -10.27 -16.61
N MET B 211 58.83 -9.31 -15.68
CA MET B 211 58.35 -7.96 -16.00
C MET B 211 59.27 -7.24 -17.00
N GLU B 212 60.57 -7.28 -16.71
CA GLU B 212 61.57 -6.59 -17.52
C GLU B 212 61.62 -7.11 -18.96
N ASP B 213 61.67 -8.43 -19.12
CA ASP B 213 61.74 -9.03 -20.45
C ASP B 213 60.51 -8.74 -21.30
N ARG B 214 59.35 -8.54 -20.68
CA ARG B 214 58.12 -8.23 -21.43
C ARG B 214 57.72 -6.74 -21.38
N ASN B 215 58.61 -5.88 -20.88
CA ASN B 215 58.38 -4.44 -20.69
C ASN B 215 57.04 -4.14 -19.99
N LEU B 216 56.74 -4.93 -18.96
CA LEU B 216 55.47 -4.78 -18.26
C LEU B 216 55.55 -3.64 -17.27
N THR B 217 54.40 -3.03 -17.04
CA THR B 217 54.29 -1.84 -16.22
C THR B 217 53.82 -2.17 -14.81
N TYR B 218 52.91 -3.14 -14.68
CA TYR B 218 52.25 -3.36 -13.43
C TYR B 218 51.65 -4.75 -13.35
N GLY B 219 51.69 -5.30 -12.14
CA GLY B 219 51.14 -6.60 -11.83
C GLY B 219 50.30 -6.55 -10.58
N PHE B 220 49.15 -7.24 -10.62
CA PHE B 220 48.20 -7.30 -9.51
C PHE B 220 47.69 -8.73 -9.27
N THR B 221 47.09 -8.94 -8.11
CA THR B 221 46.43 -10.21 -7.78
C THR B 221 44.92 -10.11 -7.57
N ILE B 222 44.45 -8.99 -7.01
CA ILE B 222 43.04 -8.83 -6.58
C ILE B 222 42.50 -7.51 -7.14
N ASN B 223 41.22 -7.50 -7.52
CA ASN B 223 40.59 -6.36 -8.17
C ASN B 223 39.24 -6.14 -7.48
N LEU B 224 39.08 -4.98 -6.82
CA LEU B 224 37.95 -4.70 -5.92
C LEU B 224 37.20 -3.42 -6.26
N PHE B 225 35.94 -3.38 -5.83
CA PHE B 225 35.20 -2.11 -5.68
C PHE B 225 35.73 -1.38 -4.44
N ASP B 226 35.62 -0.07 -4.44
CA ASP B 226 36.00 0.77 -3.29
C ASP B 226 34.75 1.41 -2.72
N ASP B 227 34.92 2.07 -1.58
CA ASP B 227 33.87 2.85 -0.96
C ASP B 227 33.78 4.20 -1.67
N PRO B 228 32.66 4.48 -2.37
CA PRO B 228 32.54 5.76 -3.07
C PRO B 228 32.69 7.01 -2.18
N LYS B 229 32.35 6.89 -0.90
CA LYS B 229 32.50 8.01 0.04
C LYS B 229 33.95 8.49 0.21
N THR B 230 34.93 7.64 -0.12
CA THR B 230 36.33 8.02 -0.03
C THR B 230 36.84 8.79 -1.25
N VAL B 231 36.09 8.75 -2.36
CA VAL B 231 36.55 9.26 -3.65
C VAL B 231 35.55 10.09 -4.47
N PRO B 232 34.64 10.84 -3.82
CA PRO B 232 33.57 11.44 -4.64
C PRO B 232 34.01 12.41 -5.75
N THR B 233 35.06 13.20 -5.54
CA THR B 233 35.51 14.13 -6.56
C THR B 233 36.75 13.63 -7.32
N LEU B 234 37.18 12.39 -7.07
CA LEU B 234 38.38 11.86 -7.75
C LEU B 234 38.21 11.82 -9.27
N TRP B 235 37.09 11.29 -9.73
CA TRP B 235 36.86 11.14 -11.16
C TRP B 235 36.60 12.50 -11.81
N PRO B 236 35.77 13.37 -11.20
CA PRO B 236 35.69 14.73 -11.71
C PRO B 236 37.04 15.46 -11.81
N GLU B 237 37.90 15.34 -10.81
CA GLU B 237 39.23 15.93 -10.89
C GLU B 237 40.10 15.30 -11.98
N THR B 238 39.95 13.99 -12.18
CA THR B 238 40.65 13.29 -13.24
C THR B 238 40.25 13.84 -14.63
N LYS B 239 38.96 14.04 -14.85
CA LYS B 239 38.49 14.59 -16.12
C LYS B 239 38.98 16.01 -16.37
N LYS B 240 39.06 16.82 -15.31
CA LYS B 240 39.65 18.16 -15.40
C LYS B 240 41.10 18.09 -15.85
N PHE B 241 41.86 17.16 -15.28
CA PHE B 241 43.25 16.96 -15.66
C PHE B 241 43.38 16.50 -17.12
N LEU B 242 42.54 15.56 -17.53
CA LEU B 242 42.56 15.08 -18.91
C LEU B 242 42.23 16.18 -19.94
N ALA B 243 41.26 17.04 -19.61
CA ALA B 243 40.92 18.19 -20.46
C ALA B 243 42.08 19.17 -20.64
N ALA B 244 42.85 19.38 -19.57
CA ALA B 244 44.05 20.21 -19.63
C ALA B 244 45.24 19.53 -20.32
N ASN B 245 45.22 18.19 -20.42
CA ASN B 245 46.36 17.44 -20.96
C ASN B 245 45.88 16.33 -21.89
N PRO B 246 45.24 16.69 -23.02
CA PRO B 246 44.63 15.69 -23.90
C PRO B 246 45.61 14.70 -24.59
N SER B 247 46.89 15.05 -24.68
CA SER B 247 47.86 14.14 -25.30
C SER B 247 48.31 13.01 -24.37
N TYR B 248 47.98 13.09 -23.08
CA TYR B 248 48.45 12.09 -22.12
C TYR B 248 47.74 10.74 -22.18
N LEU B 249 46.51 10.71 -22.69
CA LEU B 249 45.71 9.49 -22.68
C LEU B 249 46.28 8.46 -23.67
N SER B 250 46.48 7.24 -23.18
CA SER B 250 46.96 6.15 -24.03
C SER B 250 45.84 5.63 -24.91
N SER B 251 46.23 5.01 -26.01
CA SER B 251 45.26 4.41 -26.91
C SER B 251 44.71 3.10 -26.31
N ASN B 252 45.59 2.25 -25.77
CA ASN B 252 45.16 1.00 -25.15
C ASN B 252 44.86 1.23 -23.68
N ASN B 253 43.74 1.91 -23.44
CA ASN B 253 43.36 2.40 -22.13
C ASN B 253 42.25 1.54 -21.53
N MET B 254 41.93 1.78 -20.27
CA MET B 254 40.93 1.00 -19.54
C MET B 254 39.68 1.82 -19.22
N MET B 255 39.31 2.75 -20.09
CA MET B 255 38.14 3.62 -19.88
C MET B 255 36.86 2.83 -19.59
N GLY B 256 36.68 1.73 -20.30
CA GLY B 256 35.53 0.84 -20.09
C GLY B 256 35.42 0.30 -18.68
N TRP B 257 36.55 -0.13 -18.13
CA TRP B 257 36.59 -0.62 -16.75
C TRP B 257 36.40 0.53 -15.75
N LEU B 258 37.12 1.62 -15.98
CA LEU B 258 37.09 2.78 -15.08
C LEU B 258 35.70 3.42 -14.99
N THR B 259 34.91 3.34 -16.05
CA THR B 259 33.59 4.00 -16.09
C THR B 259 32.43 3.01 -16.13
N ASP B 260 32.69 1.74 -15.88
CA ASP B 260 31.65 0.70 -15.91
C ASP B 260 30.55 1.00 -14.89
N ASP B 261 29.30 0.82 -15.30
CA ASP B 261 28.17 0.88 -14.39
C ASP B 261 27.26 -0.35 -14.49
N SER B 262 27.77 -1.41 -15.12
CA SER B 262 27.02 -2.64 -15.35
C SER B 262 26.80 -3.51 -14.13
N LEU B 263 27.76 -3.54 -13.21
CA LEU B 263 27.66 -4.46 -12.07
C LEU B 263 27.03 -3.81 -10.86
N ARG B 264 27.50 -2.62 -10.52
CA ARG B 264 27.04 -1.93 -9.32
C ARG B 264 26.85 -0.47 -9.69
N PRO B 265 25.75 -0.17 -10.42
CA PRO B 265 25.51 1.19 -10.91
C PRO B 265 25.45 2.23 -9.79
N ASP B 266 24.96 1.82 -8.62
CA ASP B 266 24.95 2.73 -7.48
CA ASP B 266 24.98 2.60 -7.38
C ASP B 266 26.36 3.22 -7.07
N HIS B 267 27.40 2.38 -7.18
CA HIS B 267 28.77 2.81 -6.90
C HIS B 267 29.23 3.85 -7.89
N THR B 268 28.97 3.61 -9.17
CA THR B 268 29.42 4.50 -10.22
C THR B 268 28.75 5.87 -10.10
N GLU B 269 27.47 5.88 -9.75
CA GLU B 269 26.74 7.12 -9.51
C GLU B 269 27.29 7.85 -8.30
N ALA B 270 27.51 7.14 -7.19
CA ALA B 270 28.03 7.75 -5.96
C ALA B 270 29.45 8.29 -6.11
N ALA B 271 30.26 7.68 -6.97
CA ALA B 271 31.61 8.18 -7.28
C ALA B 271 31.65 9.04 -8.56
N ASN B 272 30.48 9.52 -9.01
CA ASN B 272 30.39 10.51 -10.09
C ASN B 272 31.09 10.11 -11.38
N GLY B 273 30.89 8.86 -11.79
CA GLY B 273 31.30 8.37 -13.09
C GLY B 273 32.41 7.32 -13.07
N TYR B 274 33.06 7.15 -11.92
CA TYR B 274 34.11 6.15 -11.73
C TYR B 274 33.51 4.93 -11.06
N SER B 275 33.81 3.74 -11.60
CA SER B 275 33.27 2.46 -11.08
C SER B 275 33.68 2.18 -9.64
N THR B 276 34.77 2.85 -9.21
CA THR B 276 35.49 2.62 -7.95
C THR B 276 36.41 1.41 -7.98
N CYS B 277 36.43 0.68 -9.09
CA CYS B 277 37.21 -0.54 -9.18
C CYS B 277 38.70 -0.19 -9.21
N HIS B 278 39.48 -1.04 -8.57
CA HIS B 278 40.90 -0.78 -8.44
C HIS B 278 41.67 -2.08 -8.24
N PHE B 279 42.92 -2.05 -8.69
CA PHE B 279 43.87 -3.09 -8.34
C PHE B 279 44.14 -2.91 -6.86
N TRP B 280 44.16 -4.00 -6.10
CA TRP B 280 44.24 -3.89 -4.66
C TRP B 280 45.70 -3.74 -4.23
N SER B 281 46.09 -2.48 -4.05
CA SER B 281 47.49 -2.07 -4.04
C SER B 281 48.35 -2.54 -2.87
N ASN B 282 47.76 -3.20 -1.86
CA ASN B 282 48.58 -3.82 -0.82
C ASN B 282 49.57 -4.84 -1.43
N PHE B 283 49.19 -5.44 -2.55
CA PHE B 283 50.11 -6.19 -3.41
C PHE B 283 50.28 -5.35 -4.68
N GLU B 284 51.53 -5.09 -5.05
CA GLU B 284 51.87 -4.56 -6.38
C GLU B 284 53.24 -5.03 -6.79
N ILE B 285 53.39 -5.35 -8.06
CA ILE B 285 54.69 -5.46 -8.71
C ILE B 285 54.69 -4.46 -9.85
N GLY B 286 55.57 -3.46 -9.78
CA GLY B 286 55.47 -2.33 -10.68
C GLY B 286 56.76 -1.77 -11.22
N ASP B 287 56.63 -1.06 -12.34
CA ASP B 287 57.70 -0.29 -12.97
C ASP B 287 57.71 1.10 -12.37
N LEU B 288 58.70 1.38 -11.54
CA LEU B 288 58.87 2.72 -10.95
C LEU B 288 58.95 3.85 -11.99
N ASP B 289 59.51 3.56 -13.15
CA ASP B 289 59.63 4.55 -14.20
C ASP B 289 58.30 4.93 -14.84
N PHE B 290 57.29 4.07 -14.77
CA PHE B 290 55.93 4.52 -15.16
C PHE B 290 55.44 5.64 -14.23
N PHE B 291 55.55 5.45 -12.92
CA PHE B 291 55.04 6.43 -11.96
C PHE B 291 55.88 7.72 -11.96
N ARG B 292 57.19 7.59 -12.22
CA ARG B 292 58.09 8.74 -12.40
C ARG B 292 57.86 9.49 -13.71
N GLY B 293 57.18 8.88 -14.67
CA GLY B 293 56.99 9.46 -15.99
C GLY B 293 56.11 10.71 -15.95
N GLU B 294 56.20 11.47 -17.03
CA GLU B 294 55.54 12.77 -17.14
C GLU B 294 54.04 12.70 -16.87
N GLN B 295 53.38 11.72 -17.47
CA GLN B 295 51.92 11.65 -17.42
C GLN B 295 51.42 11.33 -16.00
N TYR B 296 51.87 10.20 -15.43
CA TYR B 296 51.42 9.81 -14.11
C TYR B 296 51.79 10.88 -13.07
N ASP B 297 53.04 11.34 -13.09
CA ASP B 297 53.49 12.28 -12.07
C ASP B 297 52.76 13.63 -12.13
N ALA B 298 52.44 14.10 -13.34
CA ALA B 298 51.60 15.30 -13.49
C ALA B 298 50.18 15.04 -12.93
N TYR B 299 49.64 13.85 -13.20
CA TYR B 299 48.34 13.45 -12.65
C TYR B 299 48.40 13.49 -11.12
N PHE B 300 49.44 12.91 -10.53
CA PHE B 300 49.57 12.97 -9.09
C PHE B 300 49.59 14.43 -8.58
N ASN B 301 50.42 15.26 -9.21
CA ASN B 301 50.58 16.66 -8.75
C ASN B 301 49.28 17.45 -8.86
N HIS B 302 48.52 17.19 -9.91
CA HIS B 302 47.16 17.72 -10.04
C HIS B 302 46.29 17.30 -8.86
N LEU B 303 46.27 16.00 -8.55
CA LEU B 303 45.48 15.50 -7.42
C LEU B 303 45.96 16.07 -6.08
N ASP B 304 47.27 16.21 -5.94
CA ASP B 304 47.86 16.80 -4.75
C ASP B 304 47.37 18.24 -4.55
N ARG B 305 47.31 19.02 -5.62
CA ARG B 305 46.83 20.40 -5.55
C ARG B 305 45.33 20.51 -5.34
N ALA B 306 44.57 19.54 -5.85
CA ALA B 306 43.12 19.50 -5.66
C ALA B 306 42.69 19.25 -4.21
N GLY B 307 43.53 18.58 -3.42
CA GLY B 307 43.30 18.47 -1.98
C GLY B 307 42.62 17.18 -1.49
N GLY B 308 42.14 16.36 -2.41
CA GLY B 308 41.37 15.18 -2.02
C GLY B 308 42.09 14.05 -1.30
N PHE B 309 43.43 14.04 -1.30
CA PHE B 309 44.15 13.14 -0.40
C PHE B 309 43.86 13.45 1.07
N PHE B 310 43.53 14.71 1.37
CA PHE B 310 43.24 15.15 2.75
C PHE B 310 41.80 15.51 3.01
N TYR B 311 41.15 16.19 2.07
CA TYR B 311 39.74 16.59 2.26
C TYR B 311 38.77 15.45 1.91
N GLU B 312 39.25 14.49 1.14
CA GLU B 312 38.57 13.21 0.96
C GLU B 312 39.57 12.18 1.46
N ARG B 313 39.39 10.90 1.13
CA ARG B 313 40.37 9.89 1.52
C ARG B 313 40.78 9.08 0.29
N TRP B 314 41.27 9.78 -0.72
CA TRP B 314 41.68 9.13 -1.96
C TRP B 314 42.77 8.10 -1.67
N GLY B 315 42.45 6.83 -1.91
CA GLY B 315 43.40 5.74 -1.74
C GLY B 315 44.43 5.70 -2.85
N ASP B 316 45.62 5.22 -2.54
CA ASP B 316 46.62 4.98 -3.57
C ASP B 316 46.16 3.91 -4.57
N ALA B 317 45.28 3.00 -4.17
CA ALA B 317 44.78 1.98 -5.10
C ALA B 317 43.95 2.56 -6.24
N PRO B 318 42.89 3.35 -5.92
CA PRO B 318 42.16 3.97 -7.04
C PRO B 318 43.01 4.96 -7.84
N VAL B 319 43.93 5.67 -7.17
CA VAL B 319 44.80 6.63 -7.86
C VAL B 319 45.75 5.90 -8.82
N HIS B 320 46.43 4.85 -8.34
CA HIS B 320 47.26 4.02 -9.26
C HIS B 320 46.43 3.42 -10.40
N SER B 321 45.23 2.93 -10.06
CA SER B 321 44.42 2.22 -11.05
C SER B 321 43.93 3.15 -12.14
N ILE B 322 43.48 4.35 -11.77
CA ILE B 322 43.09 5.36 -12.74
C ILE B 322 44.29 5.79 -13.58
N GLY B 323 45.43 6.04 -12.93
CA GLY B 323 46.65 6.41 -13.63
C GLY B 323 47.10 5.36 -14.64
N LEU B 324 47.09 4.09 -14.23
CA LEU B 324 47.38 2.99 -15.15
C LEU B 324 46.34 2.91 -16.26
N GLY B 325 45.07 2.99 -15.89
CA GLY B 325 43.97 2.90 -16.84
C GLY B 325 43.90 4.00 -17.88
N LEU B 326 44.43 5.17 -17.56
CA LEU B 326 44.44 6.31 -18.48
C LEU B 326 45.77 6.50 -19.21
N PHE B 327 46.90 6.20 -18.57
CA PHE B 327 48.20 6.57 -19.12
C PHE B 327 49.11 5.41 -19.49
N ALA B 328 48.82 4.18 -19.04
CA ALA B 328 49.63 3.02 -19.38
C ALA B 328 49.06 2.28 -20.58
N ASP B 329 49.88 1.39 -21.14
CA ASP B 329 49.43 0.45 -22.16
C ASP B 329 48.81 -0.72 -21.40
N ALA B 330 47.50 -0.94 -21.55
CA ALA B 330 46.80 -2.04 -20.86
C ALA B 330 47.40 -3.44 -21.12
N ALA B 331 48.03 -3.63 -22.28
CA ALA B 331 48.72 -4.87 -22.60
C ALA B 331 49.92 -5.12 -21.69
N LYS B 332 50.43 -4.08 -21.04
CA LYS B 332 51.55 -4.18 -20.11
C LYS B 332 51.14 -4.29 -18.65
N VAL B 333 49.85 -4.47 -18.38
CA VAL B 333 49.35 -4.73 -17.03
C VAL B 333 48.99 -6.21 -16.98
N HIS B 334 49.47 -6.90 -15.93
CA HIS B 334 49.39 -8.36 -15.84
C HIS B 334 48.69 -8.80 -14.55
N TRP B 335 47.76 -9.74 -14.70
CA TRP B 335 47.18 -10.44 -13.56
C TRP B 335 48.11 -11.57 -13.16
N PHE B 336 48.74 -11.44 -12.00
CA PHE B 336 49.59 -12.50 -11.44
C PHE B 336 48.73 -13.58 -10.79
N ARG B 337 47.97 -14.29 -11.61
CA ARG B 337 47.02 -15.31 -11.13
C ARG B 337 47.72 -16.44 -10.35
N ASP B 338 48.96 -16.72 -10.72
CA ASP B 338 49.77 -17.76 -10.11
C ASP B 338 50.41 -17.41 -8.77
N ILE B 339 50.28 -16.16 -8.33
CA ILE B 339 50.76 -15.81 -6.99
C ILE B 339 49.58 -15.91 -6.02
N GLY B 340 49.55 -16.98 -5.24
CA GLY B 340 48.53 -17.16 -4.20
C GLY B 340 48.69 -16.11 -3.14
N TYR B 341 47.62 -15.40 -2.81
CA TYR B 341 47.74 -14.19 -1.99
C TYR B 341 46.51 -13.96 -1.13
N ASN B 342 46.73 -13.42 0.07
CA ASN B 342 45.65 -12.98 0.96
C ASN B 342 46.06 -11.76 1.78
N HIS B 343 45.23 -10.72 1.74
CA HIS B 343 45.22 -9.64 2.74
C HIS B 343 43.76 -9.69 3.19
N ILE B 344 43.54 -9.73 4.50
CA ILE B 344 42.18 -9.89 5.04
C ILE B 344 41.26 -8.86 4.36
N PRO B 345 40.06 -9.21 3.85
CA PRO B 345 39.43 -10.53 3.89
C PRO B 345 39.38 -11.24 2.53
N TYR B 346 40.25 -10.87 1.59
CA TYR B 346 40.14 -11.38 0.21
C TYR B 346 41.36 -12.19 -0.23
N TYR B 347 41.14 -12.97 -1.28
CA TYR B 347 42.09 -14.01 -1.71
C TYR B 347 42.25 -14.02 -3.22
N ASN B 348 43.46 -14.35 -3.66
CA ASN B 348 43.69 -14.88 -5.00
C ASN B 348 44.32 -16.25 -4.78
N CYS B 349 43.55 -17.31 -4.96
CA CYS B 349 44.03 -18.68 -4.71
C CYS B 349 43.86 -19.48 -5.98
N PRO B 350 44.97 -19.74 -6.71
CA PRO B 350 44.84 -20.51 -7.95
C PRO B 350 44.82 -22.01 -7.73
N ASN B 351 44.28 -22.71 -8.71
CA ASN B 351 44.29 -24.16 -8.74
C ASN B 351 45.66 -24.63 -9.28
N SER B 352 46.58 -24.92 -8.38
CA SER B 352 47.90 -25.40 -8.76
C SER B 352 48.45 -26.27 -7.65
N PRO B 353 49.17 -27.35 -8.01
CA PRO B 353 49.84 -28.13 -6.97
C PRO B 353 51.01 -27.40 -6.27
N LYS B 354 51.42 -26.25 -6.78
CA LYS B 354 52.41 -25.42 -6.09
C LYS B 354 51.87 -24.70 -4.86
N CYS B 355 50.55 -24.72 -4.67
CA CYS B 355 49.87 -23.98 -3.60
C CYS B 355 49.45 -24.88 -2.46
N SER B 356 49.36 -24.31 -1.27
CA SER B 356 48.72 -24.98 -0.16
C SER B 356 48.05 -23.96 0.76
N LYS B 357 47.14 -24.43 1.61
CA LYS B 357 46.48 -23.64 2.65
C LYS B 357 45.53 -22.56 2.14
N CYS B 358 45.10 -22.64 0.90
CA CYS B 358 44.00 -21.80 0.43
C CYS B 358 43.08 -22.62 -0.45
N THR B 359 41.81 -22.21 -0.48
CA THR B 359 40.79 -22.86 -1.27
C THR B 359 40.73 -22.16 -2.62
N PRO B 360 41.03 -22.88 -3.72
CA PRO B 360 41.00 -22.24 -5.03
C PRO B 360 39.67 -21.60 -5.40
N GLY B 361 39.74 -20.38 -5.92
CA GLY B 361 38.55 -19.65 -6.36
C GLY B 361 37.63 -19.14 -5.25
N GLN B 362 38.02 -19.27 -3.99
CA GLN B 362 37.26 -18.67 -2.89
C GLN B 362 37.78 -17.25 -2.71
N PHE B 363 36.94 -16.28 -3.02
CA PHE B 363 37.31 -14.88 -3.11
C PHE B 363 37.44 -14.22 -1.74
N TYR B 364 36.59 -14.61 -0.79
CA TYR B 364 36.52 -13.95 0.50
C TYR B 364 36.41 -14.94 1.65
N ALA B 365 36.77 -14.46 2.84
CA ALA B 365 36.46 -15.10 4.11
C ALA B 365 35.70 -14.08 4.96
N GLY B 366 34.51 -14.45 5.40
CA GLY B 366 33.65 -13.56 6.20
C GLY B 366 32.20 -13.68 5.77
N ALA B 367 31.43 -12.61 5.99
CA ALA B 367 30.01 -12.61 5.68
C ALA B 367 29.78 -12.69 4.16
N PRO B 368 28.69 -13.34 3.72
CA PRO B 368 28.46 -13.50 2.28
C PRO B 368 28.27 -12.21 1.50
N PHE B 369 27.94 -11.10 2.18
CA PHE B 369 27.84 -9.81 1.48
C PHE B 369 29.18 -9.31 0.94
N LEU B 370 30.29 -9.90 1.38
CA LEU B 370 31.62 -9.59 0.80
C LEU B 370 31.80 -10.03 -0.65
N ALA B 371 31.01 -10.99 -1.12
CA ALA B 371 31.13 -11.54 -2.50
C ALA B 371 31.05 -10.46 -3.59
N LYS B 372 30.22 -9.46 -3.37
CA LYS B 372 29.97 -8.42 -4.37
C LYS B 372 31.12 -7.41 -4.51
N GLU B 373 32.12 -7.49 -3.64
CA GLU B 373 33.28 -6.62 -3.71
C GLU B 373 34.30 -6.99 -4.81
N ASP B 374 34.15 -8.16 -5.43
CA ASP B 374 35.03 -8.59 -6.52
C ASP B 374 34.70 -7.85 -7.81
N CYS B 375 35.65 -7.10 -8.35
CA CYS B 375 35.42 -6.39 -9.62
C CYS B 375 36.07 -7.07 -10.84
N ARG B 376 36.66 -8.25 -10.66
CA ARG B 376 37.26 -8.94 -11.80
C ARG B 376 36.30 -9.24 -12.97
N PRO B 377 35.00 -9.55 -12.71
CA PRO B 377 34.14 -9.74 -13.88
C PRO B 377 34.11 -8.54 -14.83
N SER B 378 34.14 -7.32 -14.29
CA SER B 378 34.25 -6.12 -15.12
C SER B 378 35.66 -6.00 -15.76
N TYR B 379 36.70 -6.13 -14.95
CA TYR B 379 38.06 -6.01 -15.47
C TYR B 379 38.31 -7.00 -16.60
N PHE B 380 37.89 -8.25 -16.40
CA PHE B 380 38.13 -9.31 -17.39
C PHE B 380 37.35 -9.11 -18.69
N LYS B 381 36.16 -8.51 -18.59
CA LYS B 381 35.34 -8.20 -19.77
C LYS B 381 35.93 -7.03 -20.54
N HIS B 382 36.26 -5.95 -19.83
CA HIS B 382 36.71 -4.70 -20.45
C HIS B 382 38.18 -4.64 -20.81
N VAL B 383 39.03 -5.39 -20.11
CA VAL B 383 40.49 -5.29 -20.29
C VAL B 383 41.06 -6.67 -20.65
N GLY B 384 40.81 -7.67 -19.82
CA GLY B 384 41.22 -9.03 -20.12
C GLY B 384 41.89 -9.74 -18.96
N MET B 385 42.30 -10.97 -19.22
CA MET B 385 42.83 -11.87 -18.19
C MET B 385 44.32 -12.13 -18.34
N HIS B 386 44.98 -11.32 -19.18
CA HIS B 386 46.40 -11.46 -19.49
C HIS B 386 47.28 -10.97 -18.34
N SER C 15 -22.11 -21.61 -13.52
CA SER C 15 -21.51 -22.84 -14.12
C SER C 15 -22.24 -24.12 -13.68
N GLN C 16 -22.29 -24.39 -12.37
CA GLN C 16 -23.06 -25.55 -11.84
C GLN C 16 -24.32 -25.07 -11.15
N SER C 17 -25.45 -25.71 -11.46
CA SER C 17 -26.73 -25.35 -10.88
C SER C 17 -26.79 -25.54 -9.35
N HIS C 18 -26.02 -26.51 -8.86
CA HIS C 18 -25.90 -26.78 -7.41
C HIS C 18 -24.79 -25.97 -6.72
N GLY C 19 -24.22 -25.00 -7.43
CA GLY C 19 -23.25 -24.10 -6.88
C GLY C 19 -23.88 -23.07 -5.95
N PRO C 20 -23.05 -22.20 -5.36
CA PRO C 20 -23.49 -21.23 -4.38
C PRO C 20 -24.20 -20.02 -5.01
N SER C 21 -25.24 -19.54 -4.33
CA SER C 21 -25.94 -18.33 -4.70
C SER C 21 -25.30 -17.16 -3.94
N PHE C 22 -25.24 -15.99 -4.58
CA PHE C 22 -24.73 -14.79 -3.95
C PHE C 22 -25.67 -13.62 -4.20
N ILE C 23 -25.65 -12.67 -3.26
CA ILE C 23 -26.50 -11.48 -3.25
C ILE C 23 -25.79 -10.26 -3.89
N SER C 24 -24.46 -10.29 -3.94
CA SER C 24 -23.65 -9.15 -4.41
C SER C 24 -22.62 -9.57 -5.43
N LYS C 25 -22.05 -8.56 -6.08
CA LYS C 25 -20.98 -8.72 -7.06
C LYS C 25 -19.75 -9.43 -6.48
N GLY C 26 -18.95 -9.99 -7.39
CA GLY C 26 -17.72 -10.69 -7.03
C GLY C 26 -17.93 -11.91 -6.16
N SER C 27 -19.09 -12.56 -6.28
CA SER C 27 -19.43 -13.77 -5.51
C SER C 27 -19.24 -13.54 -4.01
N LYS C 28 -19.94 -12.54 -3.49
CA LYS C 28 -19.92 -12.16 -2.07
C LYS C 28 -21.34 -12.15 -1.52
N GLU C 29 -21.45 -12.27 -0.20
CA GLU C 29 -22.74 -12.38 0.53
C GLU C 29 -23.50 -13.64 0.11
N TYR C 30 -23.14 -14.74 0.77
CA TYR C 30 -23.67 -16.06 0.47
C TYR C 30 -25.17 -16.15 0.73
N ASN C 31 -25.87 -16.89 -0.13
CA ASN C 31 -27.33 -16.92 -0.18
C ASN C 31 -27.88 -18.37 -0.31
N GLY C 32 -27.09 -19.36 0.11
CA GLY C 32 -27.46 -20.79 -0.01
C GLY C 32 -27.18 -21.32 -1.40
N MET C 33 -27.83 -22.41 -1.77
CA MET C 33 -27.62 -23.06 -3.07
C MET C 33 -28.46 -22.41 -4.14
N LYS C 34 -27.95 -22.37 -5.37
CA LYS C 34 -28.72 -21.80 -6.49
C LYS C 34 -29.93 -22.64 -6.81
N ARG C 35 -29.69 -23.89 -7.21
CA ARG C 35 -30.74 -24.83 -7.56
CA ARG C 35 -30.76 -24.82 -7.55
C ARG C 35 -30.49 -26.16 -6.87
N ASP C 36 -31.44 -26.60 -6.05
CA ASP C 36 -31.28 -27.81 -5.28
C ASP C 36 -31.44 -29.07 -6.16
N PRO C 37 -30.45 -30.00 -6.16
CA PRO C 37 -30.61 -31.26 -6.90
C PRO C 37 -31.81 -32.11 -6.44
N LEU C 38 -32.29 -31.87 -5.22
CA LEU C 38 -33.48 -32.54 -4.68
C LEU C 38 -34.77 -32.22 -5.46
N LEU C 39 -34.75 -31.12 -6.22
CA LEU C 39 -35.85 -30.80 -7.14
C LEU C 39 -35.98 -31.80 -8.28
N ASP C 40 -34.89 -32.41 -8.68
CA ASP C 40 -34.92 -33.41 -9.76
C ASP C 40 -35.53 -34.72 -9.25
N PRO C 41 -36.11 -35.53 -10.17
CA PRO C 41 -36.63 -36.84 -9.78
C PRO C 41 -35.55 -37.66 -9.08
N THR C 42 -35.82 -38.06 -7.85
CA THR C 42 -34.84 -38.67 -6.98
C THR C 42 -35.31 -40.09 -6.66
N GLY C 43 -34.39 -41.04 -6.72
CA GLY C 43 -34.71 -42.44 -6.45
C GLY C 43 -33.66 -43.12 -5.60
N GLU C 44 -33.66 -44.45 -5.66
CA GLU C 44 -32.79 -45.28 -4.84
C GLU C 44 -31.39 -45.24 -5.42
N PRO C 45 -30.38 -45.60 -4.63
CA PRO C 45 -29.06 -45.71 -5.24
C PRO C 45 -29.00 -46.84 -6.27
N GLU C 46 -28.01 -46.78 -7.14
CA GLU C 46 -27.82 -47.78 -8.18
C GLU C 46 -27.28 -49.08 -7.62
N GLY C 47 -27.46 -50.14 -8.41
CA GLY C 47 -26.90 -51.45 -8.10
C GLY C 47 -27.80 -52.31 -7.25
N HIS C 48 -27.30 -53.48 -6.87
CA HIS C 48 -28.09 -54.47 -6.17
C HIS C 48 -28.51 -54.02 -4.75
N LEU C 49 -29.80 -54.19 -4.46
CA LEU C 49 -30.40 -53.81 -3.18
C LEU C 49 -31.20 -54.96 -2.58
N TRP C 50 -31.29 -55.00 -1.25
CA TRP C 50 -32.02 -56.08 -0.54
C TRP C 50 -33.40 -55.61 -0.14
N ARG C 51 -34.42 -56.37 -0.57
CA ARG C 51 -35.83 -56.04 -0.37
C ARG C 51 -36.44 -56.88 0.77
N ALA C 52 -37.42 -56.30 1.45
CA ALA C 52 -38.15 -56.99 2.51
C ALA C 52 -38.98 -58.18 1.98
N ASP C 53 -39.46 -58.08 0.74
CA ASP C 53 -40.45 -59.01 0.19
C ASP C 53 -39.94 -60.43 -0.03
N ASP C 54 -38.71 -60.56 -0.49
CA ASP C 54 -38.15 -61.87 -0.86
C ASP C 54 -36.93 -62.27 -0.01
N ASN C 55 -36.87 -61.73 1.21
CA ASN C 55 -35.91 -62.16 2.23
C ASN C 55 -36.61 -62.23 3.58
N ASP C 56 -35.99 -62.94 4.51
CA ASP C 56 -36.59 -63.15 5.83
C ASP C 56 -36.15 -62.03 6.79
N TYR C 57 -36.98 -61.00 6.88
CA TYR C 57 -36.80 -59.90 7.80
C TYR C 57 -37.82 -59.94 8.95
N ALA C 58 -38.36 -61.13 9.26
CA ALA C 58 -39.30 -61.29 10.37
C ALA C 58 -38.62 -60.88 11.67
N PRO C 59 -39.36 -60.21 12.58
CA PRO C 59 -38.74 -59.69 13.81
C PRO C 59 -38.07 -60.73 14.71
N ASN C 60 -38.57 -61.97 14.70
CA ASN C 60 -37.95 -63.07 15.44
C ASN C 60 -37.75 -64.22 14.46
N SER C 61 -36.51 -64.37 13.99
CA SER C 61 -36.15 -65.39 13.01
C SER C 61 -34.85 -66.06 13.44
N ALA C 62 -34.66 -67.31 13.02
CA ALA C 62 -33.39 -68.01 13.25
C ALA C 62 -32.38 -67.49 12.23
N HIS C 63 -32.69 -67.69 10.95
CA HIS C 63 -31.83 -67.27 9.84
C HIS C 63 -32.31 -65.91 9.29
N SER C 64 -32.12 -64.85 10.07
CA SER C 64 -32.52 -63.50 9.68
C SER C 64 -31.66 -62.98 8.52
N ALA C 65 -32.26 -62.22 7.60
CA ALA C 65 -31.52 -61.52 6.56
C ALA C 65 -30.80 -60.24 7.05
N ARG C 66 -31.02 -59.84 8.31
CA ARG C 66 -30.40 -58.63 8.84
C ARG C 66 -28.91 -58.82 9.06
N THR C 67 -28.13 -57.77 8.81
CA THR C 67 -26.73 -57.75 9.22
C THR C 67 -26.63 -57.24 10.65
N ASN C 68 -25.41 -57.12 11.16
CA ASN C 68 -25.19 -56.72 12.54
C ASN C 68 -25.18 -55.20 12.66
N ALA C 69 -26.39 -54.64 12.65
CA ALA C 69 -26.62 -53.21 12.72
C ALA C 69 -27.77 -52.90 13.68
N ALA C 70 -27.81 -51.67 14.17
CA ALA C 70 -28.89 -51.21 15.04
C ALA C 70 -29.23 -49.75 14.83
N LEU C 71 -30.50 -49.43 15.08
CA LEU C 71 -30.94 -48.07 15.27
C LEU C 71 -30.54 -47.70 16.68
N ILE C 72 -29.90 -46.55 16.86
CA ILE C 72 -29.49 -46.11 18.20
C ILE C 72 -29.98 -44.72 18.48
N SER C 73 -30.19 -44.42 19.76
CA SER C 73 -30.59 -43.08 20.14
C SER C 73 -30.14 -42.81 21.56
N LEU C 74 -29.41 -41.71 21.75
CA LEU C 74 -29.13 -41.16 23.06
C LEU C 74 -30.27 -40.21 23.33
N VAL C 75 -31.00 -40.46 24.40
CA VAL C 75 -32.27 -39.78 24.63
C VAL C 75 -32.63 -39.77 26.12
N ARG C 76 -33.38 -38.75 26.53
CA ARG C 76 -33.82 -38.58 27.92
C ARG C 76 -35.26 -39.05 28.12
N ASN C 77 -35.60 -39.44 29.35
CA ASN C 77 -36.97 -39.88 29.69
C ASN C 77 -38.01 -38.82 29.34
N GLU C 78 -37.67 -37.56 29.63
CA GLU C 78 -38.57 -36.44 29.37
CA GLU C 78 -38.54 -36.41 29.37
C GLU C 78 -38.88 -36.22 27.88
N GLU C 79 -38.06 -36.78 26.99
CA GLU C 79 -38.27 -36.65 25.54
C GLU C 79 -39.08 -37.80 24.93
N LEU C 80 -39.69 -38.63 25.78
CA LEU C 80 -40.42 -39.82 25.32
C LEU C 80 -41.43 -39.52 24.22
N GLU C 81 -42.28 -38.52 24.42
CA GLU C 81 -43.34 -38.24 23.44
C GLU C 81 -42.77 -37.84 22.06
N ASP C 82 -41.75 -37.00 22.07
CA ASP C 82 -41.06 -36.62 20.83
C ASP C 82 -40.32 -37.81 20.20
N LEU C 83 -39.75 -38.68 21.04
CA LEU C 83 -39.11 -39.90 20.52
C LEU C 83 -40.11 -40.83 19.82
N ILE C 84 -41.28 -41.00 20.44
CA ILE C 84 -42.37 -41.81 19.88
C ILE C 84 -42.76 -41.32 18.49
N SER C 85 -42.87 -40.00 18.34
CA SER C 85 -43.20 -39.40 17.04
C SER C 85 -42.15 -39.77 15.96
N THR C 86 -40.88 -39.68 16.33
CA THR C 86 -39.78 -40.08 15.45
C THR C 86 -39.83 -41.57 15.10
N MET C 87 -40.00 -42.40 16.13
CA MET C 87 -40.14 -43.85 15.95
C MET C 87 -41.25 -44.19 14.95
N LYS C 88 -42.40 -43.56 15.09
CA LYS C 88 -43.53 -43.83 14.19
C LYS C 88 -43.18 -43.57 12.74
N ASP C 89 -42.51 -42.44 12.48
CA ASP C 89 -42.10 -42.11 11.12
C ASP C 89 -41.09 -43.11 10.58
N LEU C 90 -40.08 -43.45 11.38
CA LEU C 90 -39.00 -44.30 10.88
C LEU C 90 -39.48 -45.74 10.68
N GLU C 91 -40.34 -46.20 11.59
CA GLU C 91 -41.00 -47.50 11.44
C GLU C 91 -41.88 -47.53 10.20
N ARG C 92 -42.76 -46.53 10.04
CA ARG C 92 -43.66 -46.49 8.88
C ARG C 92 -42.92 -46.47 7.56
N THR C 93 -41.89 -45.61 7.46
CA THR C 93 -41.17 -45.44 6.20
C THR C 93 -40.19 -46.57 5.90
N TRP C 94 -39.68 -47.23 6.93
CA TRP C 94 -38.55 -48.15 6.74
C TRP C 94 -38.58 -49.36 7.66
N ASN C 95 -38.46 -49.16 8.97
CA ASN C 95 -38.16 -50.30 9.86
C ASN C 95 -39.29 -51.32 10.08
N SER C 96 -40.54 -50.96 9.79
CA SER C 96 -41.63 -51.96 9.86
C SER C 96 -41.40 -53.12 8.88
N LYS C 97 -40.63 -52.88 7.82
CA LYS C 97 -40.30 -53.92 6.85
C LYS C 97 -39.02 -54.69 7.17
N PHE C 98 -38.06 -54.05 7.83
CA PHE C 98 -36.75 -54.67 8.09
C PHE C 98 -36.53 -55.11 9.53
N ASN C 99 -37.18 -54.45 10.48
CA ASN C 99 -37.18 -54.86 11.89
C ASN C 99 -35.79 -54.94 12.50
N TYR C 100 -34.94 -53.96 12.19
CA TYR C 100 -33.67 -53.83 12.89
C TYR C 100 -33.94 -53.39 14.33
N PRO C 101 -33.10 -53.85 15.28
CA PRO C 101 -33.30 -53.51 16.68
C PRO C 101 -33.06 -52.04 16.99
N TRP C 102 -33.74 -51.53 18.01
CA TRP C 102 -33.51 -50.21 18.59
C TRP C 102 -32.69 -50.36 19.87
N ILE C 103 -31.61 -49.58 20.01
CA ILE C 103 -30.84 -49.55 21.27
C ILE C 103 -30.84 -48.12 21.76
N PHE C 104 -31.43 -47.92 22.94
CA PHE C 104 -31.56 -46.61 23.54
C PHE C 104 -30.51 -46.43 24.62
N PHE C 105 -29.95 -45.23 24.67
CA PHE C 105 -28.86 -44.89 25.60
C PHE C 105 -29.25 -43.69 26.43
N ASN C 106 -28.85 -43.72 27.69
CA ASN C 106 -29.14 -42.61 28.60
C ASN C 106 -28.11 -42.64 29.71
N ASP C 107 -27.69 -41.47 30.17
CA ASP C 107 -26.81 -41.39 31.34
C ASP C 107 -27.56 -41.78 32.61
N LYS C 108 -28.88 -41.53 32.64
CA LYS C 108 -29.77 -41.97 33.72
C LYS C 108 -30.49 -43.28 33.35
N PRO C 109 -31.09 -43.97 34.35
CA PRO C 109 -31.93 -45.14 34.03
C PRO C 109 -33.18 -44.76 33.29
N PHE C 110 -33.61 -45.59 32.34
CA PHE C 110 -34.88 -45.40 31.66
C PHE C 110 -36.04 -45.86 32.57
N THR C 111 -37.15 -45.13 32.53
CA THR C 111 -38.35 -45.49 33.30
C THR C 111 -39.09 -46.66 32.63
N GLU C 112 -39.98 -47.28 33.40
CA GLU C 112 -40.79 -48.39 32.87
CA GLU C 112 -40.84 -48.37 32.91
C GLU C 112 -41.71 -47.88 31.76
N GLU C 113 -42.26 -46.69 31.92
CA GLU C 113 -43.11 -46.07 30.88
C GLU C 113 -42.34 -45.85 29.57
N PHE C 114 -41.10 -45.37 29.67
CA PHE C 114 -40.23 -45.22 28.49
C PHE C 114 -40.11 -46.56 27.76
N LYS C 115 -39.80 -47.62 28.52
CA LYS C 115 -39.57 -48.94 27.94
C LYS C 115 -40.81 -49.52 27.24
N LYS C 116 -41.97 -49.37 27.89
CA LYS C 116 -43.22 -49.91 27.35
C LYS C 116 -43.73 -49.14 26.15
N ARG C 117 -43.66 -47.81 26.20
CA ARG C 117 -44.13 -46.96 25.10
C ARG C 117 -43.23 -47.11 23.88
N THR C 118 -41.90 -47.18 24.07
CA THR C 118 -41.00 -47.36 22.93
C THR C 118 -41.15 -48.73 22.26
N GLN C 119 -41.15 -49.80 23.06
CA GLN C 119 -41.31 -51.15 22.50
C GLN C 119 -42.66 -51.33 21.77
N ALA C 120 -43.69 -50.59 22.21
CA ALA C 120 -45.00 -50.64 21.55
C ALA C 120 -45.03 -50.06 20.13
N GLU C 121 -44.02 -49.26 19.76
CA GLU C 121 -43.98 -48.66 18.43
C GLU C 121 -43.30 -49.51 17.37
N THR C 122 -42.77 -50.67 17.74
CA THR C 122 -41.96 -51.47 16.84
C THR C 122 -42.16 -52.97 17.12
N LYS C 123 -42.08 -53.78 16.08
CA LYS C 123 -42.04 -55.24 16.21
C LYS C 123 -40.63 -55.75 16.52
N ALA C 124 -39.62 -54.91 16.29
CA ALA C 124 -38.22 -55.29 16.51
C ALA C 124 -37.88 -55.30 18.00
N LYS C 125 -36.77 -55.96 18.34
CA LYS C 125 -36.26 -55.93 19.72
C LYS C 125 -35.81 -54.52 20.10
N CYS C 126 -36.12 -54.12 21.34
CA CYS C 126 -35.62 -52.89 21.93
C CYS C 126 -34.71 -53.20 23.11
N TYR C 127 -33.64 -52.42 23.24
CA TYR C 127 -32.71 -52.56 24.35
C TYR C 127 -32.52 -51.21 25.00
N TYR C 128 -32.27 -51.24 26.30
CA TYR C 128 -32.26 -50.03 27.12
C TYR C 128 -30.96 -50.04 27.89
N GLU C 129 -30.09 -49.08 27.60
CA GLU C 129 -28.71 -49.12 28.08
C GLU C 129 -28.41 -47.85 28.83
N GLN C 130 -27.57 -47.99 29.86
CA GLN C 130 -27.11 -46.83 30.60
C GLN C 130 -25.67 -46.57 30.20
N VAL C 131 -25.34 -45.29 30.03
CA VAL C 131 -23.97 -44.88 29.75
C VAL C 131 -23.20 -45.01 31.07
N PRO C 132 -22.11 -45.80 31.09
CA PRO C 132 -21.28 -45.86 32.29
C PRO C 132 -20.78 -44.47 32.67
N LYS C 133 -20.75 -44.17 33.97
CA LYS C 133 -20.26 -42.86 34.46
C LYS C 133 -18.85 -42.51 33.94
N GLU C 134 -17.99 -43.50 33.78
CA GLU C 134 -16.65 -43.27 33.22
C GLU C 134 -16.66 -42.82 31.74
N HIS C 135 -17.70 -43.21 30.99
CA HIS C 135 -17.89 -42.75 29.62
C HIS C 135 -18.60 -41.39 29.55
N TRP C 136 -19.28 -40.98 30.61
CA TRP C 136 -20.14 -39.79 30.62
C TRP C 136 -19.55 -38.60 31.38
N ASP C 137 -18.96 -38.85 32.54
CA ASP C 137 -18.44 -37.77 33.38
C ASP C 137 -17.28 -37.04 32.69
N PRO C 138 -17.08 -35.74 33.01
CA PRO C 138 -15.88 -35.10 32.47
C PRO C 138 -14.62 -35.83 32.94
N PRO C 139 -13.63 -36.01 32.05
CA PRO C 139 -12.36 -36.60 32.47
C PRO C 139 -11.71 -35.86 33.66
N GLU C 140 -10.86 -36.56 34.41
CA GLU C 140 -10.25 -35.99 35.62
C GLU C 140 -9.38 -34.76 35.38
N TRP C 141 -8.80 -34.64 34.18
CA TRP C 141 -7.96 -33.50 33.82
C TRP C 141 -8.74 -32.22 33.51
N ILE C 142 -10.06 -32.29 33.40
CA ILE C 142 -10.88 -31.10 33.17
C ILE C 142 -11.11 -30.37 34.49
N ASN C 143 -10.86 -29.06 34.50
CA ASN C 143 -11.05 -28.22 35.67
C ASN C 143 -12.42 -27.57 35.57
N MET C 144 -13.27 -27.85 36.56
CA MET C 144 -14.67 -27.40 36.49
C MET C 144 -14.82 -25.88 36.66
N GLU C 145 -13.90 -25.25 37.40
CA GLU C 145 -13.88 -23.80 37.52
C GLU C 145 -13.55 -23.16 36.15
N LEU C 146 -12.59 -23.74 35.42
CA LEU C 146 -12.28 -23.29 34.06
C LEU C 146 -13.46 -23.51 33.14
N PHE C 147 -14.13 -24.65 33.27
CA PHE C 147 -15.37 -24.87 32.52
C PHE C 147 -16.40 -23.75 32.77
N ARG C 148 -16.68 -23.45 34.03
CA ARG C 148 -17.68 -22.43 34.36
CA ARG C 148 -17.67 -22.41 34.40
C ARG C 148 -17.28 -21.03 33.85
N GLU C 149 -16.01 -20.66 34.00
CA GLU C 149 -15.53 -19.36 33.50
C GLU C 149 -15.67 -19.22 31.98
N SER C 150 -15.20 -20.22 31.24
CA SER C 150 -15.30 -20.20 29.78
C SER C 150 -16.75 -20.21 29.32
N ALA C 151 -17.59 -20.98 30.02
CA ALA C 151 -19.02 -21.03 29.70
C ALA C 151 -19.72 -19.66 29.89
N ALA C 152 -19.33 -18.92 30.94
CA ALA C 152 -19.89 -17.57 31.19
C ALA C 152 -19.63 -16.59 30.03
N ILE C 153 -18.42 -16.66 29.49
CA ILE C 153 -18.05 -15.84 28.34
C ILE C 153 -18.90 -16.18 27.11
N LEU C 154 -19.06 -17.48 26.84
CA LEU C 154 -19.88 -17.93 25.72
C LEU C 154 -21.38 -17.64 25.95
N THR C 155 -21.84 -17.76 27.20
CA THR C 155 -23.21 -17.36 27.56
C THR C 155 -23.43 -15.87 27.26
N GLU C 156 -22.46 -15.03 27.65
CA GLU C 156 -22.51 -13.60 27.33
C GLU C 156 -22.55 -13.32 25.82
N GLN C 157 -21.87 -14.13 25.01
CA GLN C 157 -21.94 -14.04 23.55
C GLN C 157 -23.07 -14.86 22.90
N LYS C 158 -24.01 -15.36 23.73
CA LYS C 158 -25.25 -15.98 23.28
C LYS C 158 -25.05 -17.27 22.47
N ILE C 159 -24.02 -18.04 22.82
CA ILE C 159 -23.75 -19.35 22.19
C ILE C 159 -24.78 -20.34 22.71
N GLN C 160 -25.39 -21.12 21.81
CA GLN C 160 -26.45 -22.05 22.22
C GLN C 160 -25.90 -23.20 23.10
N TYR C 161 -26.56 -23.39 24.24
CA TYR C 161 -26.21 -24.41 25.25
C TYR C 161 -24.84 -24.23 25.93
N SER C 162 -24.25 -23.02 25.86
CA SER C 162 -22.92 -22.74 26.46
C SER C 162 -22.83 -23.08 27.95
N ASP C 163 -23.94 -22.87 28.64
CA ASP C 163 -24.07 -23.01 30.08
C ASP C 163 -24.33 -24.46 30.55
N LYS C 164 -24.86 -25.30 29.66
CA LYS C 164 -25.39 -26.60 30.03
C LYS C 164 -24.29 -27.66 29.97
N LEU C 165 -23.78 -28.08 31.12
CA LEU C 165 -22.71 -29.07 31.20
C LEU C 165 -23.06 -30.39 30.50
N SER C 166 -24.31 -30.84 30.67
CA SER C 166 -24.77 -32.09 30.09
C SER C 166 -24.65 -32.07 28.56
N TYR C 167 -24.85 -30.90 27.95
CA TYR C 167 -24.73 -30.76 26.51
C TYR C 167 -23.29 -31.01 26.04
N HIS C 168 -22.33 -30.51 26.80
CA HIS C 168 -20.91 -30.73 26.52
C HIS C 168 -20.58 -32.22 26.65
N GLN C 169 -21.15 -32.84 27.68
CA GLN C 169 -20.95 -34.26 27.91
C GLN C 169 -21.56 -35.09 26.79
N MET C 170 -22.72 -34.67 26.30
CA MET C 170 -23.36 -35.34 25.16
C MET C 170 -22.48 -35.26 23.91
N CYS C 171 -21.99 -34.05 23.60
CA CYS C 171 -21.12 -33.86 22.44
C CYS C 171 -19.89 -34.76 22.53
N ARG C 172 -19.27 -34.78 23.70
CA ARG C 172 -18.13 -35.65 23.93
C ARG C 172 -18.50 -37.13 23.74
N TRP C 173 -19.62 -37.56 24.31
CA TRP C 173 -20.05 -38.96 24.23
C TRP C 173 -20.29 -39.39 22.78
N ASN C 174 -20.98 -38.56 22.01
CA ASN C 174 -21.20 -38.83 20.59
C ASN C 174 -19.90 -38.78 19.78
N SER C 175 -18.94 -37.95 20.21
CA SER C 175 -17.65 -37.84 19.53
C SER C 175 -16.76 -39.06 19.72
N GLY C 176 -16.68 -39.58 20.95
CA GLY C 176 -15.73 -40.64 21.26
C GLY C 176 -16.13 -41.87 22.06
N MET C 177 -17.33 -41.92 22.62
CA MET C 177 -17.66 -42.98 23.57
C MET C 177 -18.79 -43.92 23.15
N PHE C 178 -19.70 -43.49 22.27
CA PHE C 178 -20.81 -44.36 21.89
C PHE C 178 -20.32 -45.67 21.29
N TYR C 179 -19.31 -45.57 20.44
CA TYR C 179 -18.73 -46.74 19.77
C TYR C 179 -17.89 -47.62 20.70
N LYS C 180 -17.69 -47.21 21.94
CA LYS C 180 -17.03 -48.03 22.97
C LYS C 180 -18.03 -48.64 23.96
N HIS C 181 -19.33 -48.36 23.82
CA HIS C 181 -20.32 -48.92 24.75
C HIS C 181 -20.41 -50.43 24.54
N PRO C 182 -20.30 -51.23 25.62
CA PRO C 182 -20.34 -52.71 25.51
C PRO C 182 -21.55 -53.26 24.73
N ALA C 183 -22.71 -52.65 24.90
CA ALA C 183 -23.92 -52.98 24.11
C ALA C 183 -23.73 -53.01 22.60
N LEU C 184 -22.81 -52.20 22.06
CA LEU C 184 -22.56 -52.15 20.61
C LEU C 184 -21.41 -53.01 20.16
N LYS C 185 -20.81 -53.78 21.07
CA LYS C 185 -19.59 -54.54 20.79
C LYS C 185 -19.66 -55.42 19.55
N ASN C 186 -20.76 -56.15 19.38
CA ASN C 186 -20.91 -57.07 18.24
C ASN C 186 -21.61 -56.46 17.02
N TYR C 187 -21.84 -55.15 17.04
CA TYR C 187 -22.43 -54.45 15.91
C TYR C 187 -21.36 -53.75 15.09
N LYS C 188 -21.58 -53.71 13.78
CA LYS C 188 -20.73 -52.97 12.86
C LYS C 188 -21.33 -51.64 12.41
N TYR C 189 -22.64 -51.58 12.18
CA TYR C 189 -23.30 -50.37 11.66
C TYR C 189 -24.33 -49.83 12.62
N TYR C 190 -24.50 -48.51 12.61
CA TYR C 190 -25.50 -47.85 13.42
C TYR C 190 -26.26 -46.82 12.59
N TRP C 191 -27.50 -46.56 12.98
CA TRP C 191 -28.29 -45.47 12.46
C TRP C 191 -28.70 -44.67 13.67
N ARG C 192 -28.09 -43.50 13.83
CA ARG C 192 -28.37 -42.62 14.95
C ARG C 192 -29.65 -41.85 14.68
N VAL C 193 -30.51 -41.79 15.70
CA VAL C 193 -31.82 -41.16 15.62
C VAL C 193 -31.98 -40.24 16.83
N GLU C 194 -32.60 -39.09 16.62
CA GLU C 194 -32.92 -38.14 17.70
C GLU C 194 -34.43 -38.00 17.83
N PRO C 195 -34.90 -37.60 19.03
CA PRO C 195 -36.31 -37.26 19.18
C PRO C 195 -36.69 -36.02 18.40
N LYS C 196 -37.97 -35.93 18.05
CA LYS C 196 -38.56 -34.79 17.37
C LYS C 196 -38.08 -34.59 15.92
N VAL C 197 -37.68 -35.66 15.25
CA VAL C 197 -37.33 -35.54 13.84
C VAL C 197 -38.39 -36.26 13.01
N GLN C 198 -38.47 -35.91 11.73
CA GLN C 198 -39.40 -36.53 10.80
C GLN C 198 -38.68 -37.26 9.69
N PHE C 199 -39.30 -38.34 9.24
CA PHE C 199 -38.94 -39.03 8.00
C PHE C 199 -40.15 -38.96 7.09
N PHE C 200 -39.91 -38.57 5.84
CA PHE C 200 -40.98 -38.27 4.89
C PHE C 200 -41.16 -39.29 3.79
N CYS C 201 -40.16 -40.16 3.56
CA CYS C 201 -40.14 -41.00 2.36
C CYS C 201 -40.05 -42.46 2.71
N ASN C 202 -40.87 -43.27 2.05
CA ASN C 202 -40.72 -44.71 2.12
C ASN C 202 -39.38 -45.07 1.51
N VAL C 203 -38.67 -45.96 2.19
CA VAL C 203 -37.39 -46.49 1.72
C VAL C 203 -37.55 -48.00 1.67
N ASP C 204 -37.33 -48.58 0.49
CA ASP C 204 -37.66 -49.98 0.24
C ASP C 204 -36.47 -50.90 0.03
N TYR C 205 -35.31 -50.50 0.58
CA TYR C 205 -34.15 -51.39 0.61
C TYR C 205 -33.54 -51.36 1.98
N ASP C 206 -32.76 -52.39 2.29
CA ASP C 206 -32.04 -52.48 3.55
C ASP C 206 -30.82 -51.53 3.46
N VAL C 207 -30.94 -50.36 4.11
CA VAL C 207 -29.86 -49.35 4.07
C VAL C 207 -28.56 -49.85 4.71
N PHE C 208 -28.68 -50.70 5.74
CA PHE C 208 -27.51 -51.26 6.40
C PHE C 208 -26.75 -52.20 5.51
N ARG C 209 -27.47 -53.04 4.77
CA ARG C 209 -26.81 -53.95 3.84
C ARG C 209 -26.33 -53.23 2.57
N PHE C 210 -26.95 -52.11 2.22
CA PHE C 210 -26.35 -51.20 1.23
C PHE C 210 -24.98 -50.69 1.70
N MET C 211 -24.90 -50.22 2.95
CA MET C 211 -23.63 -49.79 3.53
C MET C 211 -22.61 -50.93 3.46
N GLU C 212 -23.04 -52.11 3.88
CA GLU C 212 -22.16 -53.29 3.91
C GLU C 212 -21.69 -53.71 2.53
N ASP C 213 -22.62 -53.80 1.59
CA ASP C 213 -22.31 -54.31 0.25
C ASP C 213 -21.37 -53.36 -0.51
N ARG C 214 -21.67 -52.08 -0.47
CA ARG C 214 -20.82 -51.07 -1.12
C ARG C 214 -19.57 -50.74 -0.30
N ASN C 215 -19.48 -51.27 0.92
CA ASN C 215 -18.35 -51.07 1.83
C ASN C 215 -18.16 -49.61 2.21
N LEU C 216 -19.27 -48.97 2.57
CA LEU C 216 -19.27 -47.55 2.91
C LEU C 216 -18.95 -47.31 4.37
N THR C 217 -18.54 -46.08 4.67
CA THR C 217 -18.14 -45.66 6.01
C THR C 217 -19.21 -44.84 6.71
N TYR C 218 -19.93 -44.01 5.96
CA TYR C 218 -20.78 -43.02 6.59
C TYR C 218 -21.79 -42.48 5.60
N GLY C 219 -22.96 -42.12 6.12
CA GLY C 219 -24.06 -41.55 5.33
C GLY C 219 -24.69 -40.38 6.05
N PHE C 220 -25.04 -39.35 5.29
CA PHE C 220 -25.61 -38.12 5.84
C PHE C 220 -26.79 -37.67 4.98
N THR C 221 -27.58 -36.78 5.53
CA THR C 221 -28.64 -36.12 4.78
C THR C 221 -28.46 -34.62 4.61
N ILE C 222 -27.90 -33.93 5.62
CA ILE C 222 -27.85 -32.48 5.66
C ILE C 222 -26.41 -32.03 5.99
N ASN C 223 -25.98 -30.94 5.36
CA ASN C 223 -24.60 -30.45 5.47
C ASN C 223 -24.65 -28.95 5.75
N LEU C 224 -24.15 -28.54 6.92
CA LEU C 224 -24.36 -27.19 7.45
C LEU C 224 -23.09 -26.50 7.89
N PHE C 225 -23.14 -25.17 7.89
CA PHE C 225 -22.18 -24.34 8.62
C PHE C 225 -22.49 -24.39 10.10
N ASP C 226 -21.47 -24.15 10.93
CA ASP C 226 -21.63 -24.10 12.38
C ASP C 226 -21.36 -22.68 12.85
N ASP C 227 -21.63 -22.42 14.13
CA ASP C 227 -21.23 -21.19 14.78
C ASP C 227 -19.73 -21.30 15.09
N PRO C 228 -18.89 -20.46 14.45
CA PRO C 228 -17.45 -20.56 14.71
C PRO C 228 -17.04 -20.33 16.15
N LYS C 229 -17.86 -19.60 16.92
CA LYS C 229 -17.56 -19.34 18.34
C LYS C 229 -17.59 -20.59 19.22
N THR C 230 -18.19 -21.67 18.73
CA THR C 230 -18.20 -22.93 19.45
C THR C 230 -16.92 -23.74 19.26
N VAL C 231 -16.13 -23.40 18.23
CA VAL C 231 -14.99 -24.23 17.80
C VAL C 231 -13.66 -23.49 17.49
N PRO C 232 -13.35 -22.36 18.18
CA PRO C 232 -12.16 -21.60 17.72
C PRO C 232 -10.81 -22.37 17.71
N THR C 233 -10.56 -23.23 18.69
CA THR C 233 -9.31 -23.99 18.68
C THR C 233 -9.40 -25.42 18.14
N LEU C 234 -10.56 -25.80 17.58
CA LEU C 234 -10.73 -27.16 17.08
C LEU C 234 -9.78 -27.49 15.92
N TRP C 235 -9.76 -26.64 14.90
CA TRP C 235 -8.88 -26.86 13.76
C TRP C 235 -7.39 -26.71 14.16
N PRO C 236 -7.04 -25.66 14.94
CA PRO C 236 -5.67 -25.64 15.45
C PRO C 236 -5.26 -26.92 16.16
N GLU C 237 -6.14 -27.46 17.02
CA GLU C 237 -5.84 -28.74 17.69
C GLU C 237 -5.73 -29.91 16.74
N THR C 238 -6.59 -29.91 15.71
CA THR C 238 -6.57 -30.96 14.70
C THR C 238 -5.23 -30.96 13.95
N LYS C 239 -4.77 -29.78 13.56
CA LYS C 239 -3.44 -29.66 12.91
C LYS C 239 -2.30 -30.10 13.79
N LYS C 240 -2.37 -29.80 15.09
CA LYS C 240 -1.39 -30.34 16.03
C LYS C 240 -1.39 -31.88 16.02
N PHE C 241 -2.59 -32.46 16.04
CA PHE C 241 -2.70 -33.91 15.97
C PHE C 241 -2.09 -34.47 14.67
N LEU C 242 -2.43 -33.86 13.53
CA LEU C 242 -1.89 -34.29 12.24
C LEU C 242 -0.38 -34.19 12.14
N ALA C 243 0.18 -33.09 12.68
CA ALA C 243 1.63 -32.92 12.76
C ALA C 243 2.29 -34.06 13.54
N ALA C 244 1.65 -34.50 14.62
CA ALA C 244 2.17 -35.62 15.42
C ALA C 244 1.95 -37.00 14.78
N ASN C 245 1.06 -37.10 13.79
CA ASN C 245 0.71 -38.39 13.16
C ASN C 245 0.55 -38.21 11.65
N PRO C 246 1.65 -37.86 10.96
CA PRO C 246 1.54 -37.49 9.55
C PRO C 246 1.09 -38.61 8.61
N SER C 247 1.26 -39.88 8.98
CA SER C 247 0.77 -41.00 8.14
C SER C 247 -0.75 -41.21 8.22
N TYR C 248 -1.45 -40.53 9.13
CA TYR C 248 -2.89 -40.76 9.32
C TYR C 248 -3.76 -40.15 8.23
N LEU C 249 -3.31 -39.06 7.60
CA LEU C 249 -4.11 -38.38 6.59
C LEU C 249 -4.43 -39.32 5.43
N SER C 250 -5.70 -39.34 5.04
CA SER C 250 -6.19 -40.19 3.96
C SER C 250 -5.72 -39.68 2.60
N SER C 251 -5.51 -40.61 1.66
CA SER C 251 -5.12 -40.24 0.30
C SER C 251 -6.30 -39.74 -0.52
N ASN C 252 -7.53 -40.02 -0.08
CA ASN C 252 -8.72 -39.45 -0.70
C ASN C 252 -9.53 -38.73 0.38
N ASN C 253 -9.11 -37.50 0.68
CA ASN C 253 -9.61 -36.75 1.83
C ASN C 253 -10.47 -35.58 1.39
N MET C 254 -11.05 -34.88 2.36
CA MET C 254 -11.95 -33.76 2.09
C MET C 254 -11.34 -32.42 2.50
N MET C 255 -10.02 -32.30 2.43
CA MET C 255 -9.33 -31.10 2.91
C MET C 255 -9.92 -29.81 2.30
N GLY C 256 -10.24 -29.84 1.01
CA GLY C 256 -10.87 -28.71 0.32
C GLY C 256 -12.16 -28.20 0.95
N TRP C 257 -13.03 -29.13 1.36
CA TRP C 257 -14.27 -28.78 2.05
C TRP C 257 -13.99 -28.29 3.47
N LEU C 258 -13.10 -28.98 4.16
CA LEU C 258 -12.76 -28.65 5.54
C LEU C 258 -12.14 -27.24 5.67
N THR C 259 -11.37 -26.82 4.67
CA THR C 259 -10.67 -25.53 4.72
C THR C 259 -11.25 -24.44 3.82
N ASP C 260 -12.41 -24.70 3.23
CA ASP C 260 -13.02 -23.74 2.30
C ASP C 260 -13.28 -22.39 2.96
N ASP C 261 -12.97 -21.31 2.24
CA ASP C 261 -13.34 -19.95 2.67
C ASP C 261 -14.01 -19.15 1.53
N SER C 262 -14.46 -19.84 0.51
CA SER C 262 -15.00 -19.18 -0.67
C SER C 262 -16.45 -18.76 -0.48
N LEU C 263 -17.19 -19.40 0.43
CA LEU C 263 -18.60 -19.07 0.63
C LEU C 263 -18.80 -18.07 1.75
N ARG C 264 -18.20 -18.34 2.92
CA ARG C 264 -18.38 -17.53 4.13
C ARG C 264 -17.01 -17.34 4.81
N PRO C 265 -16.12 -16.53 4.19
CA PRO C 265 -14.74 -16.37 4.69
C PRO C 265 -14.62 -15.92 6.14
N ASP C 266 -15.57 -15.13 6.64
CA ASP C 266 -15.57 -14.74 8.05
C ASP C 266 -15.74 -15.93 9.01
N HIS C 267 -16.52 -16.93 8.60
CA HIS C 267 -16.61 -18.18 9.38
C HIS C 267 -15.26 -18.87 9.45
N THR C 268 -14.63 -19.04 8.30
CA THR C 268 -13.36 -19.74 8.25
C THR C 268 -12.27 -19.02 9.06
N GLU C 269 -12.24 -17.69 8.97
CA GLU C 269 -11.31 -16.89 9.78
CA GLU C 269 -11.33 -16.85 9.77
C GLU C 269 -11.63 -17.04 11.27
N ALA C 270 -12.90 -16.94 11.65
CA ALA C 270 -13.28 -17.06 13.08
C ALA C 270 -12.96 -18.45 13.67
N ALA C 271 -13.07 -19.49 12.84
CA ALA C 271 -12.71 -20.84 13.26
C ALA C 271 -11.26 -21.21 12.90
N ASN C 272 -10.44 -20.21 12.57
CA ASN C 272 -9.00 -20.39 12.40
C ASN C 272 -8.60 -21.46 11.39
N GLY C 273 -9.25 -21.44 10.23
CA GLY C 273 -8.85 -22.28 9.10
C GLY C 273 -9.87 -23.36 8.74
N TYR C 274 -10.82 -23.62 9.63
CA TYR C 274 -11.88 -24.61 9.39
C TYR C 274 -13.13 -23.90 8.91
N SER C 275 -13.73 -24.41 7.83
CA SER C 275 -14.96 -23.83 7.28
C SER C 275 -16.15 -23.80 8.24
N THR C 276 -16.11 -24.64 9.28
CA THR C 276 -17.21 -24.97 10.19
C THR C 276 -18.25 -25.92 9.57
N CYS C 277 -18.07 -26.32 8.31
CA CYS C 277 -19.04 -27.18 7.67
C CYS C 277 -18.98 -28.59 8.26
N HIS C 278 -20.18 -29.16 8.42
CA HIS C 278 -20.31 -30.47 9.02
C HIS C 278 -21.52 -31.21 8.51
N PHE C 279 -21.42 -32.53 8.52
CA PHE C 279 -22.55 -33.43 8.33
C PHE C 279 -23.40 -33.24 9.58
N TRP C 280 -24.71 -33.09 9.42
CA TRP C 280 -25.55 -32.75 10.57
C TRP C 280 -25.90 -34.02 11.33
N SER C 281 -25.09 -34.30 12.36
CA SER C 281 -24.99 -35.59 13.01
C SER C 281 -26.22 -36.12 13.78
N ASN C 282 -27.25 -35.31 13.97
CA ASN C 282 -28.52 -35.84 14.51
C ASN C 282 -29.05 -37.00 13.65
N PHE C 283 -28.76 -36.98 12.35
CA PHE C 283 -28.90 -38.14 11.47
C PHE C 283 -27.50 -38.65 11.15
N GLU C 284 -27.26 -39.94 11.35
CA GLU C 284 -26.06 -40.59 10.83
C GLU C 284 -26.31 -42.04 10.54
N ILE C 285 -25.76 -42.55 9.44
CA ILE C 285 -25.65 -43.98 9.24
C ILE C 285 -24.16 -44.23 9.09
N GLY C 286 -23.59 -45.05 9.97
CA GLY C 286 -22.15 -45.21 10.00
C GLY C 286 -21.59 -46.56 10.35
N ASP C 287 -20.32 -46.72 9.97
CA ASP C 287 -19.52 -47.88 10.29
C ASP C 287 -18.85 -47.60 11.64
N LEU C 288 -19.27 -48.32 12.68
CA LEU C 288 -18.69 -48.20 14.02
C LEU C 288 -17.20 -48.47 14.01
N ASP C 289 -16.75 -49.37 13.12
CA ASP C 289 -15.33 -49.72 13.06
C ASP C 289 -14.44 -48.62 12.48
N PHE C 290 -15.02 -47.68 11.73
CA PHE C 290 -14.26 -46.47 11.38
C PHE C 290 -13.90 -45.69 12.65
N PHE C 291 -14.89 -45.41 13.48
CA PHE C 291 -14.65 -44.60 14.68
C PHE C 291 -13.79 -45.32 15.72
N ARG C 292 -13.90 -46.65 15.77
CA ARG C 292 -13.06 -47.48 16.63
C ARG C 292 -11.64 -47.60 16.11
N GLY C 293 -11.42 -47.27 14.84
CA GLY C 293 -10.10 -47.39 14.23
C GLY C 293 -9.03 -46.53 14.89
N GLU C 294 -7.79 -46.91 14.63
CA GLU C 294 -6.63 -46.25 15.22
C GLU C 294 -6.64 -44.72 15.02
N GLN C 295 -6.93 -44.30 13.80
CA GLN C 295 -6.81 -42.90 13.40
CA GLN C 295 -6.81 -42.90 13.40
C GLN C 295 -7.88 -42.03 14.06
N TYR C 296 -9.15 -42.35 13.82
CA TYR C 296 -10.23 -41.57 14.44
C TYR C 296 -10.15 -41.57 15.95
N ASP C 297 -9.95 -42.75 16.55
CA ASP C 297 -9.96 -42.82 18.01
C ASP C 297 -8.79 -42.06 18.65
N ALA C 298 -7.61 -42.09 18.02
CA ALA C 298 -6.47 -41.28 18.48
C ALA C 298 -6.80 -39.79 18.36
N TYR C 299 -7.46 -39.41 17.26
CA TYR C 299 -7.92 -38.04 17.09
C TYR C 299 -8.86 -37.63 18.22
N PHE C 300 -9.85 -38.46 18.51
CA PHE C 300 -10.76 -38.17 19.63
C PHE C 300 -10.00 -37.99 20.95
N ASN C 301 -9.08 -38.91 21.24
CA ASN C 301 -8.35 -38.85 22.51
C ASN C 301 -7.50 -37.57 22.62
N HIS C 302 -6.91 -37.15 21.51
CA HIS C 302 -6.21 -35.87 21.45
C HIS C 302 -7.14 -34.71 21.79
N LEU C 303 -8.30 -34.66 21.15
CA LEU C 303 -9.29 -33.60 21.44
C LEU C 303 -9.76 -33.62 22.88
N ASP C 304 -9.92 -34.82 23.43
CA ASP C 304 -10.36 -35.02 24.81
C ASP C 304 -9.35 -34.40 25.78
N ARG C 305 -8.06 -34.62 25.50
CA ARG C 305 -6.97 -34.03 26.29
C ARG C 305 -6.79 -32.51 26.08
N ALA C 306 -7.16 -32.00 24.89
CA ALA C 306 -7.10 -30.56 24.62
C ALA C 306 -8.13 -29.74 25.43
N GLY C 307 -9.24 -30.36 25.83
CA GLY C 307 -10.23 -29.73 26.71
C GLY C 307 -11.39 -28.98 26.06
N GLY C 308 -11.34 -28.80 24.74
CA GLY C 308 -12.34 -27.99 24.05
C GLY C 308 -13.78 -28.48 24.06
N PHE C 309 -14.01 -29.77 24.35
CA PHE C 309 -15.38 -30.25 24.59
C PHE C 309 -16.04 -29.53 25.77
N PHE C 310 -15.24 -29.09 26.73
CA PHE C 310 -15.71 -28.36 27.92
C PHE C 310 -15.34 -26.88 27.96
N TYR C 311 -14.12 -26.54 27.58
CA TYR C 311 -13.69 -25.13 27.56
C TYR C 311 -14.15 -24.35 26.34
N GLU C 312 -14.57 -25.04 25.29
CA GLU C 312 -15.28 -24.42 24.19
C GLU C 312 -16.59 -25.20 24.09
N ARG C 313 -17.24 -25.26 22.93
CA ARG C 313 -18.45 -26.07 22.81
C ARG C 313 -18.38 -26.95 21.55
N TRP C 314 -17.33 -27.75 21.46
CA TRP C 314 -17.11 -28.58 20.26
C TRP C 314 -18.24 -29.59 20.14
N GLY C 315 -19.02 -29.48 19.06
CA GLY C 315 -20.07 -30.44 18.77
C GLY C 315 -19.50 -31.72 18.22
N ASP C 316 -20.24 -32.81 18.39
CA ASP C 316 -19.86 -34.07 17.75
C ASP C 316 -19.96 -34.01 16.24
N ALA C 317 -20.80 -33.13 15.69
CA ALA C 317 -20.92 -33.02 14.22
C ALA C 317 -19.63 -32.52 13.56
N PRO C 318 -19.08 -31.37 14.02
CA PRO C 318 -17.78 -30.97 13.44
C PRO C 318 -16.66 -31.97 13.71
N VAL C 319 -16.66 -32.60 14.88
CA VAL C 319 -15.63 -33.58 15.21
C VAL C 319 -15.71 -34.83 14.33
N HIS C 320 -16.90 -35.39 14.17
CA HIS C 320 -17.10 -36.48 13.19
C HIS C 320 -16.70 -36.07 11.78
N SER C 321 -17.13 -34.88 11.37
CA SER C 321 -16.93 -34.40 10.00
C SER C 321 -15.45 -34.22 9.69
N ILE C 322 -14.70 -33.65 10.62
CA ILE C 322 -13.25 -33.48 10.45
C ILE C 322 -12.57 -34.85 10.42
N GLY C 323 -12.94 -35.72 11.37
CA GLY C 323 -12.41 -37.08 11.40
C GLY C 323 -12.60 -37.85 10.11
N LEU C 324 -13.81 -37.81 9.58
CA LEU C 324 -14.14 -38.43 8.29
C LEU C 324 -13.37 -37.75 7.15
N GLY C 325 -13.38 -36.42 7.16
CA GLY C 325 -12.71 -35.63 6.15
C GLY C 325 -11.21 -35.82 6.08
N LEU C 326 -10.60 -36.21 7.20
CA LEU C 326 -9.15 -36.46 7.25
C LEU C 326 -8.74 -37.93 7.17
N PHE C 327 -9.52 -38.83 7.77
CA PHE C 327 -9.09 -40.23 7.93
C PHE C 327 -9.90 -41.28 7.18
N ALA C 328 -11.05 -40.90 6.62
CA ALA C 328 -11.86 -41.82 5.81
C ALA C 328 -11.52 -41.66 4.34
N ASP C 329 -11.94 -42.64 3.56
CA ASP C 329 -11.90 -42.56 2.11
C ASP C 329 -13.18 -41.85 1.71
N ALA C 330 -13.05 -40.66 1.10
CA ALA C 330 -14.20 -39.82 0.75
C ALA C 330 -15.20 -40.50 -0.18
N ALA C 331 -14.72 -41.45 -0.99
CA ALA C 331 -15.57 -42.26 -1.86
C ALA C 331 -16.53 -43.16 -1.09
N LYS C 332 -16.21 -43.44 0.17
CA LYS C 332 -17.03 -44.26 1.05
C LYS C 332 -17.99 -43.46 1.93
N VAL C 333 -18.13 -42.16 1.67
CA VAL C 333 -19.11 -41.32 2.37
C VAL C 333 -20.20 -41.03 1.35
N HIS C 334 -21.46 -41.18 1.78
CA HIS C 334 -22.61 -41.19 0.88
C HIS C 334 -23.67 -40.20 1.35
N TRP C 335 -24.20 -39.41 0.42
CA TRP C 335 -25.33 -38.53 0.68
C TRP C 335 -26.61 -39.33 0.43
N PHE C 336 -27.36 -39.62 1.51
CA PHE C 336 -28.65 -40.34 1.42
C PHE C 336 -29.75 -39.36 0.99
N ARG C 337 -29.66 -38.90 -0.26
CA ARG C 337 -30.59 -37.91 -0.77
C ARG C 337 -32.03 -38.43 -0.78
N ASP C 338 -32.19 -39.75 -0.92
CA ASP C 338 -33.51 -40.40 -0.96
C ASP C 338 -34.19 -40.57 0.41
N ILE C 339 -33.50 -40.26 1.51
CA ILE C 339 -34.12 -40.31 2.82
C ILE C 339 -34.60 -38.90 3.17
N GLY C 340 -35.91 -38.68 3.04
CA GLY C 340 -36.53 -37.43 3.45
C GLY C 340 -36.40 -37.25 4.94
N TYR C 341 -35.92 -36.10 5.37
CA TYR C 341 -35.54 -35.89 6.77
C TYR C 341 -35.72 -34.45 7.20
N ASN C 342 -36.11 -34.26 8.47
CA ASN C 342 -36.20 -32.94 9.08
C ASN C 342 -35.88 -33.04 10.56
N HIS C 343 -34.93 -32.23 11.00
CA HIS C 343 -34.75 -31.81 12.42
C HIS C 343 -34.86 -30.31 12.29
N ILE C 344 -35.68 -29.69 13.15
CA ILE C 344 -35.89 -28.23 13.08
C ILE C 344 -34.53 -27.51 13.05
N PRO C 345 -34.28 -26.54 12.14
CA PRO C 345 -35.21 -26.02 11.14
C PRO C 345 -34.88 -26.43 9.67
N TYR C 346 -34.13 -27.51 9.48
CA TYR C 346 -33.59 -27.84 8.16
C TYR C 346 -34.12 -29.15 7.60
N TYR C 347 -34.06 -29.28 6.29
CA TYR C 347 -34.67 -30.39 5.57
C TYR C 347 -33.74 -30.97 4.53
N ASN C 348 -33.91 -32.28 4.29
CA ASN C 348 -33.53 -32.93 3.05
C ASN C 348 -34.82 -33.54 2.51
N CYS C 349 -35.44 -32.90 1.51
CA CYS C 349 -36.70 -33.36 0.95
C CYS C 349 -36.54 -33.61 -0.54
N PRO C 350 -36.48 -34.89 -0.96
CA PRO C 350 -36.32 -35.19 -2.38
C PRO C 350 -37.63 -35.22 -3.16
N ASN C 351 -37.54 -34.92 -4.44
CA ASN C 351 -38.67 -35.04 -5.36
C ASN C 351 -38.83 -36.51 -5.75
N SER C 352 -39.75 -37.19 -5.07
CA SER C 352 -39.99 -38.62 -5.25
C SER C 352 -41.44 -38.96 -4.91
N PRO C 353 -42.06 -39.86 -5.68
CA PRO C 353 -43.42 -40.29 -5.33
C PRO C 353 -43.50 -41.08 -4.01
N LYS C 354 -42.37 -41.54 -3.50
CA LYS C 354 -42.33 -42.21 -2.19
C LYS C 354 -42.42 -41.28 -0.98
N CYS C 355 -42.39 -39.95 -1.20
CA CYS C 355 -42.40 -38.96 -0.12
C CYS C 355 -43.70 -38.18 -0.03
N SER C 356 -43.98 -37.65 1.16
CA SER C 356 -45.06 -36.69 1.34
C SER C 356 -44.79 -35.79 2.53
N LYS C 357 -45.55 -34.70 2.62
CA LYS C 357 -45.52 -33.73 3.73
C LYS C 357 -44.27 -32.81 3.79
N CYS C 358 -43.42 -32.84 2.78
CA CYS C 358 -42.31 -31.90 2.69
C CYS C 358 -42.23 -31.33 1.28
N THR C 359 -41.71 -30.11 1.17
CA THR C 359 -41.58 -29.44 -0.12
C THR C 359 -40.22 -29.80 -0.70
N PRO C 360 -40.17 -30.44 -1.89
CA PRO C 360 -38.85 -30.79 -2.42
C PRO C 360 -37.92 -29.60 -2.59
N GLY C 361 -36.66 -29.76 -2.17
CA GLY C 361 -35.66 -28.72 -2.28
C GLY C 361 -35.77 -27.52 -1.36
N GLN C 362 -36.77 -27.47 -0.47
CA GLN C 362 -36.85 -26.42 0.54
CA GLN C 362 -36.83 -26.41 0.53
C GLN C 362 -35.89 -26.80 1.66
N PHE C 363 -34.77 -26.07 1.75
CA PHE C 363 -33.73 -26.34 2.74
C PHE C 363 -34.11 -26.02 4.18
N TYR C 364 -34.87 -24.93 4.37
CA TYR C 364 -35.15 -24.39 5.69
C TYR C 364 -36.61 -23.99 5.85
N ALA C 365 -37.04 -23.90 7.11
CA ALA C 365 -38.33 -23.34 7.48
C ALA C 365 -38.02 -22.32 8.56
N GLY C 366 -38.42 -21.07 8.36
CA GLY C 366 -38.10 -20.00 9.29
C GLY C 366 -37.67 -18.75 8.57
N ALA C 367 -36.88 -17.93 9.24
CA ALA C 367 -36.43 -16.65 8.68
C ALA C 367 -35.52 -16.84 7.46
N PRO C 368 -35.56 -15.89 6.50
CA PRO C 368 -34.76 -16.04 5.26
C PRO C 368 -33.24 -16.11 5.47
N PHE C 369 -32.72 -15.56 6.56
CA PHE C 369 -31.28 -15.66 6.87
C PHE C 369 -30.78 -17.09 7.10
N LEU C 370 -31.69 -18.04 7.33
CA LEU C 370 -31.33 -19.46 7.48
C LEU C 370 -30.80 -20.09 6.19
N ALA C 371 -31.13 -19.51 5.04
CA ALA C 371 -30.63 -19.97 3.74
C ALA C 371 -29.12 -20.08 3.67
N LYS C 372 -28.43 -19.17 4.37
CA LYS C 372 -26.97 -19.12 4.45
C LYS C 372 -26.31 -20.33 5.11
N GLU C 373 -27.08 -21.14 5.84
CA GLU C 373 -26.50 -22.22 6.63
C GLU C 373 -26.24 -23.51 5.86
N ASP C 374 -26.76 -23.62 4.63
CA ASP C 374 -26.49 -24.79 3.79
C ASP C 374 -25.04 -24.79 3.27
N CYS C 375 -24.30 -25.84 3.59
CA CYS C 375 -22.91 -25.98 3.09
C CYS C 375 -22.75 -26.96 1.93
N ARG C 376 -23.85 -27.54 1.44
CA ARG C 376 -23.75 -28.48 0.33
C ARG C 376 -23.09 -27.92 -0.96
N PRO C 377 -23.27 -26.61 -1.27
CA PRO C 377 -22.56 -26.11 -2.47
C PRO C 377 -21.04 -26.27 -2.37
N SER C 378 -20.48 -26.12 -1.17
CA SER C 378 -19.06 -26.41 -0.96
C SER C 378 -18.77 -27.91 -1.00
N TYR C 379 -19.57 -28.70 -0.27
CA TYR C 379 -19.36 -30.14 -0.23
C TYR C 379 -19.47 -30.78 -1.61
N PHE C 380 -20.49 -30.41 -2.36
CA PHE C 380 -20.69 -30.96 -3.70
C PHE C 380 -19.56 -30.57 -4.68
N LYS C 381 -18.99 -29.38 -4.51
CA LYS C 381 -17.85 -28.94 -5.31
C LYS C 381 -16.57 -29.70 -4.95
N HIS C 382 -16.23 -29.75 -3.65
CA HIS C 382 -14.95 -30.31 -3.21
C HIS C 382 -14.91 -31.81 -3.02
N VAL C 383 -16.06 -32.42 -2.74
CA VAL C 383 -16.13 -33.84 -2.44
C VAL C 383 -17.01 -34.58 -3.46
N GLY C 384 -18.24 -34.12 -3.63
CA GLY C 384 -19.13 -34.65 -4.65
C GLY C 384 -20.51 -34.97 -4.13
N MET C 385 -21.32 -35.56 -5.00
CA MET C 385 -22.75 -35.82 -4.74
C MET C 385 -23.09 -37.32 -4.64
N HIS C 386 -22.06 -38.13 -4.54
CA HIS C 386 -22.18 -39.58 -4.49
C HIS C 386 -22.69 -40.06 -3.13
N SER D 17 -12.80 -23.30 -24.22
CA SER D 17 -13.04 -23.29 -25.70
C SER D 17 -14.02 -22.19 -26.10
N HIS D 18 -15.18 -22.18 -25.45
CA HIS D 18 -16.21 -21.14 -25.66
C HIS D 18 -15.92 -19.81 -24.90
N GLY D 19 -14.70 -19.67 -24.34
CA GLY D 19 -14.28 -18.48 -23.63
C GLY D 19 -13.94 -17.29 -24.53
N PRO D 20 -13.48 -16.19 -23.92
CA PRO D 20 -13.17 -14.98 -24.67
C PRO D 20 -11.86 -15.05 -25.46
N SER D 21 -11.84 -14.38 -26.61
CA SER D 21 -10.64 -14.18 -27.42
C SER D 21 -10.15 -12.75 -27.19
N PHE D 22 -8.89 -12.61 -26.78
CA PHE D 22 -8.22 -11.31 -26.62
C PHE D 22 -7.12 -11.16 -27.68
N ILE D 23 -6.93 -9.93 -28.18
CA ILE D 23 -5.87 -9.64 -29.16
C ILE D 23 -4.49 -9.65 -28.48
N GLU D 29 -7.51 -6.65 -24.78
CA GLU D 29 -8.37 -6.23 -25.89
C GLU D 29 -9.33 -7.36 -26.31
N TYR D 30 -10.52 -7.37 -25.72
CA TYR D 30 -11.55 -8.37 -26.01
C TYR D 30 -11.95 -8.31 -27.49
N ASN D 31 -11.99 -9.47 -28.14
CA ASN D 31 -12.31 -9.55 -29.57
C ASN D 31 -13.36 -10.64 -29.91
N GLY D 32 -14.31 -10.87 -29.00
CA GLY D 32 -15.36 -11.87 -29.22
C GLY D 32 -14.99 -13.28 -28.78
N MET D 33 -15.73 -14.24 -29.30
CA MET D 33 -15.59 -15.62 -28.82
C MET D 33 -14.45 -16.32 -29.53
N LYS D 34 -13.77 -17.20 -28.79
CA LYS D 34 -12.63 -17.95 -29.34
C LYS D 34 -13.12 -19.03 -30.31
N ARG D 35 -13.97 -19.92 -29.80
CA ARG D 35 -14.58 -20.97 -30.61
CA ARG D 35 -14.57 -21.00 -30.59
C ARG D 35 -16.08 -20.96 -30.34
N ASP D 36 -16.84 -20.60 -31.35
CA ASP D 36 -18.29 -20.51 -31.22
C ASP D 36 -18.91 -21.92 -31.15
N PRO D 37 -19.71 -22.21 -30.09
CA PRO D 37 -20.45 -23.48 -30.01
C PRO D 37 -21.38 -23.75 -31.18
N LEU D 38 -21.79 -22.69 -31.87
CA LEU D 38 -22.61 -22.83 -33.06
C LEU D 38 -21.92 -23.61 -34.17
N LEU D 39 -20.59 -23.70 -34.13
CA LEU D 39 -19.85 -24.55 -35.08
C LEU D 39 -20.08 -26.04 -34.87
N ASP D 40 -20.40 -26.44 -33.63
CA ASP D 40 -20.67 -27.85 -33.34
C ASP D 40 -21.96 -28.27 -34.04
N PRO D 41 -22.07 -29.56 -34.41
CA PRO D 41 -23.32 -30.02 -35.00
C PRO D 41 -24.48 -29.70 -34.06
N THR D 42 -25.44 -28.94 -34.55
CA THR D 42 -26.47 -28.34 -33.71
C THR D 42 -27.79 -29.02 -34.05
N GLY D 43 -28.34 -29.74 -33.10
CA GLY D 43 -29.59 -30.46 -33.27
C GLY D 43 -30.67 -29.89 -32.37
N GLU D 44 -31.68 -30.72 -32.09
CA GLU D 44 -32.82 -30.35 -31.28
C GLU D 44 -32.50 -30.50 -29.80
N PRO D 45 -33.27 -29.82 -28.93
CA PRO D 45 -33.04 -30.03 -27.50
C PRO D 45 -33.54 -31.41 -27.07
N GLU D 46 -33.14 -31.84 -25.88
CA GLU D 46 -33.48 -33.16 -25.37
C GLU D 46 -34.92 -33.21 -24.87
N GLY D 47 -35.41 -34.43 -24.66
CA GLY D 47 -36.75 -34.68 -24.13
C GLY D 47 -37.82 -34.77 -25.20
N HIS D 48 -39.07 -34.87 -24.77
CA HIS D 48 -40.19 -35.03 -25.68
C HIS D 48 -40.46 -33.72 -26.40
N LEU D 49 -40.69 -33.82 -27.71
CA LEU D 49 -40.97 -32.66 -28.56
C LEU D 49 -42.25 -32.92 -29.35
N TRP D 50 -43.07 -31.88 -29.51
CA TRP D 50 -44.35 -31.99 -30.20
C TRP D 50 -44.21 -31.66 -31.67
N ARG D 51 -44.58 -32.62 -32.52
CA ARG D 51 -44.38 -32.55 -33.97
C ARG D 51 -45.68 -32.17 -34.66
N ALA D 52 -45.56 -31.52 -35.81
CA ALA D 52 -46.72 -31.14 -36.63
C ALA D 52 -47.43 -32.31 -37.31
N ASP D 53 -46.66 -33.35 -37.70
CA ASP D 53 -47.21 -34.53 -38.40
CA ASP D 53 -47.25 -34.49 -38.42
C ASP D 53 -48.05 -35.43 -37.49
N ASP D 54 -47.71 -35.41 -36.20
CA ASP D 54 -48.28 -36.28 -35.15
C ASP D 54 -49.49 -35.73 -34.38
N ASN D 55 -49.83 -34.46 -34.59
CA ASN D 55 -50.84 -33.76 -33.78
C ASN D 55 -51.64 -32.84 -34.65
N ASP D 56 -52.77 -32.36 -34.13
CA ASP D 56 -53.63 -31.44 -34.85
C ASP D 56 -53.15 -29.99 -34.66
N TYR D 57 -52.53 -29.44 -35.70
CA TYR D 57 -52.13 -28.03 -35.73
C TYR D 57 -52.75 -27.33 -36.92
N ALA D 58 -53.91 -27.79 -37.39
CA ALA D 58 -54.60 -27.12 -38.49
C ALA D 58 -55.01 -25.71 -38.05
N PRO D 59 -55.07 -24.76 -39.00
CA PRO D 59 -55.41 -23.37 -38.63
C PRO D 59 -56.70 -23.23 -37.83
N ASN D 60 -57.72 -24.01 -38.20
CA ASN D 60 -58.98 -24.04 -37.46
C ASN D 60 -59.16 -25.43 -36.89
N SER D 61 -59.46 -25.48 -35.60
CA SER D 61 -59.70 -26.74 -34.90
C SER D 61 -60.36 -26.52 -33.55
N ALA D 62 -61.27 -27.42 -33.19
CA ALA D 62 -61.97 -27.35 -31.91
C ALA D 62 -61.10 -27.78 -30.74
N HIS D 63 -60.09 -28.62 -30.99
CA HIS D 63 -59.25 -29.19 -29.92
C HIS D 63 -57.77 -29.19 -30.35
N SER D 64 -57.29 -28.01 -30.70
CA SER D 64 -55.91 -27.77 -31.18
C SER D 64 -54.85 -28.37 -30.28
N ALA D 65 -53.74 -28.80 -30.88
CA ALA D 65 -52.55 -29.17 -30.12
C ALA D 65 -51.78 -27.92 -29.59
N ARG D 66 -52.15 -26.73 -30.07
CA ARG D 66 -51.52 -25.48 -29.65
C ARG D 66 -51.82 -25.11 -28.20
N THR D 67 -50.83 -24.55 -27.52
CA THR D 67 -51.05 -23.98 -26.19
C THR D 67 -51.45 -22.53 -26.34
N ASN D 68 -51.69 -21.85 -25.22
CA ASN D 68 -52.16 -20.45 -25.29
C ASN D 68 -50.96 -19.49 -25.46
N ALA D 69 -50.52 -19.37 -26.72
CA ALA D 69 -49.33 -18.60 -27.10
C ALA D 69 -49.62 -17.88 -28.40
N ALA D 70 -48.93 -16.75 -28.62
CA ALA D 70 -49.04 -16.00 -29.86
C ALA D 70 -47.68 -15.48 -30.32
N LEU D 71 -47.56 -15.28 -31.63
CA LEU D 71 -46.50 -14.50 -32.22
C LEU D 71 -46.95 -13.04 -32.13
N ILE D 72 -46.10 -12.18 -31.57
CA ILE D 72 -46.47 -10.76 -31.43
C ILE D 72 -45.43 -9.85 -32.04
N SER D 73 -45.88 -8.66 -32.44
CA SER D 73 -45.00 -7.68 -33.02
C SER D 73 -45.57 -6.29 -32.82
N LEU D 74 -44.80 -5.43 -32.15
CA LEU D 74 -45.05 -4.01 -32.16
C LEU D 74 -44.45 -3.49 -33.45
N VAL D 75 -45.27 -2.89 -34.30
CA VAL D 75 -44.83 -2.56 -35.65
C VAL D 75 -45.66 -1.40 -36.21
N ARG D 76 -45.05 -0.63 -37.11
CA ARG D 76 -45.69 0.52 -37.76
C ARG D 76 -46.19 0.14 -39.14
N ASN D 77 -47.18 0.90 -39.62
CA ASN D 77 -47.70 0.74 -40.99
C ASN D 77 -46.61 0.89 -42.03
N GLU D 78 -45.70 1.83 -41.80
CA GLU D 78 -44.62 2.13 -42.75
CA GLU D 78 -44.61 2.13 -42.74
C GLU D 78 -43.61 0.97 -42.89
N GLU D 79 -43.62 0.03 -41.94
CA GLU D 79 -42.70 -1.12 -41.93
C GLU D 79 -43.30 -2.40 -42.52
N LEU D 80 -44.42 -2.26 -43.24
CA LEU D 80 -45.16 -3.40 -43.77
C LEU D 80 -44.31 -4.32 -44.64
N GLU D 81 -43.59 -3.76 -45.61
CA GLU D 81 -42.80 -4.59 -46.54
C GLU D 81 -41.74 -5.40 -45.78
N ASP D 82 -41.03 -4.76 -44.86
CA ASP D 82 -40.04 -5.45 -44.03
C ASP D 82 -40.68 -6.49 -43.11
N LEU D 83 -41.87 -6.21 -42.60
CA LEU D 83 -42.62 -7.17 -41.79
C LEU D 83 -43.00 -8.41 -42.60
N ILE D 84 -43.44 -8.19 -43.84
CA ILE D 84 -43.83 -9.31 -44.72
C ILE D 84 -42.64 -10.24 -45.00
N SER D 85 -41.48 -9.65 -45.28
CA SER D 85 -40.25 -10.42 -45.47
C SER D 85 -39.97 -11.30 -44.24
N THR D 86 -40.11 -10.74 -43.05
CA THR D 86 -39.95 -11.49 -41.79
C THR D 86 -41.01 -12.59 -41.62
N MET D 87 -42.28 -12.23 -41.82
CA MET D 87 -43.37 -13.22 -41.78
C MET D 87 -43.10 -14.42 -42.69
N LYS D 88 -42.67 -14.17 -43.92
CA LYS D 88 -42.36 -15.25 -44.87
C LYS D 88 -41.33 -16.22 -44.31
N ASP D 89 -40.26 -15.69 -43.72
CA ASP D 89 -39.22 -16.53 -43.10
C ASP D 89 -39.74 -17.36 -41.93
N LEU D 90 -40.49 -16.73 -41.03
CA LEU D 90 -40.95 -17.42 -39.84
C LEU D 90 -42.03 -18.46 -40.17
N GLU D 91 -42.88 -18.13 -41.14
CA GLU D 91 -43.87 -19.09 -41.64
C GLU D 91 -43.19 -20.28 -42.31
N ARG D 92 -42.31 -20.00 -43.27
CA ARG D 92 -41.59 -21.05 -44.01
C ARG D 92 -40.85 -21.98 -43.04
N THR D 93 -40.13 -21.42 -42.07
CA THR D 93 -39.30 -22.23 -41.19
C THR D 93 -40.05 -22.95 -40.07
N TRP D 94 -41.18 -22.39 -39.62
CA TRP D 94 -41.83 -22.90 -38.43
C TRP D 94 -43.36 -22.82 -38.48
N ASN D 95 -43.92 -21.62 -38.60
CA ASN D 95 -45.34 -21.44 -38.32
C ASN D 95 -46.33 -21.97 -39.38
N SER D 96 -45.86 -22.22 -40.60
CA SER D 96 -46.70 -22.88 -41.60
C SER D 96 -47.11 -24.28 -41.13
N LYS D 97 -46.31 -24.88 -40.25
CA LYS D 97 -46.60 -26.18 -39.66
C LYS D 97 -47.41 -26.13 -38.36
N PHE D 98 -47.27 -25.06 -37.58
CA PHE D 98 -47.91 -24.99 -36.26
C PHE D 98 -49.09 -24.03 -36.19
N ASN D 99 -49.09 -23.00 -37.04
CA ASN D 99 -50.22 -22.09 -37.22
C ASN D 99 -50.67 -21.39 -35.93
N TYR D 100 -49.70 -20.96 -35.12
CA TYR D 100 -49.99 -20.11 -33.97
C TYR D 100 -50.41 -18.73 -34.48
N PRO D 101 -51.29 -18.03 -33.75
CA PRO D 101 -51.77 -16.73 -34.22
C PRO D 101 -50.72 -15.61 -34.16
N TRP D 102 -50.89 -14.63 -35.04
CA TRP D 102 -50.11 -13.38 -35.04
C TRP D 102 -50.96 -12.27 -34.42
N ILE D 103 -50.41 -11.56 -33.44
CA ILE D 103 -51.06 -10.37 -32.86
C ILE D 103 -50.15 -9.17 -33.07
N PHE D 104 -50.60 -8.22 -33.88
CA PHE D 104 -49.84 -7.02 -34.17
C PHE D 104 -50.29 -5.87 -33.29
N PHE D 105 -49.32 -5.08 -32.84
CA PHE D 105 -49.58 -3.93 -31.95
C PHE D 105 -49.03 -2.67 -32.56
N ASN D 106 -49.72 -1.57 -32.31
CA ASN D 106 -49.33 -0.27 -32.86
C ASN D 106 -49.99 0.82 -31.99
N ASP D 107 -49.27 1.90 -31.74
CA ASP D 107 -49.83 3.07 -31.05
C ASP D 107 -50.89 3.76 -31.93
N LYS D 108 -50.72 3.67 -33.25
CA LYS D 108 -51.70 4.17 -34.22
C LYS D 108 -52.52 3.03 -34.82
N PRO D 109 -53.66 3.35 -35.47
CA PRO D 109 -54.45 2.26 -36.06
C PRO D 109 -53.77 1.67 -37.29
N PHE D 110 -53.93 0.36 -37.51
CA PHE D 110 -53.38 -0.29 -38.71
C PHE D 110 -54.26 0.00 -39.92
N THR D 111 -53.63 0.20 -41.08
CA THR D 111 -54.36 0.40 -42.34
C THR D 111 -54.96 -0.91 -42.84
N GLU D 112 -55.88 -0.81 -43.79
CA GLU D 112 -56.47 -1.98 -44.42
C GLU D 112 -55.46 -2.74 -45.28
N GLU D 113 -54.57 -2.03 -45.97
CA GLU D 113 -53.49 -2.66 -46.73
C GLU D 113 -52.56 -3.48 -45.81
N PHE D 114 -52.26 -2.96 -44.61
CA PHE D 114 -51.50 -3.71 -43.59
C PHE D 114 -52.19 -5.03 -43.24
N LYS D 115 -53.49 -4.95 -42.95
CA LYS D 115 -54.28 -6.12 -42.55
C LYS D 115 -54.38 -7.16 -43.66
N LYS D 116 -54.58 -6.69 -44.89
CA LYS D 116 -54.69 -7.53 -46.07
C LYS D 116 -53.36 -8.24 -46.35
N ARG D 117 -52.29 -7.45 -46.43
CA ARG D 117 -50.97 -7.99 -46.79
C ARG D 117 -50.44 -8.98 -45.75
N THR D 118 -50.63 -8.68 -44.46
CA THR D 118 -50.16 -9.59 -43.39
C THR D 118 -50.96 -10.88 -43.32
N GLN D 119 -52.29 -10.79 -43.38
CA GLN D 119 -53.14 -12.00 -43.34
C GLN D 119 -52.88 -12.92 -44.54
N ALA D 120 -52.48 -12.35 -45.68
CA ALA D 120 -52.13 -13.11 -46.87
C ALA D 120 -50.89 -14.00 -46.73
N GLU D 121 -50.05 -13.75 -45.72
CA GLU D 121 -48.81 -14.52 -45.51
C GLU D 121 -48.91 -15.67 -44.53
N THR D 122 -50.09 -15.95 -44.00
CA THR D 122 -50.24 -16.96 -42.97
C THR D 122 -51.63 -17.58 -43.06
N LYS D 123 -51.71 -18.87 -42.72
CA LYS D 123 -52.99 -19.57 -42.57
C LYS D 123 -53.59 -19.35 -41.19
N ALA D 124 -52.76 -18.93 -40.24
CA ALA D 124 -53.21 -18.69 -38.87
C ALA D 124 -54.00 -17.39 -38.79
N LYS D 125 -54.73 -17.21 -37.71
CA LYS D 125 -55.51 -15.99 -37.48
C LYS D 125 -54.60 -14.82 -37.14
N CYS D 126 -54.91 -13.66 -37.71
CA CYS D 126 -54.20 -12.42 -37.41
C CYS D 126 -55.11 -11.50 -36.62
N TYR D 127 -54.55 -10.80 -35.64
CA TYR D 127 -55.25 -9.80 -34.83
C TYR D 127 -54.49 -8.49 -34.88
N TYR D 128 -55.24 -7.40 -34.82
CA TYR D 128 -54.71 -6.07 -35.03
C TYR D 128 -55.16 -5.21 -33.85
N GLU D 129 -54.20 -4.82 -33.01
CA GLU D 129 -54.47 -4.19 -31.73
C GLU D 129 -53.84 -2.83 -31.66
N GLN D 130 -54.49 -1.92 -30.93
CA GLN D 130 -53.95 -0.59 -30.70
C GLN D 130 -53.49 -0.53 -29.27
N VAL D 131 -52.35 0.11 -29.03
CA VAL D 131 -51.84 0.30 -27.68
C VAL D 131 -52.66 1.42 -27.07
N PRO D 132 -53.26 1.20 -25.89
CA PRO D 132 -54.00 2.32 -25.27
C PRO D 132 -53.09 3.49 -24.88
N LYS D 133 -53.66 4.69 -24.88
CA LYS D 133 -52.94 5.93 -24.52
C LYS D 133 -52.19 5.82 -23.21
N GLU D 134 -52.83 5.24 -22.20
CA GLU D 134 -52.22 5.11 -20.88
C GLU D 134 -51.01 4.15 -20.86
N HIS D 135 -50.89 3.28 -21.88
CA HIS D 135 -49.72 2.41 -22.05
C HIS D 135 -48.63 2.98 -22.97
N TRP D 136 -48.89 4.14 -23.58
CA TRP D 136 -47.99 4.71 -24.58
C TRP D 136 -47.53 6.14 -24.27
N ASP D 137 -48.44 7.01 -23.83
CA ASP D 137 -48.09 8.37 -23.44
C ASP D 137 -47.12 8.30 -22.28
N PRO D 138 -46.14 9.23 -22.23
CA PRO D 138 -45.30 9.28 -21.03
C PRO D 138 -46.14 9.54 -19.79
N PRO D 139 -45.78 8.93 -18.64
CA PRO D 139 -46.59 9.18 -17.45
C PRO D 139 -46.55 10.64 -16.97
N GLU D 140 -47.56 11.01 -16.16
CA GLU D 140 -47.78 12.41 -15.75
C GLU D 140 -46.60 13.01 -15.00
N TRP D 141 -45.88 12.18 -14.27
CA TRP D 141 -44.73 12.65 -13.50
C TRP D 141 -43.46 12.94 -14.31
N ILE D 142 -43.45 12.61 -15.61
CA ILE D 142 -42.30 12.91 -16.47
C ILE D 142 -42.37 14.35 -16.97
N ASN D 143 -41.32 15.11 -16.69
CA ASN D 143 -41.21 16.48 -17.17
C ASN D 143 -40.63 16.49 -18.59
N MET D 144 -41.40 16.97 -19.57
CA MET D 144 -40.99 16.88 -20.97
C MET D 144 -39.82 17.80 -21.31
N GLU D 145 -39.67 18.92 -20.59
CA GLU D 145 -38.51 19.78 -20.77
C GLU D 145 -37.22 19.05 -20.35
N LEU D 146 -37.25 18.36 -19.21
CA LEU D 146 -36.10 17.53 -18.78
C LEU D 146 -35.81 16.43 -19.81
N PHE D 147 -36.86 15.78 -20.30
CA PHE D 147 -36.70 14.81 -21.38
C PHE D 147 -35.95 15.40 -22.58
N ARG D 148 -36.40 16.57 -23.05
CA ARG D 148 -35.78 17.20 -24.24
C ARG D 148 -34.31 17.56 -24.03
N GLU D 149 -33.97 18.06 -22.84
CA GLU D 149 -32.59 18.42 -22.53
C GLU D 149 -31.67 17.19 -22.49
N SER D 150 -32.14 16.12 -21.86
CA SER D 150 -31.40 14.86 -21.81
C SER D 150 -31.23 14.26 -23.20
N ALA D 151 -32.30 14.34 -23.97
CA ALA D 151 -32.32 13.83 -25.35
C ALA D 151 -31.33 14.56 -26.26
N ALA D 152 -31.20 15.88 -26.07
CA ALA D 152 -30.23 16.68 -26.84
C ALA D 152 -28.79 16.21 -26.59
N ILE D 153 -28.47 15.91 -25.33
CA ILE D 153 -27.13 15.44 -24.95
C ILE D 153 -26.84 14.06 -25.54
N LEU D 154 -27.79 13.15 -25.46
CA LEU D 154 -27.59 11.79 -25.97
C LEU D 154 -27.46 11.80 -27.49
N THR D 155 -28.27 12.62 -28.14
CA THR D 155 -28.12 12.87 -29.58
C THR D 155 -26.70 13.32 -29.96
N GLU D 156 -26.15 14.30 -29.23
CA GLU D 156 -24.78 14.78 -29.48
CA GLU D 156 -24.78 14.75 -29.55
C GLU D 156 -23.75 13.67 -29.23
N GLN D 157 -23.96 12.89 -28.17
CA GLN D 157 -22.94 11.90 -27.74
C GLN D 157 -22.95 10.57 -28.48
N LYS D 158 -24.14 10.05 -28.78
CA LYS D 158 -24.29 8.65 -29.18
C LYS D 158 -24.10 8.44 -30.68
N ILE D 159 -23.24 7.47 -31.00
CA ILE D 159 -22.91 7.13 -32.38
C ILE D 159 -24.16 6.72 -33.17
N GLN D 160 -24.31 7.30 -34.35
CA GLN D 160 -25.37 6.97 -35.31
C GLN D 160 -26.73 6.93 -34.64
N TYR D 161 -27.03 8.01 -33.93
CA TYR D 161 -28.20 8.09 -33.06
C TYR D 161 -28.64 9.53 -32.93
N SER D 162 -29.93 9.73 -33.23
CA SER D 162 -30.65 10.97 -33.02
C SER D 162 -31.92 10.61 -32.26
N ASP D 163 -32.15 11.27 -31.12
CA ASP D 163 -33.16 10.82 -30.18
C ASP D 163 -34.57 11.05 -30.70
N LYS D 164 -35.44 10.07 -30.48
CA LYS D 164 -36.88 10.17 -30.77
C LYS D 164 -37.66 9.74 -29.54
N LEU D 165 -38.63 10.55 -29.13
CA LEU D 165 -39.52 10.20 -28.02
C LEU D 165 -40.15 8.82 -28.19
N SER D 166 -40.58 8.52 -29.42
CA SER D 166 -41.22 7.23 -29.72
C SER D 166 -40.34 6.02 -29.37
N TYR D 167 -39.03 6.16 -29.50
CA TYR D 167 -38.11 5.08 -29.16
C TYR D 167 -38.18 4.79 -27.66
N HIS D 168 -38.24 5.86 -26.85
CA HIS D 168 -38.37 5.72 -25.41
C HIS D 168 -39.70 5.09 -25.03
N GLN D 169 -40.76 5.49 -25.72
CA GLN D 169 -42.09 4.93 -25.49
C GLN D 169 -42.13 3.44 -25.84
N MET D 170 -41.51 3.06 -26.95
CA MET D 170 -41.36 1.64 -27.34
C MET D 170 -40.63 0.83 -26.27
N CYS D 171 -39.51 1.35 -25.78
CA CYS D 171 -38.75 0.67 -24.71
C CYS D 171 -39.59 0.47 -23.45
N ARG D 172 -40.28 1.53 -23.03
CA ARG D 172 -41.18 1.43 -21.89
C ARG D 172 -42.31 0.43 -22.14
N TRP D 173 -42.86 0.43 -23.34
CA TRP D 173 -43.96 -0.49 -23.67
C TRP D 173 -43.50 -1.96 -23.58
N ASN D 174 -42.37 -2.27 -24.23
CA ASN D 174 -41.82 -3.63 -24.13
C ASN D 174 -41.37 -3.99 -22.71
N SER D 175 -40.95 -3.00 -21.92
CA SER D 175 -40.48 -3.28 -20.56
C SER D 175 -41.61 -3.57 -19.57
N GLY D 176 -42.74 -2.87 -19.70
CA GLY D 176 -43.79 -2.93 -18.69
C GLY D 176 -45.25 -3.02 -19.11
N MET D 177 -45.54 -2.78 -20.38
CA MET D 177 -46.94 -2.61 -20.82
C MET D 177 -47.47 -3.71 -21.74
N PHE D 178 -46.61 -4.36 -22.54
CA PHE D 178 -47.12 -5.36 -23.49
C PHE D 178 -47.87 -6.49 -22.80
N TYR D 179 -47.36 -6.93 -21.66
CA TYR D 179 -47.98 -8.00 -20.89
C TYR D 179 -49.24 -7.57 -20.12
N LYS D 180 -49.59 -6.29 -20.14
CA LYS D 180 -50.83 -5.77 -19.59
C LYS D 180 -51.87 -5.45 -20.67
N HIS D 181 -51.56 -5.65 -21.95
CA HIS D 181 -52.53 -5.36 -23.00
C HIS D 181 -53.69 -6.37 -22.93
N PRO D 182 -54.96 -5.89 -22.97
CA PRO D 182 -56.10 -6.80 -22.87
C PRO D 182 -56.10 -7.98 -23.86
N ALA D 183 -55.76 -7.72 -25.12
CA ALA D 183 -55.55 -8.77 -26.13
C ALA D 183 -54.71 -9.98 -25.70
N LEU D 184 -53.75 -9.80 -24.78
CA LEU D 184 -52.94 -10.91 -24.31
C LEU D 184 -53.41 -11.55 -22.99
N LYS D 185 -54.57 -11.13 -22.46
CA LYS D 185 -55.00 -11.60 -21.12
C LYS D 185 -55.07 -13.10 -20.94
N ASN D 186 -55.54 -13.82 -21.96
CA ASN D 186 -55.67 -15.28 -21.87
C ASN D 186 -54.47 -16.05 -22.45
N TYR D 187 -53.41 -15.35 -22.83
CA TYR D 187 -52.19 -15.98 -23.34
C TYR D 187 -51.15 -16.07 -22.23
N LYS D 188 -50.38 -17.15 -22.25
CA LYS D 188 -49.27 -17.34 -21.32
C LYS D 188 -47.88 -17.14 -21.97
N TYR D 189 -47.74 -17.50 -23.25
CA TYR D 189 -46.45 -17.38 -23.95
C TYR D 189 -46.54 -16.49 -25.16
N TYR D 190 -45.43 -15.80 -25.44
CA TYR D 190 -45.32 -14.95 -26.60
C TYR D 190 -43.97 -15.21 -27.30
N TRP D 191 -43.96 -14.97 -28.60
CA TRP D 191 -42.75 -14.93 -29.40
C TRP D 191 -42.76 -13.56 -30.04
N ARG D 192 -41.90 -12.67 -29.55
CA ARG D 192 -41.73 -11.34 -30.13
C ARG D 192 -40.92 -11.37 -31.42
N VAL D 193 -41.44 -10.70 -32.44
CA VAL D 193 -40.88 -10.65 -33.76
C VAL D 193 -40.81 -9.18 -34.18
N GLU D 194 -39.70 -8.80 -34.82
CA GLU D 194 -39.56 -7.44 -35.36
C GLU D 194 -39.54 -7.51 -36.87
N PRO D 195 -39.90 -6.39 -37.52
CA PRO D 195 -39.71 -6.32 -38.97
C PRO D 195 -38.24 -6.31 -39.37
N LYS D 196 -37.97 -6.77 -40.58
CA LYS D 196 -36.63 -6.78 -41.17
C LYS D 196 -35.67 -7.80 -40.53
N VAL D 197 -36.19 -8.86 -39.89
CA VAL D 197 -35.33 -9.93 -39.36
C VAL D 197 -35.44 -11.18 -40.23
N GLN D 198 -34.41 -12.03 -40.19
CA GLN D 198 -34.39 -13.28 -40.92
C GLN D 198 -34.37 -14.48 -39.99
N PHE D 199 -35.00 -15.56 -40.44
CA PHE D 199 -34.93 -16.85 -39.80
C PHE D 199 -34.37 -17.80 -40.85
N PHE D 200 -33.34 -18.57 -40.48
CA PHE D 200 -32.56 -19.35 -41.45
C PHE D 200 -32.80 -20.85 -41.40
N CYS D 201 -33.36 -21.37 -40.31
CA CYS D 201 -33.40 -22.81 -40.07
C CYS D 201 -34.81 -23.34 -39.89
N ASN D 202 -35.13 -24.45 -40.56
CA ASN D 202 -36.35 -25.19 -40.24
C ASN D 202 -36.31 -25.65 -38.78
N VAL D 203 -37.41 -25.40 -38.07
CA VAL D 203 -37.60 -25.87 -36.70
C VAL D 203 -38.84 -26.77 -36.74
N ASP D 204 -38.66 -28.03 -36.32
CA ASP D 204 -39.68 -29.06 -36.49
C ASP D 204 -40.33 -29.52 -35.20
N TYR D 205 -40.30 -28.67 -34.17
CA TYR D 205 -41.04 -28.91 -32.94
C TYR D 205 -41.72 -27.63 -32.50
N ASP D 206 -42.73 -27.80 -31.64
CA ASP D 206 -43.53 -26.70 -31.13
C ASP D 206 -42.71 -26.04 -30.02
N VAL D 207 -42.12 -24.89 -30.32
CA VAL D 207 -41.24 -24.19 -29.36
C VAL D 207 -42.01 -23.72 -28.12
N PHE D 208 -43.27 -23.32 -28.29
CA PHE D 208 -44.10 -22.89 -27.16
C PHE D 208 -44.38 -24.02 -26.17
N ARG D 209 -44.69 -25.21 -26.68
CA ARG D 209 -44.88 -26.39 -25.82
C ARG D 209 -43.57 -26.92 -25.27
N PHE D 210 -42.49 -26.73 -26.01
CA PHE D 210 -41.15 -26.94 -25.45
C PHE D 210 -40.97 -26.10 -24.15
N MET D 211 -41.32 -24.82 -24.21
CA MET D 211 -41.26 -23.92 -23.04
C MET D 211 -42.17 -24.43 -21.90
N GLU D 212 -43.44 -24.68 -22.27
CA GLU D 212 -44.46 -25.15 -21.32
C GLU D 212 -44.09 -26.45 -20.60
N ASP D 213 -43.64 -27.47 -21.34
CA ASP D 213 -43.33 -28.76 -20.72
C ASP D 213 -42.16 -28.70 -19.76
N ARG D 214 -41.25 -27.73 -19.95
CA ARG D 214 -40.11 -27.58 -19.07
C ARG D 214 -40.24 -26.40 -18.11
N ASN D 215 -41.42 -25.77 -18.08
CA ASN D 215 -41.68 -24.61 -17.22
C ASN D 215 -40.65 -23.48 -17.43
N LEU D 216 -40.26 -23.27 -18.69
CA LEU D 216 -39.25 -22.26 -19.02
C LEU D 216 -39.86 -20.88 -18.99
N THR D 217 -39.03 -19.91 -18.63
CA THR D 217 -39.43 -18.52 -18.47
C THR D 217 -39.10 -17.68 -19.72
N TYR D 218 -37.95 -17.96 -20.37
CA TYR D 218 -37.46 -17.06 -21.40
C TYR D 218 -36.48 -17.77 -22.30
N GLY D 219 -36.52 -17.41 -23.58
CA GLY D 219 -35.64 -17.95 -24.59
C GLY D 219 -35.07 -16.81 -25.41
N PHE D 220 -33.77 -16.93 -25.73
CA PHE D 220 -33.04 -15.92 -26.48
C PHE D 220 -32.17 -16.56 -27.56
N THR D 221 -31.73 -15.76 -28.53
CA THR D 221 -30.76 -16.21 -29.56
C THR D 221 -29.40 -15.52 -29.47
N ILE D 222 -29.38 -14.24 -29.10
CA ILE D 222 -28.18 -13.38 -29.18
C ILE D 222 -28.03 -12.65 -27.84
N ASN D 223 -26.78 -12.42 -27.42
CA ASN D 223 -26.47 -11.84 -26.12
C ASN D 223 -25.37 -10.80 -26.35
N LEU D 224 -25.69 -9.53 -26.08
CA LEU D 224 -24.85 -8.41 -26.48
C LEU D 224 -24.45 -7.50 -25.35
N PHE D 225 -23.34 -6.79 -25.52
CA PHE D 225 -23.06 -5.59 -24.73
C PHE D 225 -23.97 -4.46 -25.19
N ASP D 226 -24.28 -3.53 -24.30
CA ASP D 226 -25.05 -2.33 -24.65
C ASP D 226 -24.15 -1.10 -24.54
N ASP D 227 -24.70 0.03 -24.96
CA ASP D 227 -24.08 1.34 -24.82
C ASP D 227 -24.33 1.83 -23.40
N PRO D 228 -23.26 1.96 -22.59
CA PRO D 228 -23.44 2.42 -21.20
C PRO D 228 -24.12 3.78 -21.07
N LYS D 229 -23.94 4.65 -22.06
CA LYS D 229 -24.56 5.97 -22.05
C LYS D 229 -26.08 5.94 -22.04
N THR D 230 -26.66 4.82 -22.46
CA THR D 230 -28.12 4.67 -22.41
C THR D 230 -28.64 4.27 -21.04
N VAL D 231 -27.76 3.78 -20.16
CA VAL D 231 -28.19 3.15 -18.90
C VAL D 231 -27.39 3.53 -17.66
N PRO D 232 -26.84 4.75 -17.59
CA PRO D 232 -25.94 5.01 -16.46
C PRO D 232 -26.52 4.82 -15.04
N THR D 233 -27.79 5.17 -14.80
CA THR D 233 -28.37 4.99 -13.46
C THR D 233 -29.27 3.76 -13.32
N LEU D 234 -29.31 2.90 -14.34
CA LEU D 234 -30.17 1.71 -14.31
C LEU D 234 -29.76 0.76 -13.18
N TRP D 235 -28.47 0.41 -13.12
CA TRP D 235 -27.99 -0.48 -12.08
C TRP D 235 -28.10 0.14 -10.68
N PRO D 236 -27.70 1.43 -10.52
CA PRO D 236 -27.95 2.09 -9.24
C PRO D 236 -29.42 2.02 -8.79
N GLU D 237 -30.34 2.30 -9.70
CA GLU D 237 -31.77 2.24 -9.38
C GLU D 237 -32.22 0.81 -9.06
N THR D 238 -31.64 -0.15 -9.77
CA THR D 238 -31.90 -1.56 -9.53
C THR D 238 -31.48 -1.97 -8.11
N LYS D 239 -30.29 -1.56 -7.70
CA LYS D 239 -29.83 -1.82 -6.34
C LYS D 239 -30.70 -1.15 -5.26
N LYS D 240 -31.22 0.05 -5.54
CA LYS D 240 -32.16 0.71 -4.62
C LYS D 240 -33.45 -0.15 -4.46
N PHE D 241 -33.99 -0.61 -5.58
CA PHE D 241 -35.12 -1.52 -5.56
C PHE D 241 -34.86 -2.81 -4.76
N LEU D 242 -33.69 -3.42 -4.95
CA LEU D 242 -33.34 -4.66 -4.25
C LEU D 242 -33.21 -4.44 -2.74
N ALA D 243 -32.61 -3.31 -2.34
CA ALA D 243 -32.47 -2.95 -0.93
C ALA D 243 -33.85 -2.79 -0.26
N ALA D 244 -34.82 -2.23 -0.98
CA ALA D 244 -36.18 -2.09 -0.46
C ALA D 244 -37.00 -3.40 -0.48
N ASN D 245 -36.59 -4.40 -1.27
CA ASN D 245 -37.33 -5.65 -1.44
C ASN D 245 -36.37 -6.85 -1.41
N PRO D 246 -35.72 -7.10 -0.26
CA PRO D 246 -34.70 -8.14 -0.16
C PRO D 246 -35.15 -9.59 -0.39
N SER D 247 -36.45 -9.87 -0.30
CA SER D 247 -36.96 -11.22 -0.54
C SER D 247 -37.16 -11.54 -2.03
N TYR D 248 -37.02 -10.56 -2.90
CA TYR D 248 -37.33 -10.76 -4.33
C TYR D 248 -36.23 -11.47 -5.11
N LEU D 249 -34.97 -11.30 -4.72
CA LEU D 249 -33.84 -11.92 -5.41
C LEU D 249 -33.98 -13.45 -5.41
N SER D 250 -33.89 -14.04 -6.60
CA SER D 250 -33.96 -15.51 -6.75
C SER D 250 -32.66 -16.16 -6.29
N SER D 251 -32.71 -17.44 -5.95
CA SER D 251 -31.53 -18.21 -5.56
CA SER D 251 -31.51 -18.17 -5.55
C SER D 251 -30.64 -18.46 -6.77
N ASN D 252 -31.24 -18.95 -7.85
CA ASN D 252 -30.52 -19.24 -9.09
C ASN D 252 -30.53 -17.98 -9.95
N ASN D 253 -29.78 -16.99 -9.49
CA ASN D 253 -29.74 -15.66 -10.10
C ASN D 253 -28.50 -15.52 -10.98
N MET D 254 -28.47 -14.49 -11.80
CA MET D 254 -27.38 -14.23 -12.73
C MET D 254 -26.48 -13.07 -12.28
N MET D 255 -26.31 -12.89 -10.96
CA MET D 255 -25.53 -11.76 -10.44
C MET D 255 -24.12 -11.69 -11.03
N GLY D 256 -23.47 -12.84 -11.20
CA GLY D 256 -22.15 -12.91 -11.80
C GLY D 256 -22.07 -12.34 -13.21
N TRP D 257 -23.08 -12.65 -14.03
CA TRP D 257 -23.17 -12.14 -15.39
C TRP D 257 -23.53 -10.66 -15.38
N LEU D 258 -24.53 -10.29 -14.58
CA LEU D 258 -24.99 -8.89 -14.52
C LEU D 258 -23.90 -7.92 -14.08
N THR D 259 -22.99 -8.38 -13.21
CA THR D 259 -21.97 -7.51 -12.64
C THR D 259 -20.56 -7.84 -13.15
N ASP D 260 -20.45 -8.64 -14.20
CA ASP D 260 -19.15 -9.01 -14.76
C ASP D 260 -18.37 -7.79 -15.26
N ASP D 261 -17.07 -7.76 -14.97
CA ASP D 261 -16.17 -6.75 -15.53
C ASP D 261 -14.89 -7.36 -16.14
N SER D 262 -14.93 -8.66 -16.42
CA SER D 262 -13.74 -9.38 -16.86
C SER D 262 -13.46 -9.24 -18.36
N LEU D 263 -14.48 -8.92 -19.17
CA LEU D 263 -14.28 -8.76 -20.62
C LEU D 263 -14.09 -7.33 -21.06
N ARG D 264 -14.97 -6.45 -20.60
CA ARG D 264 -14.96 -5.05 -21.00
C ARG D 264 -15.20 -4.21 -19.74
N PRO D 265 -14.19 -4.16 -18.85
CA PRO D 265 -14.33 -3.45 -17.56
C PRO D 265 -14.75 -1.98 -17.70
N ASP D 266 -14.33 -1.36 -18.79
CA ASP D 266 -14.76 -0.02 -19.23
CA ASP D 266 -14.75 0.01 -19.07
C ASP D 266 -16.28 0.15 -19.21
N HIS D 267 -16.97 -0.83 -19.80
CA HIS D 267 -18.43 -0.80 -19.87
C HIS D 267 -19.04 -0.86 -18.49
N THR D 268 -18.54 -1.77 -17.67
CA THR D 268 -19.08 -2.01 -16.34
C THR D 268 -18.93 -0.77 -15.47
N GLU D 269 -17.78 -0.09 -15.59
CA GLU D 269 -17.56 1.16 -14.85
C GLU D 269 -18.48 2.27 -15.35
N ALA D 270 -18.60 2.43 -16.66
CA ALA D 270 -19.45 3.48 -17.23
C ALA D 270 -20.95 3.29 -16.92
N ALA D 271 -21.37 2.04 -16.77
CA ALA D 271 -22.75 1.71 -16.37
C ALA D 271 -22.86 1.48 -14.85
N ASN D 272 -21.85 1.90 -14.10
CA ASN D 272 -21.92 1.92 -12.65
C ASN D 272 -22.26 0.57 -12.02
N GLY D 273 -21.62 -0.47 -12.52
CA GLY D 273 -21.62 -1.80 -11.91
C GLY D 273 -22.38 -2.87 -12.69
N TYR D 274 -23.11 -2.47 -13.73
CA TYR D 274 -23.80 -3.41 -14.60
C TYR D 274 -22.92 -3.64 -15.83
N SER D 275 -22.76 -4.90 -16.23
CA SER D 275 -21.94 -5.26 -17.40
C SER D 275 -22.45 -4.67 -18.72
N THR D 276 -23.73 -4.28 -18.72
CA THR D 276 -24.51 -3.92 -19.91
C THR D 276 -24.93 -5.10 -20.78
N CYS D 277 -24.54 -6.33 -20.40
CA CYS D 277 -24.92 -7.47 -21.21
C CYS D 277 -26.42 -7.71 -21.10
N HIS D 278 -27.00 -8.09 -22.22
CA HIS D 278 -28.44 -8.31 -22.31
C HIS D 278 -28.76 -9.34 -23.37
N PHE D 279 -29.86 -10.04 -23.15
CA PHE D 279 -30.48 -10.84 -24.21
C PHE D 279 -31.02 -9.87 -25.24
N TRP D 280 -30.78 -10.12 -26.53
CA TRP D 280 -31.13 -9.14 -27.54
C TRP D 280 -32.61 -9.24 -27.92
N SER D 281 -33.41 -8.40 -27.27
CA SER D 281 -34.85 -8.58 -27.12
C SER D 281 -35.70 -8.41 -28.39
N ASN D 282 -35.12 -7.98 -29.51
CA ASN D 282 -35.86 -8.06 -30.79
C ASN D 282 -36.36 -9.48 -31.07
N PHE D 283 -35.64 -10.49 -30.57
CA PHE D 283 -36.11 -11.87 -30.48
C PHE D 283 -36.36 -12.18 -29.02
N GLU D 284 -37.54 -12.68 -28.70
CA GLU D 284 -37.85 -13.22 -27.39
C GLU D 284 -38.91 -14.28 -27.53
N ILE D 285 -38.75 -15.37 -26.79
CA ILE D 285 -39.84 -16.31 -26.51
C ILE D 285 -39.98 -16.34 -24.99
N GLY D 286 -41.11 -15.91 -24.46
CA GLY D 286 -41.23 -15.69 -23.03
C GLY D 286 -42.55 -16.09 -22.39
N ASP D 287 -42.47 -16.30 -21.08
CA ASP D 287 -43.61 -16.54 -20.22
C ASP D 287 -44.13 -15.17 -19.75
N LEU D 288 -45.30 -14.78 -20.26
CA LEU D 288 -45.96 -13.52 -19.86
C LEU D 288 -46.22 -13.44 -18.36
N ASP D 289 -46.46 -14.57 -17.71
CA ASP D 289 -46.75 -14.58 -16.28
C ASP D 289 -45.53 -14.26 -15.42
N PHE D 290 -44.32 -14.47 -15.95
CA PHE D 290 -43.13 -14.00 -15.24
C PHE D 290 -43.17 -12.48 -15.13
N PHE D 291 -43.39 -11.80 -16.25
CA PHE D 291 -43.36 -10.35 -16.29
C PHE D 291 -44.55 -9.74 -15.51
N ARG D 292 -45.70 -10.42 -15.56
CA ARG D 292 -46.88 -10.08 -14.75
C ARG D 292 -46.69 -10.33 -13.25
N GLY D 293 -45.72 -11.16 -12.88
CA GLY D 293 -45.45 -11.51 -11.50
C GLY D 293 -45.12 -10.32 -10.61
N GLU D 294 -45.27 -10.54 -9.31
CA GLU D 294 -45.06 -9.49 -8.33
C GLU D 294 -43.69 -8.86 -8.45
N GLN D 295 -42.66 -9.69 -8.58
CA GLN D 295 -41.28 -9.22 -8.52
C GLN D 295 -40.94 -8.37 -9.73
N TYR D 296 -41.15 -8.89 -10.94
CA TYR D 296 -40.77 -8.16 -12.14
C TYR D 296 -41.59 -6.89 -12.28
N ASP D 297 -42.90 -7.01 -12.08
CA ASP D 297 -43.76 -5.87 -12.30
C ASP D 297 -43.49 -4.74 -11.29
N ALA D 298 -43.19 -5.10 -10.05
CA ALA D 298 -42.76 -4.08 -9.07
C ALA D 298 -41.43 -3.42 -9.49
N TYR D 299 -40.51 -4.19 -10.05
CA TYR D 299 -39.26 -3.67 -10.60
C TYR D 299 -39.54 -2.68 -11.74
N PHE D 300 -40.37 -3.08 -12.70
CA PHE D 300 -40.75 -2.14 -13.75
C PHE D 300 -41.32 -0.84 -13.18
N ASN D 301 -42.22 -0.94 -12.21
CA ASN D 301 -42.88 0.25 -11.66
C ASN D 301 -41.90 1.16 -10.94
N HIS D 302 -40.92 0.56 -10.24
CA HIS D 302 -39.85 1.32 -9.63
C HIS D 302 -39.07 2.12 -10.71
N LEU D 303 -38.69 1.44 -11.78
CA LEU D 303 -37.98 2.06 -12.88
C LEU D 303 -38.81 3.17 -13.56
N ASP D 304 -40.10 2.88 -13.71
CA ASP D 304 -41.04 3.86 -14.31
C ASP D 304 -41.11 5.16 -13.50
N ARG D 305 -41.11 5.05 -12.17
CA ARG D 305 -41.13 6.22 -11.30
C ARG D 305 -39.76 6.92 -11.20
N ALA D 306 -38.67 6.17 -11.44
CA ALA D 306 -37.32 6.75 -11.44
C ALA D 306 -37.07 7.65 -12.64
N GLY D 307 -37.75 7.40 -13.76
CA GLY D 307 -37.74 8.31 -14.89
C GLY D 307 -36.76 7.96 -16.01
N GLY D 308 -35.92 6.96 -15.79
CA GLY D 308 -34.87 6.63 -16.74
C GLY D 308 -35.30 6.11 -18.10
N PHE D 309 -36.54 5.64 -18.25
CA PHE D 309 -37.07 5.37 -19.60
C PHE D 309 -37.09 6.61 -20.47
N PHE D 310 -37.22 7.79 -19.85
CA PHE D 310 -37.27 9.06 -20.56
C PHE D 310 -36.07 9.96 -20.35
N TYR D 311 -35.58 10.08 -19.12
CA TYR D 311 -34.41 10.93 -18.87
C TYR D 311 -33.09 10.25 -19.26
N GLU D 312 -33.11 8.93 -19.39
CA GLU D 312 -32.05 8.16 -20.03
C GLU D 312 -32.74 7.39 -21.15
N ARG D 313 -32.08 6.39 -21.75
CA ARG D 313 -32.72 5.60 -22.80
C ARG D 313 -32.67 4.12 -22.44
N TRP D 314 -33.21 3.79 -21.28
CA TRP D 314 -33.24 2.42 -20.79
C TRP D 314 -33.96 1.52 -21.79
N GLY D 315 -33.21 0.59 -22.39
CA GLY D 315 -33.78 -0.35 -23.35
C GLY D 315 -34.57 -1.42 -22.63
N ASP D 316 -35.58 -1.96 -23.31
CA ASP D 316 -36.29 -3.12 -22.79
C ASP D 316 -35.38 -4.36 -22.67
N ALA D 317 -34.35 -4.45 -23.50
CA ALA D 317 -33.45 -5.60 -23.45
C ALA D 317 -32.68 -5.65 -22.13
N PRO D 318 -31.97 -4.57 -21.75
CA PRO D 318 -31.32 -4.62 -20.43
C PRO D 318 -32.29 -4.72 -19.25
N VAL D 319 -33.46 -4.08 -19.34
CA VAL D 319 -34.43 -4.17 -18.26
C VAL D 319 -34.99 -5.61 -18.14
N HIS D 320 -35.39 -6.23 -19.24
CA HIS D 320 -35.77 -7.65 -19.18
C HIS D 320 -34.65 -8.53 -18.64
N SER D 321 -33.43 -8.28 -19.12
CA SER D 321 -32.26 -9.12 -18.78
C SER D 321 -31.93 -9.02 -17.30
N ILE D 322 -31.95 -7.80 -16.76
CA ILE D 322 -31.75 -7.60 -15.33
C ILE D 322 -32.89 -8.25 -14.53
N GLY D 323 -34.12 -8.02 -14.96
CA GLY D 323 -35.30 -8.63 -14.33
C GLY D 323 -35.22 -10.15 -14.26
N LEU D 324 -34.84 -10.76 -15.37
CA LEU D 324 -34.67 -12.21 -15.42
C LEU D 324 -33.52 -12.65 -14.53
N GLY D 325 -32.40 -11.93 -14.62
CA GLY D 325 -31.21 -12.27 -13.85
C GLY D 325 -31.36 -12.12 -12.36
N LEU D 326 -32.29 -11.28 -11.90
CA LEU D 326 -32.55 -11.11 -10.46
C LEU D 326 -33.74 -11.89 -9.91
N PHE D 327 -34.77 -12.11 -10.73
CA PHE D 327 -36.07 -12.60 -10.24
C PHE D 327 -36.49 -13.95 -10.81
N ALA D 328 -35.87 -14.39 -11.91
CA ALA D 328 -36.16 -15.70 -12.48
C ALA D 328 -35.17 -16.75 -11.99
N ASP D 329 -35.52 -18.00 -12.24
CA ASP D 329 -34.63 -19.14 -12.06
C ASP D 329 -33.86 -19.27 -13.35
N ALA D 330 -32.53 -19.11 -13.27
CA ALA D 330 -31.65 -19.14 -14.45
C ALA D 330 -31.71 -20.45 -15.24
N ALA D 331 -32.08 -21.54 -14.57
CA ALA D 331 -32.26 -22.83 -15.23
C ALA D 331 -33.44 -22.81 -16.18
N LYS D 332 -34.38 -21.88 -15.98
CA LYS D 332 -35.54 -21.72 -16.85
C LYS D 332 -35.33 -20.69 -17.98
N VAL D 333 -34.10 -20.24 -18.19
CA VAL D 333 -33.76 -19.36 -19.31
C VAL D 333 -32.99 -20.23 -20.29
N HIS D 334 -33.37 -20.17 -21.57
CA HIS D 334 -32.87 -21.11 -22.58
C HIS D 334 -32.27 -20.37 -23.78
N TRP D 335 -31.09 -20.80 -24.21
CA TRP D 335 -30.49 -20.35 -25.45
C TRP D 335 -31.04 -21.21 -26.60
N PHE D 336 -31.85 -20.59 -27.46
CA PHE D 336 -32.39 -21.26 -28.65
C PHE D 336 -31.34 -21.27 -29.77
N ARG D 337 -30.23 -21.98 -29.53
CA ARG D 337 -29.14 -22.06 -30.50
C ARG D 337 -29.58 -22.59 -31.87
N ASP D 338 -30.62 -23.42 -31.88
CA ASP D 338 -31.14 -24.02 -33.10
C ASP D 338 -32.06 -23.14 -33.94
N ILE D 339 -32.42 -21.95 -33.44
CA ILE D 339 -33.19 -21.00 -34.24
C ILE D 339 -32.19 -20.06 -34.91
N GLY D 340 -31.97 -20.27 -36.21
CA GLY D 340 -31.09 -19.40 -37.00
C GLY D 340 -31.74 -18.04 -37.12
N TYR D 341 -31.02 -17.00 -36.76
CA TYR D 341 -31.63 -15.67 -36.61
C TYR D 341 -30.68 -14.54 -37.00
N ASN D 342 -31.22 -13.47 -37.60
CA ASN D 342 -30.48 -12.25 -37.87
C ASN D 342 -31.38 -11.03 -37.72
N HIS D 343 -30.95 -10.07 -36.90
CA HIS D 343 -31.39 -8.66 -36.94
C HIS D 343 -30.08 -7.92 -37.18
N ILE D 344 -30.05 -7.02 -38.16
CA ILE D 344 -28.81 -6.31 -38.51
C ILE D 344 -28.18 -5.73 -37.23
N PRO D 345 -26.88 -5.92 -36.96
CA PRO D 345 -25.88 -6.58 -37.79
C PRO D 345 -25.41 -7.94 -37.24
N TYR D 346 -26.19 -8.57 -36.35
CA TYR D 346 -25.76 -9.77 -35.64
C TYR D 346 -26.56 -11.02 -35.99
N TYR D 347 -25.94 -12.17 -35.72
CA TYR D 347 -26.44 -13.47 -36.16
C TYR D 347 -26.36 -14.49 -35.04
N ASN D 348 -27.33 -15.40 -35.02
CA ASN D 348 -27.17 -16.71 -34.44
C ASN D 348 -27.38 -17.69 -35.57
N CYS D 349 -26.31 -18.29 -36.07
CA CYS D 349 -26.37 -19.23 -37.18
C CYS D 349 -25.75 -20.57 -36.77
N PRO D 350 -26.58 -21.58 -36.48
CA PRO D 350 -26.04 -22.87 -36.05
C PRO D 350 -25.61 -23.72 -37.24
N ASN D 351 -24.70 -24.64 -36.97
CA ASN D 351 -24.28 -25.66 -37.92
C ASN D 351 -25.31 -26.77 -37.96
N SER D 352 -26.22 -26.71 -38.91
CA SER D 352 -27.23 -27.72 -39.08
C SER D 352 -27.66 -27.79 -40.54
N PRO D 353 -27.92 -29.01 -41.05
CA PRO D 353 -28.45 -29.12 -42.41
C PRO D 353 -29.87 -28.56 -42.56
N LYS D 354 -30.56 -28.28 -41.45
CA LYS D 354 -31.85 -27.57 -41.49
C LYS D 354 -31.74 -26.09 -41.85
N CYS D 355 -30.53 -25.53 -41.87
CA CYS D 355 -30.33 -24.10 -42.12
C CYS D 355 -29.83 -23.81 -43.52
N SER D 356 -30.10 -22.61 -44.01
CA SER D 356 -29.41 -22.10 -45.20
C SER D 356 -29.30 -20.59 -45.15
N LYS D 357 -28.42 -20.05 -45.98
CA LYS D 357 -28.24 -18.60 -46.16
C LYS D 357 -27.59 -17.86 -44.98
N CYS D 358 -26.98 -18.57 -44.04
CA CYS D 358 -26.13 -17.92 -43.02
C CYS D 358 -24.86 -18.76 -42.84
N THR D 359 -23.79 -18.09 -42.43
CA THR D 359 -22.51 -18.71 -42.19
C THR D 359 -22.44 -19.15 -40.73
N PRO D 360 -22.33 -20.47 -40.46
CA PRO D 360 -22.29 -20.89 -39.06
C PRO D 360 -21.19 -20.25 -38.22
N GLY D 361 -21.54 -19.82 -37.02
CA GLY D 361 -20.60 -19.21 -36.12
C GLY D 361 -20.11 -17.81 -36.46
N GLN D 362 -20.65 -17.16 -37.51
CA GLN D 362 -20.27 -15.78 -37.82
CA GLN D 362 -20.26 -15.77 -37.81
C GLN D 362 -21.21 -14.87 -37.06
N PHE D 363 -20.68 -14.16 -36.07
CA PHE D 363 -21.50 -13.36 -35.16
C PHE D 363 -22.03 -12.06 -35.78
N TYR D 364 -21.24 -11.45 -36.68
CA TYR D 364 -21.53 -10.10 -37.19
C TYR D 364 -21.28 -10.01 -38.68
N ALA D 365 -21.94 -9.05 -39.32
CA ALA D 365 -21.63 -8.59 -40.66
C ALA D 365 -21.37 -7.08 -40.55
N GLY D 366 -20.19 -6.65 -41.02
CA GLY D 366 -19.79 -5.26 -40.92
C GLY D 366 -18.32 -5.15 -40.53
N ALA D 367 -17.97 -4.05 -39.87
CA ALA D 367 -16.58 -3.77 -39.53
C ALA D 367 -16.12 -4.69 -38.41
N PRO D 368 -14.81 -5.07 -38.41
CA PRO D 368 -14.34 -6.02 -37.40
C PRO D 368 -14.46 -5.57 -35.95
N PHE D 369 -14.58 -4.27 -35.69
CA PHE D 369 -14.82 -3.82 -34.31
C PHE D 369 -16.18 -4.27 -33.72
N LEU D 370 -17.11 -4.77 -34.53
CA LEU D 370 -18.35 -5.37 -34.02
C LEU D 370 -18.14 -6.67 -33.23
N ALA D 371 -17.02 -7.38 -33.47
CA ALA D 371 -16.78 -8.67 -32.83
C ALA D 371 -16.86 -8.59 -31.31
N LYS D 372 -16.42 -7.47 -30.73
CA LYS D 372 -16.42 -7.31 -29.28
C LYS D 372 -17.80 -7.07 -28.62
N GLU D 373 -18.85 -6.96 -29.43
CA GLU D 373 -20.20 -6.78 -28.90
C GLU D 373 -20.87 -8.07 -28.41
N ASP D 374 -20.29 -9.22 -28.73
CA ASP D 374 -20.81 -10.52 -28.29
C ASP D 374 -20.52 -10.68 -26.81
N CYS D 375 -21.57 -10.85 -26.00
CA CYS D 375 -21.38 -11.11 -24.57
C CYS D 375 -21.55 -12.58 -24.19
N ARG D 376 -21.76 -13.47 -25.15
CA ARG D 376 -21.97 -14.88 -24.81
C ARG D 376 -20.81 -15.51 -24.01
N PRO D 377 -19.54 -15.10 -24.26
CA PRO D 377 -18.49 -15.73 -23.43
C PRO D 377 -18.69 -15.51 -21.93
N SER D 378 -19.18 -14.32 -21.53
CA SER D 378 -19.50 -14.08 -20.12
C SER D 378 -20.74 -14.87 -19.68
N TYR D 379 -21.82 -14.79 -20.45
CA TYR D 379 -23.05 -15.52 -20.11
C TYR D 379 -22.81 -17.02 -19.98
N PHE D 380 -22.11 -17.59 -20.94
CA PHE D 380 -21.82 -19.03 -20.92
C PHE D 380 -20.98 -19.45 -19.72
N LYS D 381 -20.05 -18.59 -19.31
CA LYS D 381 -19.22 -18.87 -18.15
C LYS D 381 -20.02 -18.74 -16.85
N HIS D 382 -20.75 -17.65 -16.70
CA HIS D 382 -21.45 -17.34 -15.44
C HIS D 382 -22.82 -17.98 -15.26
N VAL D 383 -23.50 -18.34 -16.36
CA VAL D 383 -24.83 -18.92 -16.29
C VAL D 383 -24.86 -20.27 -17.00
N GLY D 384 -24.47 -20.33 -18.27
CA GLY D 384 -24.37 -21.60 -18.97
C GLY D 384 -24.92 -21.54 -20.38
N MET D 385 -24.86 -22.69 -21.04
CA MET D 385 -25.24 -22.84 -22.46
C MET D 385 -26.54 -23.64 -22.68
N HIS D 386 -27.26 -23.86 -21.61
CA HIS D 386 -28.50 -24.64 -21.60
C HIS D 386 -29.65 -23.87 -22.25
N SER E 15 2.99 2.25 8.33
CA SER E 15 3.76 3.18 7.43
C SER E 15 3.64 4.64 7.91
N GLN E 16 2.44 5.21 7.82
CA GLN E 16 2.17 6.60 8.27
C GLN E 16 1.35 6.60 9.55
N SER E 17 1.76 7.39 10.54
CA SER E 17 1.06 7.43 11.82
C SER E 17 -0.38 7.93 11.69
N HIS E 18 -0.62 8.81 10.71
CA HIS E 18 -1.98 9.32 10.40
C HIS E 18 -2.79 8.42 9.45
N GLY E 19 -2.26 7.22 9.15
CA GLY E 19 -2.96 6.24 8.33
C GLY E 19 -4.09 5.55 9.07
N PRO E 20 -4.79 4.65 8.37
CA PRO E 20 -5.97 4.02 8.91
C PRO E 20 -5.67 2.89 9.91
N SER E 21 -6.46 2.84 10.99
CA SER E 21 -6.44 1.73 11.93
C SER E 21 -7.44 0.66 11.50
N PHE E 22 -7.05 -0.60 11.66
CA PHE E 22 -7.92 -1.75 11.39
C PHE E 22 -7.97 -2.71 12.56
N ILE E 23 -9.09 -3.43 12.65
CA ILE E 23 -9.38 -4.38 13.70
C ILE E 23 -8.99 -5.82 13.33
N SER E 24 -8.89 -6.13 12.03
CA SER E 24 -8.67 -7.50 11.53
C SER E 24 -7.52 -7.56 10.56
N LYS E 25 -7.09 -8.78 10.27
CA LYS E 25 -6.07 -9.05 9.25
C LYS E 25 -6.44 -8.49 7.87
N GLY E 26 -5.41 -8.34 7.04
CA GLY E 26 -5.57 -7.86 5.66
C GLY E 26 -6.05 -6.42 5.54
N SER E 27 -5.75 -5.60 6.55
CA SER E 27 -6.23 -4.22 6.61
C SER E 27 -7.73 -4.15 6.31
N LYS E 28 -8.50 -4.93 7.08
CA LYS E 28 -9.96 -4.98 6.99
C LYS E 28 -10.58 -4.54 8.32
N GLU E 29 -11.81 -4.02 8.24
CA GLU E 29 -12.61 -3.59 9.41
C GLU E 29 -12.04 -2.30 10.02
N TYR E 30 -12.36 -1.19 9.34
CA TYR E 30 -11.84 0.13 9.65
C TYR E 30 -12.15 0.58 11.09
N ASN E 31 -11.17 1.23 11.71
CA ASN E 31 -11.24 1.57 13.15
C ASN E 31 -10.81 3.02 13.41
N GLY E 32 -10.95 3.89 12.41
CA GLY E 32 -10.55 5.29 12.52
C GLY E 32 -9.07 5.47 12.26
N MET E 33 -8.52 6.60 12.72
CA MET E 33 -7.12 6.94 12.48
C MET E 33 -6.22 6.29 13.54
N LYS E 34 -5.04 5.85 13.13
CA LYS E 34 -4.08 5.25 14.07
C LYS E 34 -3.64 6.28 15.10
N ARG E 35 -3.03 7.36 14.62
CA ARG E 35 -2.55 8.44 15.50
C ARG E 35 -2.89 9.82 14.92
N ASP E 36 -3.60 10.62 15.71
CA ASP E 36 -4.10 11.89 15.24
C ASP E 36 -2.99 12.95 15.24
N PRO E 37 -2.73 13.59 14.09
CA PRO E 37 -1.75 14.68 14.05
C PRO E 37 -2.12 15.87 14.96
N LEU E 38 -3.39 15.98 15.32
CA LEU E 38 -3.82 16.98 16.32
C LEU E 38 -3.20 16.81 17.72
N LEU E 39 -2.68 15.60 18.03
CA LEU E 39 -1.90 15.38 19.26
C LEU E 39 -0.58 16.16 19.28
N ASP E 40 0.00 16.44 18.12
CA ASP E 40 1.25 17.17 18.04
C ASP E 40 1.02 18.65 18.28
N PRO E 41 2.04 19.37 18.82
CA PRO E 41 1.90 20.81 19.01
C PRO E 41 1.50 21.51 17.71
N THR E 42 0.35 22.19 17.76
CA THR E 42 -0.30 22.76 16.58
C THR E 42 -0.33 24.28 16.72
N GLY E 43 -0.05 24.98 15.64
CA GLY E 43 -0.06 26.44 15.64
C GLY E 43 -0.68 27.02 14.39
N GLU E 44 -0.33 28.27 14.12
CA GLU E 44 -0.90 29.05 13.01
C GLU E 44 -0.31 28.59 11.69
N PRO E 45 -0.99 28.90 10.57
CA PRO E 45 -0.35 28.60 9.29
C PRO E 45 0.92 29.43 9.09
N GLU E 46 1.79 28.96 8.21
CA GLU E 46 3.02 29.68 7.91
C GLU E 46 2.74 30.92 7.07
N GLY E 47 3.72 31.80 7.04
CA GLY E 47 3.68 33.00 6.21
C GLY E 47 3.04 34.19 6.87
N HIS E 48 2.91 35.27 6.12
CA HIS E 48 2.44 36.54 6.67
C HIS E 48 0.95 36.52 7.03
N LEU E 49 0.64 36.97 8.24
CA LEU E 49 -0.73 37.00 8.77
C LEU E 49 -1.06 38.41 9.25
N TRP E 50 -2.36 38.73 9.26
CA TRP E 50 -2.85 40.04 9.68
C TRP E 50 -3.42 39.98 11.07
N ARG E 51 -2.91 40.84 11.96
CA ARG E 51 -3.27 40.85 13.38
C ARG E 51 -4.20 41.98 13.70
N ALA E 52 -4.97 41.79 14.77
CA ALA E 52 -5.94 42.80 15.21
C ALA E 52 -5.27 44.03 15.83
N ASP E 53 -4.23 43.81 16.63
CA ASP E 53 -3.66 44.91 17.45
C ASP E 53 -2.87 45.99 16.69
N ASP E 54 -2.44 45.73 15.45
CA ASP E 54 -1.73 46.74 14.64
C ASP E 54 -2.41 47.05 13.29
N ASN E 55 -3.71 46.77 13.21
CA ASN E 55 -4.54 47.17 12.06
C ASN E 55 -5.90 47.64 12.57
N ASP E 56 -6.59 48.44 11.76
CA ASP E 56 -7.87 49.00 12.15
C ASP E 56 -9.02 48.03 11.88
N TYR E 57 -9.35 47.22 12.90
CA TYR E 57 -10.49 46.32 12.85
C TYR E 57 -11.64 46.80 13.75
N ALA E 58 -11.76 48.12 13.92
CA ALA E 58 -12.82 48.71 14.74
C ALA E 58 -14.17 48.42 14.09
N PRO E 59 -15.22 48.13 14.90
CA PRO E 59 -16.58 47.86 14.40
C PRO E 59 -17.07 48.81 13.30
N ASN E 60 -16.80 50.10 13.48
CA ASN E 60 -17.11 51.13 12.49
C ASN E 60 -15.83 51.90 12.16
N SER E 61 -15.55 52.06 10.87
CA SER E 61 -14.31 52.70 10.43
C SER E 61 -14.38 53.16 8.97
N ALA E 62 -13.75 54.29 8.68
CA ALA E 62 -13.70 54.87 7.33
C ALA E 62 -12.84 54.03 6.38
N HIS E 63 -11.72 53.52 6.89
CA HIS E 63 -10.84 52.61 6.17
C HIS E 63 -10.55 51.38 7.04
N SER E 64 -11.53 50.47 7.08
CA SER E 64 -11.40 49.20 7.82
C SER E 64 -10.33 48.30 7.20
N ALA E 65 -9.66 47.51 8.05
CA ALA E 65 -8.72 46.48 7.56
C ALA E 65 -9.41 45.22 7.02
N ARG E 66 -10.73 45.13 7.15
CA ARG E 66 -11.50 43.94 6.75
C ARG E 66 -11.58 43.83 5.24
N THR E 67 -11.53 42.59 4.74
CA THR E 67 -11.85 42.33 3.33
C THR E 67 -13.36 42.11 3.20
N ASN E 68 -13.84 41.90 1.98
CA ASN E 68 -15.28 41.73 1.75
C ASN E 68 -15.71 40.29 2.05
N ALA E 69 -15.86 40.01 3.34
CA ALA E 69 -16.23 38.70 3.84
C ALA E 69 -17.26 38.83 4.94
N ALA E 70 -17.97 37.73 5.22
CA ALA E 70 -19.00 37.71 6.26
C ALA E 70 -19.12 36.35 6.94
N LEU E 71 -19.49 36.38 8.23
CA LEU E 71 -19.99 35.20 8.91
C LEU E 71 -21.43 35.03 8.49
N ILE E 72 -21.80 33.83 8.02
CA ILE E 72 -23.17 33.55 7.60
C ILE E 72 -23.75 32.36 8.36
N SER E 73 -25.06 32.37 8.55
CA SER E 73 -25.75 31.26 9.18
C SER E 73 -27.19 31.16 8.69
N LEU E 74 -27.55 30.00 8.13
CA LEU E 74 -28.94 29.66 7.86
C LEU E 74 -29.44 29.05 9.15
N VAL E 75 -30.49 29.66 9.71
CA VAL E 75 -30.90 29.33 11.07
C VAL E 75 -32.38 29.70 11.27
N ARG E 76 -33.02 28.99 12.21
CA ARG E 76 -34.45 29.16 12.51
C ARG E 76 -34.61 29.95 13.80
N ASN E 77 -35.72 30.67 13.91
CA ASN E 77 -36.04 31.44 15.13
C ASN E 77 -35.98 30.60 16.39
N GLU E 78 -36.46 29.36 16.28
CA GLU E 78 -36.55 28.45 17.42
CA GLU E 78 -36.55 28.42 17.40
C GLU E 78 -35.18 27.97 17.91
N GLU E 79 -34.14 28.19 17.11
CA GLU E 79 -32.76 27.82 17.47
C GLU E 79 -31.95 28.98 18.07
N LEU E 80 -32.62 30.08 18.44
CA LEU E 80 -31.94 31.29 18.90
C LEU E 80 -30.95 31.02 20.03
N GLU E 81 -31.39 30.28 21.04
CA GLU E 81 -30.57 30.05 22.23
C GLU E 81 -29.29 29.28 21.90
N ASP E 82 -29.40 28.23 21.08
CA ASP E 82 -28.23 27.50 20.59
C ASP E 82 -27.32 28.36 19.70
N LEU E 83 -27.91 29.22 18.87
CA LEU E 83 -27.13 30.18 18.07
C LEU E 83 -26.36 31.15 18.94
N ILE E 84 -27.00 31.66 20.00
CA ILE E 84 -26.34 32.60 20.92
C ILE E 84 -25.09 31.99 21.53
N SER E 85 -25.21 30.76 22.00
CA SER E 85 -24.08 30.04 22.58
C SER E 85 -22.93 29.90 21.56
N THR E 86 -23.26 29.59 20.31
CA THR E 86 -22.28 29.51 19.24
C THR E 86 -21.62 30.86 19.00
N MET E 87 -22.43 31.91 18.89
CA MET E 87 -21.92 33.27 18.68
C MET E 87 -20.91 33.69 19.75
N LYS E 88 -21.23 33.38 21.00
CA LYS E 88 -20.34 33.68 22.13
C LYS E 88 -18.96 33.07 21.94
N ASP E 89 -18.91 31.80 21.57
CA ASP E 89 -17.63 31.11 21.34
C ASP E 89 -16.85 31.73 20.19
N LEU E 90 -17.51 31.98 19.07
CA LEU E 90 -16.83 32.51 17.89
C LEU E 90 -16.39 33.97 18.10
N GLU E 91 -17.21 34.73 18.83
CA GLU E 91 -16.84 36.11 19.22
C GLU E 91 -15.64 36.11 20.16
N ARG E 92 -15.73 35.33 21.24
CA ARG E 92 -14.66 35.25 22.22
C ARG E 92 -13.33 34.81 21.59
N THR E 93 -13.37 33.78 20.75
CA THR E 93 -12.16 33.20 20.19
C THR E 93 -11.59 33.98 19.01
N TRP E 94 -12.42 34.72 18.29
CA TRP E 94 -12.00 35.33 17.05
C TRP E 94 -12.62 36.67 16.74
N ASN E 95 -13.94 36.72 16.56
CA ASN E 95 -14.56 37.89 15.93
C ASN E 95 -14.65 39.16 16.81
N SER E 96 -14.44 39.06 18.12
CA SER E 96 -14.37 40.26 18.97
C SER E 96 -13.18 41.15 18.59
N LYS E 97 -12.13 40.53 18.04
CA LYS E 97 -10.94 41.24 17.57
C LYS E 97 -11.07 41.77 16.14
N PHE E 98 -11.77 41.06 15.25
CA PHE E 98 -11.84 41.44 13.83
C PHE E 98 -13.15 42.08 13.40
N ASN E 99 -14.24 41.76 14.09
CA ASN E 99 -15.54 42.40 13.88
C ASN E 99 -16.04 42.32 12.43
N TYR E 100 -15.91 41.13 11.83
CA TYR E 100 -16.58 40.86 10.57
C TYR E 100 -18.09 40.78 10.83
N PRO E 101 -18.90 41.19 9.84
CA PRO E 101 -20.34 41.18 10.02
C PRO E 101 -20.95 39.77 10.04
N TRP E 102 -22.08 39.66 10.72
CA TRP E 102 -22.91 38.46 10.72
C TRP E 102 -24.08 38.68 9.79
N ILE E 103 -24.34 37.72 8.89
CA ILE E 103 -25.51 37.74 8.02
C ILE E 103 -26.32 36.48 8.26
N PHE E 104 -27.53 36.66 8.80
CA PHE E 104 -28.39 35.53 9.14
C PHE E 104 -29.40 35.33 8.02
N PHE E 105 -29.68 34.07 7.71
CA PHE E 105 -30.59 33.69 6.64
C PHE E 105 -31.66 32.77 7.18
N ASN E 106 -32.85 32.87 6.60
CA ASN E 106 -34.00 32.08 7.04
C ASN E 106 -35.05 32.14 5.92
N ASP E 107 -35.71 31.01 5.68
CA ASP E 107 -36.85 30.98 4.75
C ASP E 107 -38.06 31.76 5.30
N LYS E 108 -38.23 31.76 6.62
CA LYS E 108 -39.24 32.61 7.30
C LYS E 108 -38.63 33.92 7.81
N PRO E 109 -39.48 34.92 8.16
CA PRO E 109 -38.95 36.15 8.75
C PRO E 109 -38.34 35.92 10.14
N PHE E 110 -37.31 36.68 10.47
CA PHE E 110 -36.75 36.64 11.83
C PHE E 110 -37.62 37.51 12.77
N THR E 111 -37.77 37.07 14.02
CA THR E 111 -38.51 37.83 15.03
C THR E 111 -37.64 38.98 15.55
N GLU E 112 -38.26 39.95 16.21
CA GLU E 112 -37.52 41.07 16.82
C GLU E 112 -36.62 40.61 17.96
N GLU E 113 -37.08 39.62 18.73
CA GLU E 113 -36.27 39.00 19.79
C GLU E 113 -34.98 38.37 19.23
N PHE E 114 -35.11 37.66 18.10
CA PHE E 114 -33.95 37.10 17.40
C PHE E 114 -32.97 38.22 17.04
N LYS E 115 -33.49 39.28 16.43
CA LYS E 115 -32.67 40.42 16.02
C LYS E 115 -31.96 41.10 17.19
N LYS E 116 -32.68 41.28 18.30
CA LYS E 116 -32.16 41.95 19.49
C LYS E 116 -31.09 41.10 20.16
N ARG E 117 -31.41 39.83 20.42
CA ARG E 117 -30.51 38.92 21.13
C ARG E 117 -29.20 38.65 20.38
N THR E 118 -29.28 38.48 19.06
CA THR E 118 -28.08 38.22 18.25
C THR E 118 -27.17 39.44 18.17
N GLN E 119 -27.74 40.60 17.85
CA GLN E 119 -26.99 41.86 17.80
C GLN E 119 -26.33 42.22 19.14
N ALA E 120 -26.90 41.76 20.24
CA ALA E 120 -26.33 41.97 21.57
C ALA E 120 -25.01 41.21 21.81
N GLU E 121 -24.78 40.12 21.09
CA GLU E 121 -23.58 39.29 21.29
C GLU E 121 -22.36 39.70 20.47
N THR E 122 -22.49 40.72 19.64
CA THR E 122 -21.39 41.17 18.79
C THR E 122 -21.38 42.70 18.69
N LYS E 123 -20.18 43.26 18.52
CA LYS E 123 -20.00 44.67 18.19
C LYS E 123 -20.13 44.90 16.68
N ALA E 124 -20.00 43.83 15.90
CA ALA E 124 -20.08 43.92 14.44
C ALA E 124 -21.50 44.18 13.97
N LYS E 125 -21.62 44.58 12.72
CA LYS E 125 -22.94 44.84 12.13
C LYS E 125 -23.60 43.48 11.89
N CYS E 126 -24.89 43.37 12.22
CA CYS E 126 -25.69 42.18 11.93
C CYS E 126 -26.72 42.48 10.86
N TYR E 127 -26.90 41.54 9.93
CA TYR E 127 -27.92 41.65 8.89
C TYR E 127 -28.86 40.46 9.00
N TYR E 128 -30.11 40.67 8.58
CA TYR E 128 -31.18 39.69 8.77
C TYR E 128 -31.89 39.52 7.45
N GLU E 129 -31.73 38.36 6.82
CA GLU E 129 -32.13 38.18 5.43
C GLU E 129 -33.11 37.04 5.29
N GLN E 130 -34.02 37.18 4.32
CA GLN E 130 -34.96 36.14 4.02
C GLN E 130 -34.59 35.50 2.70
N VAL E 131 -34.66 34.18 2.66
CA VAL E 131 -34.38 33.44 1.45
C VAL E 131 -35.61 33.60 0.55
N PRO E 132 -35.44 34.13 -0.68
CA PRO E 132 -36.60 34.24 -1.57
C PRO E 132 -37.25 32.88 -1.82
N LYS E 133 -38.58 32.85 -1.97
CA LYS E 133 -39.29 31.59 -2.22
C LYS E 133 -38.80 30.87 -3.48
N GLU E 134 -38.38 31.62 -4.49
CA GLU E 134 -37.80 31.05 -5.72
C GLU E 134 -36.47 30.29 -5.47
N HIS E 135 -35.75 30.66 -4.41
CA HIS E 135 -34.52 29.99 -3.99
C HIS E 135 -34.75 28.84 -3.00
N TRP E 136 -35.88 28.84 -2.30
CA TRP E 136 -36.17 27.86 -1.26
C TRP E 136 -37.12 26.75 -1.71
N ASP E 137 -38.18 27.10 -2.44
CA ASP E 137 -39.19 26.12 -2.84
C ASP E 137 -38.60 25.05 -3.75
N PRO E 138 -39.14 23.81 -3.68
CA PRO E 138 -38.68 22.79 -4.65
C PRO E 138 -38.92 23.25 -6.08
N PRO E 139 -37.98 22.97 -7.01
CA PRO E 139 -38.24 23.38 -8.41
C PRO E 139 -39.52 22.79 -8.99
N GLU E 140 -39.96 23.38 -10.08
CA GLU E 140 -41.25 23.10 -10.72
C GLU E 140 -41.28 21.67 -11.26
N TRP E 141 -40.12 21.15 -11.66
CA TRP E 141 -40.02 19.81 -12.23
C TRP E 141 -40.04 18.68 -11.18
N ILE E 142 -39.95 19.01 -9.90
CA ILE E 142 -39.99 18.02 -8.82
C ILE E 142 -41.45 17.63 -8.54
N ASN E 143 -41.72 16.32 -8.55
CA ASN E 143 -43.05 15.81 -8.30
C ASN E 143 -43.15 15.48 -6.82
N MET E 144 -44.07 16.15 -6.11
CA MET E 144 -44.16 15.98 -4.66
C MET E 144 -44.65 14.60 -4.24
N GLU E 145 -45.47 13.96 -5.07
CA GLU E 145 -45.88 12.60 -4.81
C GLU E 145 -44.66 11.67 -4.87
N LEU E 146 -43.82 11.84 -5.89
CA LEU E 146 -42.55 11.07 -5.97
C LEU E 146 -41.66 11.33 -4.76
N PHE E 147 -41.62 12.59 -4.31
CA PHE E 147 -40.88 12.92 -3.09
C PHE E 147 -41.38 12.08 -1.89
N ARG E 148 -42.69 12.08 -1.66
CA ARG E 148 -43.27 11.38 -0.51
C ARG E 148 -43.02 9.86 -0.57
N GLU E 149 -43.19 9.28 -1.76
CA GLU E 149 -42.94 7.85 -1.96
C GLU E 149 -41.48 7.46 -1.67
N SER E 150 -40.52 8.20 -2.22
CA SER E 150 -39.11 7.90 -1.96
C SER E 150 -38.72 8.13 -0.50
N ALA E 151 -39.31 9.15 0.13
CA ALA E 151 -39.05 9.46 1.54
C ALA E 151 -39.52 8.35 2.47
N ALA E 152 -40.71 7.79 2.19
CA ALA E 152 -41.25 6.67 2.96
C ALA E 152 -40.32 5.44 2.96
N ILE E 153 -39.71 5.14 1.81
CA ILE E 153 -38.73 4.04 1.70
C ILE E 153 -37.49 4.32 2.55
N LEU E 154 -36.95 5.54 2.47
CA LEU E 154 -35.81 5.94 3.30
C LEU E 154 -36.16 6.04 4.80
N THR E 155 -37.40 6.39 5.12
CA THR E 155 -37.87 6.35 6.52
C THR E 155 -37.87 4.90 7.06
N GLU E 156 -38.35 3.94 6.26
CA GLU E 156 -38.28 2.52 6.61
C GLU E 156 -36.85 2.05 6.89
N GLN E 157 -35.89 2.55 6.11
CA GLN E 157 -34.47 2.23 6.26
C GLN E 157 -33.70 3.15 7.26
N LYS E 158 -34.44 4.00 7.99
CA LYS E 158 -33.91 4.79 9.11
C LYS E 158 -32.86 5.85 8.71
N ILE E 159 -33.06 6.50 7.56
CA ILE E 159 -32.18 7.60 7.13
C ILE E 159 -32.55 8.86 7.95
N GLN E 160 -31.54 9.60 8.43
CA GLN E 160 -31.75 10.86 9.14
C GLN E 160 -32.51 11.86 8.28
N TYR E 161 -33.61 12.40 8.83
CA TYR E 161 -34.40 13.46 8.18
C TYR E 161 -35.00 13.07 6.82
N SER E 162 -35.21 11.77 6.60
CA SER E 162 -35.74 11.28 5.32
C SER E 162 -37.08 11.91 4.95
N ASP E 163 -37.96 12.01 5.95
CA ASP E 163 -39.34 12.51 5.76
C ASP E 163 -39.52 14.04 5.87
N LYS E 164 -38.46 14.76 6.25
CA LYS E 164 -38.58 16.19 6.51
C LYS E 164 -38.24 16.99 5.24
N LEU E 165 -39.27 17.46 4.53
CA LEU E 165 -39.08 18.23 3.29
C LEU E 165 -38.13 19.42 3.44
N SER E 166 -38.27 20.16 4.54
CA SER E 166 -37.44 21.33 4.81
C SER E 166 -35.94 21.00 4.85
N TYR E 167 -35.59 19.82 5.34
CA TYR E 167 -34.19 19.38 5.39
C TYR E 167 -33.60 19.20 3.98
N HIS E 168 -34.39 18.66 3.06
CA HIS E 168 -34.02 18.54 1.65
C HIS E 168 -33.84 19.92 1.04
N GLN E 169 -34.77 20.83 1.35
CA GLN E 169 -34.71 22.20 0.86
C GLN E 169 -33.45 22.91 1.34
N MET E 170 -33.11 22.70 2.60
CA MET E 170 -31.91 23.27 3.19
C MET E 170 -30.67 22.77 2.45
N CYS E 171 -30.61 21.45 2.23
CA CYS E 171 -29.47 20.83 1.54
C CYS E 171 -29.31 21.41 0.15
N ARG E 172 -30.43 21.56 -0.56
CA ARG E 172 -30.40 22.18 -1.87
C ARG E 172 -29.93 23.64 -1.81
N TRP E 173 -30.41 24.39 -0.83
CA TRP E 173 -30.08 25.82 -0.72
C TRP E 173 -28.58 26.03 -0.43
N ASN E 174 -28.05 25.26 0.52
CA ASN E 174 -26.63 25.25 0.79
C ASN E 174 -25.79 24.76 -0.39
N SER E 175 -26.33 23.85 -1.20
CA SER E 175 -25.61 23.31 -2.36
C SER E 175 -25.50 24.31 -3.50
N GLY E 176 -26.58 25.05 -3.77
CA GLY E 176 -26.63 25.87 -4.99
C GLY E 176 -27.18 27.29 -4.95
N MET E 177 -27.72 27.73 -3.82
CA MET E 177 -28.48 28.98 -3.78
C MET E 177 -27.94 30.06 -2.83
N PHE E 178 -27.26 29.70 -1.75
CA PHE E 178 -26.74 30.72 -0.82
C PHE E 178 -25.85 31.76 -1.51
N TYR E 179 -25.00 31.28 -2.42
CA TYR E 179 -24.08 32.14 -3.16
C TYR E 179 -24.76 32.99 -4.26
N LYS E 180 -26.05 32.76 -4.49
CA LYS E 180 -26.87 33.58 -5.39
C LYS E 180 -27.77 34.57 -4.63
N HIS E 181 -27.72 34.58 -3.30
CA HIS E 181 -28.57 35.50 -2.53
C HIS E 181 -28.08 36.94 -2.70
N PRO E 182 -28.99 37.88 -3.03
CA PRO E 182 -28.62 39.30 -3.25
C PRO E 182 -27.73 39.92 -2.17
N ALA E 183 -28.05 39.64 -0.93
CA ALA E 183 -27.25 40.05 0.24
C ALA E 183 -25.75 39.73 0.22
N LEU E 184 -25.34 38.69 -0.51
CA LEU E 184 -23.93 38.31 -0.59
C LEU E 184 -23.26 38.77 -1.88
N LYS E 185 -23.97 39.54 -2.71
CA LYS E 185 -23.51 39.97 -4.03
C LYS E 185 -22.12 40.60 -4.03
N ASN E 186 -21.83 41.45 -3.06
CA ASN E 186 -20.54 42.18 -3.01
C ASN E 186 -19.50 41.52 -2.10
N TYR E 187 -19.79 40.32 -1.61
CA TYR E 187 -18.87 39.57 -0.75
C TYR E 187 -18.14 38.51 -1.58
N LYS E 188 -16.93 38.21 -1.17
CA LYS E 188 -16.13 37.15 -1.80
C LYS E 188 -16.00 35.90 -0.91
N TYR E 189 -15.77 36.10 0.39
CA TYR E 189 -15.56 34.99 1.31
C TYR E 189 -16.67 34.91 2.34
N TYR E 190 -16.96 33.69 2.79
CA TYR E 190 -17.93 33.44 3.84
C TYR E 190 -17.36 32.47 4.84
N TRP E 191 -17.85 32.56 6.07
CA TRP E 191 -17.59 31.56 7.10
C TRP E 191 -18.96 31.11 7.54
N ARG E 192 -19.33 29.88 7.18
CA ARG E 192 -20.62 29.32 7.56
C ARG E 192 -20.59 28.82 8.98
N VAL E 193 -21.63 29.21 9.74
CA VAL E 193 -21.76 28.86 11.15
C VAL E 193 -23.15 28.25 11.39
N GLU E 194 -23.21 27.21 12.22
CA GLU E 194 -24.48 26.61 12.64
C GLU E 194 -24.71 26.82 14.14
N PRO E 195 -25.99 26.81 14.57
CA PRO E 195 -26.27 26.82 16.01
C PRO E 195 -25.80 25.54 16.72
N LYS E 196 -25.51 25.68 18.00
CA LYS E 196 -25.13 24.55 18.86
C LYS E 196 -23.75 23.95 18.53
N VAL E 197 -22.86 24.75 17.97
CA VAL E 197 -21.47 24.33 17.75
C VAL E 197 -20.57 25.09 18.74
N GLN E 198 -19.41 24.51 19.01
CA GLN E 198 -18.41 25.12 19.89
C GLN E 198 -17.12 25.43 19.15
N PHE E 199 -16.48 26.52 19.57
CA PHE E 199 -15.12 26.88 19.16
C PHE E 199 -14.28 26.92 20.42
N PHE E 200 -13.16 26.21 20.40
CA PHE E 200 -12.33 25.98 21.59
C PHE E 200 -11.05 26.80 21.68
N CYS E 201 -10.60 27.39 20.57
CA CYS E 201 -9.26 27.96 20.48
C CYS E 201 -9.29 29.41 20.06
N ASN E 202 -8.51 30.24 20.74
CA ASN E 202 -8.26 31.61 20.26
C ASN E 202 -7.53 31.53 18.92
N VAL E 203 -8.01 32.33 17.97
CA VAL E 203 -7.38 32.47 16.67
C VAL E 203 -7.00 33.94 16.55
N ASP E 204 -5.73 34.21 16.29
CA ASP E 204 -5.17 35.57 16.38
C ASP E 204 -4.75 36.16 15.03
N TYR E 205 -5.32 35.64 13.94
CA TYR E 205 -5.12 36.23 12.62
C TYR E 205 -6.44 36.32 11.90
N ASP E 206 -6.47 37.19 10.90
CA ASP E 206 -7.65 37.38 10.07
C ASP E 206 -7.73 36.20 9.08
N VAL E 207 -8.60 35.23 9.38
CA VAL E 207 -8.72 34.03 8.54
C VAL E 207 -9.16 34.36 7.12
N PHE E 208 -10.01 35.39 6.96
CA PHE E 208 -10.48 35.79 5.65
C PHE E 208 -9.37 36.37 4.79
N ARG E 209 -8.49 37.16 5.38
CA ARG E 209 -7.36 37.72 4.65
C ARG E 209 -6.28 36.67 4.43
N PHE E 210 -6.19 35.66 5.30
CA PHE E 210 -5.37 34.47 5.01
C PHE E 210 -5.85 33.79 3.72
N MET E 211 -7.15 33.55 3.61
CA MET E 211 -7.76 32.98 2.39
C MET E 211 -7.44 33.84 1.17
N GLU E 212 -7.63 35.14 1.32
CA GLU E 212 -7.38 36.09 0.23
C GLU E 212 -5.90 36.13 -0.19
N ASP E 213 -5.01 36.26 0.79
CA ASP E 213 -3.59 36.39 0.49
C ASP E 213 -3.02 35.14 -0.19
N ARG E 214 -3.34 33.98 0.35
CA ARG E 214 -2.87 32.70 -0.22
C ARG E 214 -3.68 32.27 -1.43
N ASN E 215 -4.77 33.00 -1.72
CA ASN E 215 -5.65 32.76 -2.86
C ASN E 215 -6.30 31.39 -2.76
N LEU E 216 -6.84 31.08 -1.58
CA LEU E 216 -7.45 29.78 -1.31
C LEU E 216 -8.92 29.77 -1.71
N THR E 217 -9.46 28.55 -1.85
CA THR E 217 -10.83 28.31 -2.30
C THR E 217 -11.75 27.87 -1.14
N TYR E 218 -11.21 27.08 -0.22
CA TYR E 218 -12.04 26.45 0.79
C TYR E 218 -11.24 25.95 1.96
N GLY E 219 -11.86 25.99 3.12
CA GLY E 219 -11.29 25.55 4.37
C GLY E 219 -12.27 24.72 5.16
N PHE E 220 -11.75 23.66 5.79
CA PHE E 220 -12.55 22.71 6.54
C PHE E 220 -11.85 22.36 7.84
N THR E 221 -12.59 21.77 8.76
CA THR E 221 -12.05 21.23 10.02
C THR E 221 -12.17 19.72 10.16
N ILE E 222 -13.28 19.15 9.68
CA ILE E 222 -13.65 17.76 9.92
C ILE E 222 -14.00 17.10 8.57
N ASN E 223 -13.64 15.82 8.44
CA ASN E 223 -13.76 15.06 7.18
C ASN E 223 -14.33 13.69 7.50
N LEU E 224 -15.55 13.41 7.01
CA LEU E 224 -16.35 12.27 7.43
C LEU E 224 -16.85 11.39 6.29
N PHE E 225 -17.14 10.14 6.62
CA PHE E 225 -17.98 9.29 5.78
C PHE E 225 -19.44 9.71 5.94
N ASP E 226 -20.25 9.40 4.93
CA ASP E 226 -21.70 9.63 4.96
C ASP E 226 -22.42 8.31 4.93
N ASP E 227 -23.73 8.36 5.14
CA ASP E 227 -24.61 7.23 4.92
C ASP E 227 -24.81 7.09 3.41
N PRO E 228 -24.29 6.00 2.79
CA PRO E 228 -24.45 5.85 1.33
C PRO E 228 -25.89 5.75 0.84
N LYS E 229 -26.81 5.37 1.72
CA LYS E 229 -28.23 5.31 1.36
C LYS E 229 -28.86 6.69 1.10
N THR E 230 -28.20 7.78 1.53
CA THR E 230 -28.62 9.15 1.21
C THR E 230 -28.22 9.63 -0.21
N VAL E 231 -27.24 8.96 -0.85
CA VAL E 231 -26.62 9.42 -2.08
C VAL E 231 -26.36 8.34 -3.19
N PRO E 232 -27.23 7.32 -3.31
CA PRO E 232 -26.86 6.26 -4.27
C PRO E 232 -26.65 6.68 -5.72
N THR E 233 -27.44 7.63 -6.26
CA THR E 233 -27.22 8.09 -7.63
C THR E 233 -26.41 9.37 -7.78
N LEU E 234 -25.91 9.92 -6.67
CA LEU E 234 -25.09 11.13 -6.73
C LEU E 234 -23.82 10.98 -7.62
N TRP E 235 -23.02 9.95 -7.37
CA TRP E 235 -21.82 9.72 -8.19
C TRP E 235 -22.15 9.36 -9.65
N PRO E 236 -23.09 8.43 -9.88
CA PRO E 236 -23.53 8.22 -11.27
C PRO E 236 -23.94 9.49 -12.00
N GLU E 237 -24.67 10.38 -11.33
CA GLU E 237 -25.08 11.64 -11.95
C GLU E 237 -23.92 12.58 -12.16
N THR E 238 -23.00 12.58 -11.20
CA THR E 238 -21.78 13.36 -11.34
C THR E 238 -21.00 12.92 -12.56
N LYS E 239 -20.87 11.62 -12.77
CA LYS E 239 -20.16 11.10 -13.95
C LYS E 239 -20.87 11.46 -15.26
N LYS E 240 -22.20 11.47 -15.25
CA LYS E 240 -22.96 11.92 -16.44
C LYS E 240 -22.60 13.37 -16.77
N PHE E 241 -22.57 14.21 -15.73
CA PHE E 241 -22.22 15.63 -15.88
C PHE E 241 -20.80 15.79 -16.43
N LEU E 242 -19.86 15.05 -15.86
CA LEU E 242 -18.48 15.07 -16.36
C LEU E 242 -18.36 14.63 -17.81
N ALA E 243 -19.11 13.61 -18.21
CA ALA E 243 -19.07 13.14 -19.61
C ALA E 243 -19.56 14.20 -20.58
N ALA E 244 -20.55 14.99 -20.17
CA ALA E 244 -21.05 16.09 -20.98
C ALA E 244 -20.18 17.36 -20.96
N ASN E 245 -19.24 17.45 -20.00
CA ASN E 245 -18.39 18.64 -19.83
C ASN E 245 -16.97 18.21 -19.49
N PRO E 246 -16.29 17.51 -20.43
CA PRO E 246 -14.98 16.92 -20.12
C PRO E 246 -13.85 17.92 -19.80
N SER E 247 -13.94 19.17 -20.29
CA SER E 247 -12.95 20.20 -19.96
C SER E 247 -13.04 20.71 -18.51
N TYR E 248 -14.11 20.39 -17.79
CA TYR E 248 -14.32 20.93 -16.44
C TYR E 248 -13.43 20.32 -15.36
N LEU E 249 -13.01 19.06 -15.55
CA LEU E 249 -12.20 18.38 -14.55
C LEU E 249 -10.88 19.12 -14.30
N SER E 250 -10.61 19.39 -13.03
CA SER E 250 -9.39 20.07 -12.61
C SER E 250 -8.15 19.20 -12.86
N SER E 251 -7.03 19.85 -13.19
CA SER E 251 -5.74 19.15 -13.34
C SER E 251 -5.09 18.80 -12.00
N ASN E 252 -5.53 19.43 -10.90
CA ASN E 252 -5.11 19.03 -9.57
C ASN E 252 -6.35 18.73 -8.74
N ASN E 253 -6.87 17.52 -8.90
CA ASN E 253 -8.19 17.15 -8.39
C ASN E 253 -8.05 16.10 -7.28
N MET E 254 -9.18 15.72 -6.67
CA MET E 254 -9.20 14.79 -5.54
C MET E 254 -9.87 13.45 -5.87
N MET E 255 -9.73 13.00 -7.12
CA MET E 255 -10.40 11.80 -7.59
C MET E 255 -10.09 10.58 -6.72
N GLY E 256 -8.86 10.47 -6.26
CA GLY E 256 -8.45 9.36 -5.42
C GLY E 256 -9.22 9.29 -4.11
N TRP E 257 -9.45 10.43 -3.49
CA TRP E 257 -10.23 10.52 -2.26
C TRP E 257 -11.71 10.26 -2.54
N LEU E 258 -12.22 10.87 -3.61
CA LEU E 258 -13.63 10.72 -3.99
C LEU E 258 -14.02 9.28 -4.34
N THR E 259 -13.09 8.52 -4.92
CA THR E 259 -13.36 7.14 -5.34
C THR E 259 -12.71 6.06 -4.48
N ASP E 260 -12.14 6.44 -3.34
CA ASP E 260 -11.46 5.50 -2.45
C ASP E 260 -12.40 4.38 -1.97
N ASP E 261 -11.90 3.15 -2.02
CA ASP E 261 -12.59 2.00 -1.42
C ASP E 261 -11.67 1.20 -0.48
N SER E 262 -10.54 1.78 -0.08
CA SER E 262 -9.54 1.06 0.73
CA SER E 262 -9.54 1.08 0.75
C SER E 262 -9.95 0.96 2.21
N LEU E 263 -10.76 1.90 2.71
CA LEU E 263 -11.14 1.89 4.12
C LEU E 263 -12.46 1.21 4.42
N ARG E 264 -13.50 1.61 3.70
CA ARG E 264 -14.85 1.08 3.89
C ARG E 264 -15.46 0.74 2.54
N PRO E 265 -14.98 -0.36 1.91
CA PRO E 265 -15.40 -0.68 0.54
C PRO E 265 -16.91 -0.85 0.36
N ASP E 266 -17.63 -1.30 1.39
CA ASP E 266 -19.07 -1.43 1.31
C ASP E 266 -19.78 -0.07 1.17
N HIS E 267 -19.20 1.00 1.73
CA HIS E 267 -19.72 2.37 1.50
C HIS E 267 -19.59 2.76 0.05
N THR E 268 -18.40 2.58 -0.49
CA THR E 268 -18.12 2.95 -1.85
C THR E 268 -18.99 2.18 -2.84
N GLU E 269 -19.21 0.90 -2.57
CA GLU E 269 -20.06 0.10 -3.45
CA GLU E 269 -20.07 0.07 -3.42
C GLU E 269 -21.52 0.53 -3.31
N ALA E 270 -21.98 0.80 -2.08
CA ALA E 270 -23.37 1.24 -1.86
C ALA E 270 -23.66 2.61 -2.49
N ALA E 271 -22.65 3.48 -2.57
CA ALA E 271 -22.77 4.78 -3.23
C ALA E 271 -22.29 4.74 -4.69
N ASN E 272 -22.14 3.54 -5.24
CA ASN E 272 -21.83 3.34 -6.65
C ASN E 272 -20.60 4.08 -7.16
N GLY E 273 -19.51 3.95 -6.40
CA GLY E 273 -18.21 4.49 -6.81
C GLY E 273 -17.68 5.68 -6.03
N TYR E 274 -18.55 6.34 -5.25
CA TYR E 274 -18.15 7.46 -4.40
C TYR E 274 -17.89 6.94 -2.98
N SER E 275 -16.79 7.38 -2.38
CA SER E 275 -16.41 6.95 -1.03
C SER E 275 -17.41 7.36 0.06
N THR E 276 -18.20 8.38 -0.25
CA THR E 276 -19.11 9.09 0.67
C THR E 276 -18.38 10.12 1.53
N CYS E 277 -17.06 10.21 1.42
CA CYS E 277 -16.31 11.15 2.23
C CYS E 277 -16.57 12.60 1.83
N HIS E 278 -16.67 13.45 2.85
CA HIS E 278 -17.00 14.84 2.65
C HIS E 278 -16.43 15.72 3.74
N PHE E 279 -16.15 16.96 3.36
CA PHE E 279 -15.86 18.01 4.33
C PHE E 279 -17.17 18.25 5.07
N TRP E 280 -17.12 18.33 6.40
CA TRP E 280 -18.33 18.43 7.19
C TRP E 280 -18.83 19.89 7.20
N SER E 281 -19.74 20.16 6.29
CA SER E 281 -20.05 21.52 5.83
C SER E 281 -20.74 22.45 6.86
N ASN E 282 -21.14 21.92 8.03
CA ASN E 282 -21.63 22.81 9.11
C ASN E 282 -20.59 23.88 9.48
N PHE E 283 -19.31 23.54 9.34
CA PHE E 283 -18.21 24.51 9.29
C PHE E 283 -17.75 24.61 7.85
N GLU E 284 -17.67 25.83 7.33
CA GLU E 284 -16.99 26.12 6.06
C GLU E 284 -16.42 27.53 6.07
N ILE E 285 -15.20 27.67 5.54
CA ILE E 285 -14.69 28.98 5.12
C ILE E 285 -14.41 28.87 3.63
N GLY E 286 -15.09 29.69 2.83
CA GLY E 286 -15.03 29.53 1.39
C GLY E 286 -15.02 30.76 0.52
N ASP E 287 -14.56 30.56 -0.71
CA ASP E 287 -14.61 31.53 -1.77
C ASP E 287 -15.96 31.38 -2.48
N LEU E 288 -16.84 32.37 -2.31
CA LEU E 288 -18.14 32.38 -3.00
C LEU E 288 -18.00 32.32 -4.51
N ASP E 289 -16.93 32.92 -5.05
CA ASP E 289 -16.74 32.93 -6.49
C ASP E 289 -16.36 31.58 -7.11
N PHE E 290 -15.88 30.65 -6.29
CA PHE E 290 -15.73 29.27 -6.76
C PHE E 290 -17.11 28.67 -7.07
N PHE E 291 -18.01 28.78 -6.11
CA PHE E 291 -19.35 28.20 -6.24
C PHE E 291 -20.19 28.91 -7.30
N ARG E 292 -20.00 30.23 -7.44
CA ARG E 292 -20.61 31.01 -8.52
C ARG E 292 -20.04 30.70 -9.90
N GLY E 293 -18.84 30.12 -9.96
CA GLY E 293 -18.18 29.84 -11.24
C GLY E 293 -18.92 28.86 -12.13
N GLU E 294 -18.53 28.87 -13.40
CA GLU E 294 -19.17 28.09 -14.44
C GLU E 294 -19.25 26.60 -14.10
N GLN E 295 -18.15 26.03 -13.62
CA GLN E 295 -18.05 24.59 -13.39
C GLN E 295 -18.94 24.12 -12.26
N TYR E 296 -18.74 24.68 -11.06
CA TYR E 296 -19.54 24.26 -9.92
C TYR E 296 -21.05 24.53 -10.13
N ASP E 297 -21.38 25.73 -10.60
CA ASP E 297 -22.79 26.09 -10.73
C ASP E 297 -23.49 25.27 -11.81
N ALA E 298 -22.79 24.96 -12.90
CA ALA E 298 -23.33 24.01 -13.89
C ALA E 298 -23.55 22.61 -13.27
N TYR E 299 -22.60 22.18 -12.46
CA TYR E 299 -22.73 20.92 -11.69
C TYR E 299 -23.97 20.95 -10.81
N PHE E 300 -24.14 22.01 -10.03
CA PHE E 300 -25.32 22.13 -9.18
C PHE E 300 -26.62 22.05 -10.00
N ASN E 301 -26.67 22.79 -11.09
CA ASN E 301 -27.88 22.81 -11.94
C ASN E 301 -28.18 21.43 -12.51
N HIS E 302 -27.14 20.69 -12.88
CA HIS E 302 -27.32 19.31 -13.29
C HIS E 302 -27.94 18.47 -12.16
N LEU E 303 -27.37 18.55 -10.97
CA LEU E 303 -27.92 17.80 -9.83
C LEU E 303 -29.37 18.21 -9.51
N ASP E 304 -29.66 19.50 -9.65
CA ASP E 304 -31.00 20.05 -9.40
C ASP E 304 -32.04 19.44 -10.36
N ARG E 305 -31.67 19.32 -11.63
CA ARG E 305 -32.53 18.68 -12.63
C ARG E 305 -32.60 17.15 -12.47
N ALA E 306 -31.57 16.53 -11.90
CA ALA E 306 -31.58 15.09 -11.67
C ALA E 306 -32.59 14.63 -10.60
N GLY E 307 -32.91 15.51 -9.65
CA GLY E 307 -33.95 15.26 -8.65
C GLY E 307 -33.52 14.71 -7.28
N GLY E 308 -32.25 14.31 -7.16
CA GLY E 308 -31.81 13.65 -5.94
C GLY E 308 -31.78 14.45 -4.64
N PHE E 309 -31.83 15.77 -4.72
CA PHE E 309 -32.04 16.56 -3.48
C PHE E 309 -33.38 16.21 -2.82
N PHE E 310 -34.37 15.82 -3.62
CA PHE E 310 -35.71 15.46 -3.15
C PHE E 310 -36.03 13.96 -3.20
N TYR E 311 -35.62 13.28 -4.26
CA TYR E 311 -35.91 11.85 -4.42
C TYR E 311 -34.92 10.93 -3.71
N GLU E 312 -33.76 11.47 -3.33
CA GLU E 312 -32.83 10.84 -2.40
C GLU E 312 -32.65 11.88 -1.28
N ARG E 313 -31.53 11.85 -0.55
CA ARG E 313 -31.29 12.88 0.47
C ARG E 313 -29.87 13.45 0.37
N TRP E 314 -29.56 13.96 -0.82
CA TRP E 314 -28.24 14.51 -1.09
C TRP E 314 -27.94 15.69 -0.18
N GLY E 315 -26.94 15.55 0.68
CA GLY E 315 -26.52 16.63 1.56
C GLY E 315 -25.68 17.63 0.81
N ASP E 316 -25.67 18.87 1.29
CA ASP E 316 -24.75 19.88 0.74
C ASP E 316 -23.27 19.52 0.94
N ALA E 317 -22.94 18.78 1.99
CA ALA E 317 -21.55 18.42 2.25
C ALA E 317 -20.94 17.53 1.13
N PRO E 318 -21.60 16.40 0.79
CA PRO E 318 -21.06 15.61 -0.35
C PRO E 318 -21.05 16.37 -1.66
N VAL E 319 -22.07 17.20 -1.90
CA VAL E 319 -22.16 17.97 -3.14
C VAL E 319 -21.03 19.00 -3.22
N HIS E 320 -20.81 19.76 -2.15
CA HIS E 320 -19.68 20.68 -2.10
C HIS E 320 -18.36 19.94 -2.25
N SER E 321 -18.24 18.81 -1.56
CA SER E 321 -16.98 18.06 -1.54
C SER E 321 -16.63 17.49 -2.92
N ILE E 322 -17.64 16.94 -3.60
CA ILE E 322 -17.46 16.45 -4.97
C ILE E 322 -17.09 17.62 -5.90
N GLY E 323 -17.84 18.73 -5.80
CA GLY E 323 -17.59 19.90 -6.64
C GLY E 323 -16.18 20.46 -6.46
N LEU E 324 -15.74 20.56 -5.21
CA LEU E 324 -14.36 20.96 -4.93
C LEU E 324 -13.34 19.93 -5.44
N GLY E 325 -13.64 18.66 -5.15
CA GLY E 325 -12.78 17.57 -5.55
C GLY E 325 -12.60 17.40 -7.03
N LEU E 326 -13.57 17.87 -7.82
CA LEU E 326 -13.48 17.77 -9.28
C LEU E 326 -13.08 19.07 -9.97
N PHE E 327 -13.50 20.22 -9.43
CA PHE E 327 -13.38 21.49 -10.14
C PHE E 327 -12.44 22.52 -9.51
N ALA E 328 -12.06 22.34 -8.24
CA ALA E 328 -11.09 23.22 -7.59
C ALA E 328 -9.67 22.69 -7.78
N ASP E 329 -8.73 23.58 -7.51
CA ASP E 329 -7.34 23.22 -7.38
C ASP E 329 -7.18 22.71 -5.95
N ALA E 330 -6.80 21.44 -5.79
CA ALA E 330 -6.66 20.82 -4.47
C ALA E 330 -5.63 21.51 -3.56
N ALA E 331 -4.63 22.17 -4.16
CA ALA E 331 -3.67 22.98 -3.39
C ALA E 331 -4.33 24.19 -2.69
N LYS E 332 -5.49 24.61 -3.19
CA LYS E 332 -6.23 25.74 -2.63
C LYS E 332 -7.30 25.37 -1.62
N VAL E 333 -7.31 24.10 -1.19
CA VAL E 333 -8.21 23.65 -0.15
C VAL E 333 -7.34 23.41 1.07
N HIS E 334 -7.78 23.93 2.22
CA HIS E 334 -6.96 24.01 3.42
C HIS E 334 -7.64 23.39 4.64
N TRP E 335 -6.90 22.57 5.37
CA TRP E 335 -7.37 22.02 6.64
C TRP E 335 -7.03 23.02 7.75
N PHE E 336 -8.06 23.63 8.33
CA PHE E 336 -7.91 24.59 9.44
C PHE E 336 -7.75 23.85 10.76
N ARG E 337 -6.62 23.14 10.88
CA ARG E 337 -6.35 22.31 12.04
C ARG E 337 -6.29 23.11 13.35
N ASP E 338 -5.91 24.38 13.26
CA ASP E 338 -5.83 25.31 14.41
C ASP E 338 -7.17 25.88 14.91
N ILE E 339 -8.27 25.65 14.19
CA ILE E 339 -9.59 26.06 14.66
C ILE E 339 -10.23 24.89 15.41
N GLY E 340 -10.19 24.97 16.74
CA GLY E 340 -10.88 24.02 17.59
C GLY E 340 -12.37 24.08 17.34
N TYR E 341 -12.98 22.93 17.08
CA TYR E 341 -14.38 22.90 16.62
C TYR E 341 -15.10 21.65 17.05
N ASN E 342 -16.39 21.80 17.34
CA ASN E 342 -17.29 20.68 17.63
C ASN E 342 -18.71 20.98 17.15
N HIS E 343 -19.28 20.06 16.36
CA HIS E 343 -20.71 19.92 16.14
C HIS E 343 -20.94 18.47 16.59
N ILE E 344 -21.95 18.23 17.41
CA ILE E 344 -22.18 16.88 17.96
C ILE E 344 -22.23 15.86 16.80
N PRO E 345 -21.53 14.73 16.85
CA PRO E 345 -20.69 14.23 17.95
C PRO E 345 -19.17 14.28 17.69
N TYR E 346 -18.73 15.08 16.72
CA TYR E 346 -17.33 15.04 16.26
C TYR E 346 -16.59 16.33 16.56
N TYR E 347 -15.25 16.22 16.54
CA TYR E 347 -14.34 17.28 17.00
C TYR E 347 -13.15 17.45 16.07
N ASN E 348 -12.70 18.70 15.96
CA ASN E 348 -11.34 19.02 15.60
C ASN E 348 -10.73 19.78 16.78
N CYS E 349 -9.89 19.10 17.57
CA CYS E 349 -9.28 19.69 18.77
C CYS E 349 -7.77 19.60 18.68
N PRO E 350 -7.10 20.72 18.33
CA PRO E 350 -5.64 20.68 18.25
C PRO E 350 -4.97 20.77 19.62
N ASN E 351 -3.73 20.28 19.70
CA ASN E 351 -2.89 20.43 20.88
C ASN E 351 -2.22 21.80 20.80
N SER E 352 -2.79 22.76 21.52
CA SER E 352 -2.32 24.14 21.49
C SER E 352 -2.65 24.85 22.79
N PRO E 353 -1.72 25.68 23.31
CA PRO E 353 -2.03 26.44 24.53
C PRO E 353 -3.15 27.48 24.33
N LYS E 354 -3.48 27.81 23.07
CA LYS E 354 -4.63 28.67 22.76
C LYS E 354 -6.01 28.03 22.94
N CYS E 355 -6.06 26.71 23.20
CA CYS E 355 -7.33 25.97 23.30
C CYS E 355 -7.69 25.57 24.71
N SER E 356 -9.00 25.50 24.96
CA SER E 356 -9.56 25.00 26.21
C SER E 356 -10.77 24.12 25.96
N LYS E 357 -11.06 23.22 26.92
CA LYS E 357 -12.34 22.51 27.01
C LYS E 357 -12.55 21.36 25.99
N CYS E 358 -11.51 20.98 25.24
CA CYS E 358 -11.58 19.78 24.40
C CYS E 358 -10.30 18.96 24.56
N THR E 359 -10.42 17.66 24.32
CA THR E 359 -9.30 16.73 24.44
C THR E 359 -8.60 16.66 23.09
N PRO E 360 -7.31 17.05 23.03
CA PRO E 360 -6.63 17.03 21.74
C PRO E 360 -6.65 15.64 21.09
N GLY E 361 -7.01 15.60 19.81
CA GLY E 361 -7.05 14.35 19.05
C GLY E 361 -8.20 13.40 19.32
N GLN E 362 -9.14 13.74 20.20
CA GLN E 362 -10.36 12.93 20.39
CA GLN E 362 -10.34 12.92 20.38
C GLN E 362 -11.32 13.28 19.28
N PHE E 363 -11.54 12.35 18.36
CA PHE E 363 -12.38 12.57 17.18
C PHE E 363 -13.87 12.63 17.50
N TYR E 364 -14.33 11.80 18.44
CA TYR E 364 -15.75 11.59 18.70
C TYR E 364 -16.08 11.58 20.19
N ALA E 365 -17.32 11.94 20.51
CA ALA E 365 -17.91 11.71 21.83
C ALA E 365 -19.17 10.86 21.66
N GLY E 366 -19.17 9.68 22.29
CA GLY E 366 -20.28 8.74 22.19
C GLY E 366 -19.81 7.31 22.05
N ALA E 367 -20.62 6.50 21.38
CA ALA E 367 -20.35 5.07 21.22
C ALA E 367 -19.08 4.79 20.40
N PRO E 368 -18.34 3.71 20.72
CA PRO E 368 -17.08 3.44 20.02
C PRO E 368 -17.22 3.19 18.50
N PHE E 369 -18.39 2.77 18.02
CA PHE E 369 -18.61 2.64 16.58
C PHE E 369 -18.45 3.96 15.78
N LEU E 370 -18.56 5.11 16.45
CA LEU E 370 -18.33 6.41 15.81
C LEU E 370 -16.92 6.63 15.26
N ALA E 371 -15.91 5.92 15.80
CA ALA E 371 -14.53 6.05 15.32
C ALA E 371 -14.37 5.78 13.82
N LYS E 372 -15.19 4.89 13.29
CA LYS E 372 -15.21 4.52 11.86
C LYS E 372 -15.59 5.65 10.89
N GLU E 373 -16.13 6.76 11.40
CA GLU E 373 -16.66 7.82 10.55
C GLU E 373 -15.64 8.87 10.12
N ASP E 374 -14.44 8.83 10.71
CA ASP E 374 -13.37 9.73 10.32
C ASP E 374 -12.81 9.29 8.97
N CYS E 375 -12.88 10.19 7.98
CA CYS E 375 -12.29 9.92 6.67
C CYS E 375 -10.93 10.59 6.45
N ARG E 376 -10.38 11.27 7.46
CA ARG E 376 -9.09 11.95 7.27
C ARG E 376 -7.93 11.03 6.86
N PRO E 377 -7.90 9.77 7.34
CA PRO E 377 -6.83 8.88 6.85
C PRO E 377 -6.78 8.74 5.33
N SER E 378 -7.95 8.68 4.68
CA SER E 378 -8.01 8.72 3.22
C SER E 378 -7.64 10.10 2.64
N TYR E 379 -8.24 11.16 3.18
CA TYR E 379 -7.99 12.51 2.67
C TYR E 379 -6.52 12.87 2.75
N PHE E 380 -5.91 12.57 3.89
CA PHE E 380 -4.49 12.89 4.10
C PHE E 380 -3.55 12.11 3.16
N LYS E 381 -3.93 10.90 2.77
CA LYS E 381 -3.14 10.08 1.83
C LYS E 381 -3.29 10.59 0.39
N HIS E 382 -4.54 10.80 -0.02
CA HIS E 382 -4.84 11.14 -1.42
C HIS E 382 -4.70 12.61 -1.76
N VAL E 383 -4.91 13.49 -0.78
CA VAL E 383 -4.87 14.92 -1.04
C VAL E 383 -3.77 15.59 -0.23
N GLY E 384 -3.76 15.37 1.08
CA GLY E 384 -2.70 15.89 1.94
C GLY E 384 -3.23 16.63 3.14
N MET E 385 -2.30 17.20 3.91
CA MET E 385 -2.60 17.81 5.21
C MET E 385 -2.41 19.33 5.20
N HIS E 386 -2.31 19.89 4.01
CA HIS E 386 -2.02 21.31 3.78
C HIS E 386 -3.23 22.18 4.07
N SER F 15 4.07 16.43 -28.11
CA SER F 15 2.97 16.37 -27.11
C SER F 15 2.68 17.76 -26.54
N GLN F 16 3.72 18.47 -26.10
CA GLN F 16 3.57 19.79 -25.48
C GLN F 16 4.16 20.87 -26.39
N SER F 17 3.40 21.94 -26.62
CA SER F 17 3.85 23.04 -27.47
C SER F 17 5.11 23.75 -26.91
N HIS F 18 5.23 23.79 -25.59
CA HIS F 18 6.41 24.35 -24.88
C HIS F 18 7.56 23.32 -24.68
N GLY F 19 7.47 22.17 -25.31
CA GLY F 19 8.54 21.18 -25.29
C GLY F 19 9.74 21.56 -26.15
N PRO F 20 10.75 20.70 -26.15
CA PRO F 20 11.97 21.00 -26.88
C PRO F 20 11.83 20.87 -28.39
N SER F 21 12.50 21.75 -29.11
CA SER F 21 12.63 21.68 -30.57
C SER F 21 13.95 20.97 -30.89
N PHE F 22 13.93 20.15 -31.94
CA PHE F 22 15.14 19.49 -32.47
C PHE F 22 15.20 19.70 -33.98
N ILE F 23 16.41 19.71 -34.54
CA ILE F 23 16.60 19.92 -35.98
C ILE F 23 17.33 18.73 -36.60
N SER F 24 17.54 18.75 -37.92
CA SER F 24 18.51 17.84 -38.57
C SER F 24 18.99 18.30 -39.96
N LYS F 25 20.21 18.86 -40.01
CA LYS F 25 20.93 19.17 -41.26
C LYS F 25 21.87 18.03 -41.72
N GLY F 26 21.69 16.82 -41.17
CA GLY F 26 22.64 15.71 -41.34
C GLY F 26 22.58 14.80 -40.11
N SER F 27 22.79 15.41 -38.94
CA SER F 27 22.63 14.77 -37.63
C SER F 27 21.83 15.69 -36.69
N LYS F 28 20.94 15.08 -35.90
CA LYS F 28 19.96 15.81 -35.04
C LYS F 28 20.64 16.57 -33.87
N GLU F 29 19.99 17.64 -33.38
CA GLU F 29 20.53 18.47 -32.27
C GLU F 29 19.44 19.39 -31.64
N TYR F 30 19.61 19.76 -30.36
CA TYR F 30 18.65 20.62 -29.64
C TYR F 30 18.58 22.05 -30.22
N ASN F 31 17.38 22.63 -30.21
CA ASN F 31 17.10 23.86 -30.96
C ASN F 31 16.23 24.86 -30.19
N GLY F 32 16.24 24.79 -28.86
CA GLY F 32 15.41 25.66 -28.03
C GLY F 32 13.98 25.15 -27.90
N MET F 33 13.08 26.06 -27.59
CA MET F 33 11.67 25.72 -27.39
C MET F 33 10.92 25.72 -28.73
N LYS F 34 9.93 24.84 -28.84
CA LYS F 34 9.11 24.75 -30.05
C LYS F 34 8.21 25.99 -30.17
N ARG F 35 7.31 26.18 -29.19
CA ARG F 35 6.40 27.32 -29.15
CA ARG F 35 6.45 27.35 -29.16
C ARG F 35 6.49 27.99 -27.78
N ASP F 36 6.86 29.27 -27.75
CA ASP F 36 7.01 30.00 -26.50
C ASP F 36 5.65 30.38 -25.92
N PRO F 37 5.36 29.99 -24.66
CA PRO F 37 4.12 30.43 -24.00
C PRO F 37 3.96 31.94 -23.90
N LEU F 38 5.09 32.66 -23.97
CA LEU F 38 5.10 34.12 -24.07
C LEU F 38 4.35 34.69 -25.29
N LEU F 39 4.19 33.89 -26.34
CA LEU F 39 3.36 34.28 -27.49
C LEU F 39 1.86 34.41 -27.16
N ASP F 40 1.37 33.67 -26.17
CA ASP F 40 -0.04 33.74 -25.77
C ASP F 40 -0.29 35.05 -25.04
N PRO F 41 -1.52 35.60 -25.13
CA PRO F 41 -1.83 36.81 -24.34
C PRO F 41 -1.48 36.57 -22.87
N THR F 42 -0.63 37.43 -22.33
CA THR F 42 -0.07 37.24 -20.99
C THR F 42 -0.53 38.40 -20.13
N GLY F 43 -0.89 38.09 -18.89
CA GLY F 43 -1.34 39.10 -17.94
C GLY F 43 -0.76 38.89 -16.55
N GLU F 44 -1.48 39.42 -15.58
CA GLU F 44 -1.07 39.42 -14.18
C GLU F 44 -1.34 38.08 -13.56
N PRO F 45 -0.66 37.77 -12.45
CA PRO F 45 -1.01 36.55 -11.73
C PRO F 45 -2.42 36.63 -11.16
N GLU F 46 -3.03 35.48 -10.97
CA GLU F 46 -4.38 35.38 -10.43
C GLU F 46 -4.39 35.75 -8.97
N GLY F 47 -5.58 36.10 -8.48
CA GLY F 47 -5.80 36.36 -7.06
C GLY F 47 -5.64 37.83 -6.71
N HIS F 48 -5.80 38.13 -5.43
CA HIS F 48 -5.81 39.50 -4.95
C HIS F 48 -4.41 40.15 -5.09
N LEU F 49 -4.39 41.35 -5.68
CA LEU F 49 -3.17 42.13 -5.91
C LEU F 49 -3.31 43.53 -5.30
N TRP F 50 -2.19 44.14 -4.94
CA TRP F 50 -2.17 45.49 -4.34
C TRP F 50 -1.79 46.53 -5.36
N ARG F 51 -2.63 47.57 -5.49
CA ARG F 51 -2.51 48.59 -6.52
C ARG F 51 -1.97 49.90 -5.94
N ALA F 52 -1.25 50.65 -6.78
CA ALA F 52 -0.74 51.96 -6.36
C ALA F 52 -1.84 53.00 -6.13
N ASP F 53 -2.91 52.95 -6.93
CA ASP F 53 -4.00 53.95 -6.90
C ASP F 53 -4.75 54.08 -5.58
N ASP F 54 -5.11 52.96 -4.96
CA ASP F 54 -5.95 52.98 -3.73
C ASP F 54 -5.21 52.60 -2.44
N ASN F 55 -3.88 52.71 -2.45
CA ASN F 55 -3.07 52.52 -1.24
C ASN F 55 -2.01 53.60 -1.17
N ASP F 56 -1.48 53.85 0.02
CA ASP F 56 -0.48 54.89 0.23
C ASP F 56 0.96 54.41 -0.08
N TYR F 57 1.39 54.62 -1.33
CA TYR F 57 2.75 54.29 -1.76
C TYR F 57 3.61 55.55 -1.97
N ALA F 58 3.24 56.64 -1.31
CA ALA F 58 3.98 57.91 -1.42
C ALA F 58 5.40 57.69 -0.88
N PRO F 59 6.40 58.34 -1.50
CA PRO F 59 7.80 58.08 -1.12
C PRO F 59 8.20 58.36 0.35
N ASN F 60 7.48 59.26 1.03
CA ASN F 60 7.85 59.71 2.40
C ASN F 60 6.71 59.57 3.40
N SER F 61 5.86 58.57 3.22
CA SER F 61 4.71 58.34 4.09
C SER F 61 5.11 57.80 5.47
N ALA F 62 4.21 57.96 6.44
CA ALA F 62 4.38 57.42 7.79
C ALA F 62 3.84 55.99 7.89
N HIS F 63 2.56 55.84 7.52
CA HIS F 63 1.88 54.54 7.49
C HIS F 63 1.87 54.04 6.03
N SER F 64 3.06 53.72 5.53
CA SER F 64 3.26 53.28 4.14
C SER F 64 2.59 51.93 3.87
N ALA F 65 2.14 51.71 2.65
CA ALA F 65 1.61 50.39 2.22
C ALA F 65 2.73 49.40 1.83
N ARG F 66 3.99 49.85 1.78
CA ARG F 66 5.11 49.00 1.41
C ARG F 66 5.40 47.97 2.47
N THR F 67 5.78 46.76 2.05
CA THR F 67 6.30 45.77 3.00
C THR F 67 7.82 45.96 3.12
N ASN F 68 8.47 45.17 3.99
CA ASN F 68 9.91 45.31 4.22
C ASN F 68 10.75 44.65 3.11
N ALA F 69 10.83 45.35 1.99
CA ALA F 69 11.51 44.91 0.79
C ALA F 69 12.32 46.05 0.17
N ALA F 70 13.30 45.67 -0.66
CA ALA F 70 14.17 46.65 -1.32
C ALA F 70 14.62 46.16 -2.67
N LEU F 71 14.79 47.10 -3.59
CA LEU F 71 15.54 46.86 -4.81
C LEU F 71 17.01 46.90 -4.42
N ILE F 72 17.80 45.92 -4.86
CA ILE F 72 19.22 45.89 -4.53
C ILE F 72 20.07 45.72 -5.79
N SER F 73 21.28 46.26 -5.74
CA SER F 73 22.24 46.09 -6.82
C SER F 73 23.65 46.11 -6.29
N LEU F 74 24.42 45.07 -6.63
CA LEU F 74 25.87 45.08 -6.49
C LEU F 74 26.39 45.66 -7.78
N VAL F 75 27.11 46.78 -7.69
CA VAL F 75 27.48 47.55 -8.87
C VAL F 75 28.73 48.41 -8.63
N ARG F 76 29.49 48.65 -9.70
CA ARG F 76 30.72 49.46 -9.65
C ARG F 76 30.43 50.90 -10.07
N ASN F 77 31.28 51.82 -9.61
CA ASN F 77 31.21 53.24 -9.99
C ASN F 77 31.29 53.40 -11.50
N GLU F 78 32.15 52.60 -12.11
CA GLU F 78 32.35 52.66 -13.55
CA GLU F 78 32.36 52.55 -13.57
C GLU F 78 31.09 52.32 -14.38
N GLU F 79 30.11 51.65 -13.77
CA GLU F 79 28.88 51.24 -14.47
C GLU F 79 27.69 52.18 -14.25
N LEU F 80 27.93 53.35 -13.64
CA LEU F 80 26.88 54.31 -13.32
C LEU F 80 25.91 54.60 -14.47
N GLU F 81 26.45 54.83 -15.66
CA GLU F 81 25.61 55.22 -16.80
C GLU F 81 24.69 54.06 -17.23
N ASP F 82 25.24 52.85 -17.32
CA ASP F 82 24.45 51.65 -17.59
C ASP F 82 23.41 51.38 -16.50
N LEU F 83 23.77 51.66 -15.24
CA LEU F 83 22.85 51.51 -14.12
C LEU F 83 21.68 52.49 -14.19
N ILE F 84 21.96 53.73 -14.54
CA ILE F 84 20.94 54.77 -14.70
C ILE F 84 19.92 54.35 -15.75
N SER F 85 20.40 53.80 -16.86
CA SER F 85 19.54 53.28 -17.93
C SER F 85 18.57 52.22 -17.38
N THR F 86 19.12 51.26 -16.63
CA THR F 86 18.33 50.26 -15.93
C THR F 86 17.32 50.88 -14.94
N MET F 87 17.78 51.76 -14.06
CA MET F 87 16.87 52.43 -13.11
C MET F 87 15.72 53.14 -13.82
N LYS F 88 16.01 53.76 -14.97
CA LYS F 88 14.99 54.49 -15.72
C LYS F 88 13.86 53.55 -16.19
N ASP F 89 14.23 52.40 -16.76
CA ASP F 89 13.24 51.37 -17.14
C ASP F 89 12.44 50.82 -15.98
N LEU F 90 13.11 50.46 -14.88
CA LEU F 90 12.41 49.87 -13.72
C LEU F 90 11.52 50.88 -13.01
N GLU F 91 11.97 52.14 -12.94
CA GLU F 91 11.14 53.23 -12.39
C GLU F 91 9.90 53.51 -13.26
N ARG F 92 10.10 53.61 -14.57
CA ARG F 92 8.99 53.86 -15.51
C ARG F 92 7.93 52.75 -15.46
N THR F 93 8.38 51.52 -15.54
CA THR F 93 7.48 50.37 -15.58
C THR F 93 6.85 50.02 -14.24
N TRP F 94 7.50 50.34 -13.13
CA TRP F 94 7.05 49.83 -11.85
C TRP F 94 7.25 50.76 -10.67
N ASN F 95 8.51 51.08 -10.36
CA ASN F 95 8.80 51.69 -9.05
C ASN F 95 8.37 53.15 -8.86
N SER F 96 8.13 53.89 -9.94
CA SER F 96 7.57 55.26 -9.80
C SER F 96 6.19 55.25 -9.13
N LYS F 97 5.47 54.12 -9.21
CA LYS F 97 4.19 53.96 -8.53
C LYS F 97 4.30 53.44 -7.11
N PHE F 98 5.27 52.57 -6.83
CA PHE F 98 5.36 51.92 -5.51
C PHE F 98 6.46 52.48 -4.60
N ASN F 99 7.51 53.06 -5.20
CA ASN F 99 8.56 53.79 -4.46
C ASN F 99 9.25 52.95 -3.38
N TYR F 100 9.56 51.70 -3.72
CA TYR F 100 10.40 50.88 -2.84
C TYR F 100 11.84 51.43 -2.87
N PRO F 101 12.56 51.32 -1.75
CA PRO F 101 13.93 51.84 -1.71
C PRO F 101 14.92 51.05 -2.57
N TRP F 102 15.94 51.76 -3.04
CA TRP F 102 17.09 51.16 -3.70
C TRP F 102 18.21 51.05 -2.67
N ILE F 103 18.87 49.89 -2.60
CA ILE F 103 20.07 49.72 -1.78
C ILE F 103 21.19 49.24 -2.70
N PHE F 104 22.24 50.06 -2.82
CA PHE F 104 23.38 49.77 -3.67
C PHE F 104 24.52 49.22 -2.82
N PHE F 105 25.24 48.27 -3.38
CA PHE F 105 26.35 47.60 -2.68
C PHE F 105 27.56 47.64 -3.59
N ASN F 106 28.74 47.76 -2.98
CA ASN F 106 30.01 47.81 -3.69
C ASN F 106 31.12 47.44 -2.71
N ASP F 107 32.12 46.69 -3.17
CA ASP F 107 33.30 46.42 -2.35
C ASP F 107 34.09 47.71 -2.04
N LYS F 108 34.11 48.61 -3.01
CA LYS F 108 34.73 49.94 -2.88
C LYS F 108 33.69 51.00 -2.51
N PRO F 109 34.13 52.17 -1.99
CA PRO F 109 33.15 53.23 -1.69
C PRO F 109 32.54 53.80 -2.95
N PHE F 110 31.28 54.22 -2.88
CA PHE F 110 30.64 54.90 -4.02
C PHE F 110 31.09 56.38 -4.06
N THR F 111 31.28 56.89 -5.26
CA THR F 111 31.63 58.31 -5.49
C THR F 111 30.40 59.19 -5.26
N GLU F 112 30.61 60.49 -5.08
CA GLU F 112 29.49 61.43 -4.90
C GLU F 112 28.65 61.58 -6.17
N GLU F 113 29.28 61.46 -7.34
CA GLU F 113 28.57 61.47 -8.62
C GLU F 113 27.58 60.28 -8.70
N PHE F 114 28.05 59.09 -8.30
CA PHE F 114 27.20 57.88 -8.27
C PHE F 114 25.95 58.14 -7.46
N LYS F 115 26.14 58.65 -6.25
CA LYS F 115 25.04 58.90 -5.33
C LYS F 115 24.04 59.93 -5.84
N LYS F 116 24.56 60.98 -6.45
CA LYS F 116 23.73 62.07 -6.98
C LYS F 116 22.95 61.63 -8.20
N ARG F 117 23.62 60.99 -9.15
CA ARG F 117 22.98 60.58 -10.38
C ARG F 117 22.00 59.42 -10.22
N THR F 118 22.27 58.49 -9.29
CA THR F 118 21.32 57.39 -9.00
C THR F 118 20.08 57.91 -8.31
N GLN F 119 20.28 58.71 -7.26
CA GLN F 119 19.15 59.31 -6.54
C GLN F 119 18.29 60.23 -7.43
N ALA F 120 18.89 60.79 -8.48
CA ALA F 120 18.16 61.62 -9.45
C ALA F 120 17.17 60.84 -10.33
N GLU F 121 17.26 59.51 -10.37
CA GLU F 121 16.34 58.68 -11.17
C GLU F 121 15.12 58.16 -10.40
N THR F 122 15.01 58.47 -9.11
CA THR F 122 13.93 57.92 -8.28
C THR F 122 13.46 58.90 -7.22
N LYS F 123 12.19 58.79 -6.85
CA LYS F 123 11.62 59.50 -5.70
C LYS F 123 11.79 58.70 -4.41
N ALA F 124 12.16 57.42 -4.53
CA ALA F 124 12.33 56.57 -3.36
C ALA F 124 13.66 56.85 -2.67
N LYS F 125 13.77 56.39 -1.44
CA LYS F 125 14.99 56.49 -0.66
C LYS F 125 16.07 55.60 -1.29
N CYS F 126 17.27 56.15 -1.42
CA CYS F 126 18.43 55.39 -1.89
C CYS F 126 19.42 55.23 -0.75
N TYR F 127 20.10 54.09 -0.70
CA TYR F 127 21.10 53.78 0.32
C TYR F 127 22.34 53.24 -0.36
N TYR F 128 23.49 53.55 0.21
CA TYR F 128 24.78 53.30 -0.42
C TYR F 128 25.62 52.56 0.60
N GLU F 129 25.96 51.30 0.29
CA GLU F 129 26.53 50.40 1.28
C GLU F 129 27.81 49.84 0.76
N GLN F 130 28.72 49.57 1.69
CA GLN F 130 29.98 48.96 1.34
C GLN F 130 29.97 47.53 1.85
N VAL F 131 30.47 46.61 1.02
CA VAL F 131 30.55 45.23 1.44
C VAL F 131 31.75 45.14 2.39
N PRO F 132 31.52 44.64 3.62
CA PRO F 132 32.66 44.52 4.53
C PRO F 132 33.75 43.57 3.99
N LYS F 133 34.99 43.89 4.36
CA LYS F 133 36.18 43.16 3.92
C LYS F 133 36.04 41.64 4.15
N GLU F 134 35.60 41.28 5.35
CA GLU F 134 35.38 39.88 5.72
C GLU F 134 34.31 39.14 4.87
N HIS F 135 33.35 39.88 4.32
CA HIS F 135 32.34 39.32 3.41
C HIS F 135 32.82 39.24 1.96
N TRP F 136 33.80 40.05 1.59
CA TRP F 136 34.27 40.13 0.20
C TRP F 136 35.55 39.37 -0.08
N ASP F 137 36.53 39.45 0.84
CA ASP F 137 37.85 38.84 0.61
C ASP F 137 37.76 37.31 0.49
N PRO F 138 38.65 36.68 -0.29
CA PRO F 138 38.66 35.21 -0.26
C PRO F 138 38.91 34.70 1.16
N PRO F 139 38.18 33.66 1.60
CA PRO F 139 38.41 33.16 2.96
C PRO F 139 39.86 32.68 3.20
N GLU F 140 40.24 32.64 4.48
CA GLU F 140 41.62 32.32 4.91
C GLU F 140 42.14 30.99 4.35
N TRP F 141 41.25 30.02 4.21
CA TRP F 141 41.60 28.69 3.69
C TRP F 141 41.86 28.62 2.18
N ILE F 142 41.54 29.68 1.43
CA ILE F 142 41.78 29.70 -0.01
C ILE F 142 43.25 30.06 -0.26
N ASN F 143 43.91 29.30 -1.13
CA ASN F 143 45.31 29.51 -1.46
C ASN F 143 45.38 30.26 -2.78
N MET F 144 46.03 31.42 -2.79
CA MET F 144 45.99 32.29 -3.97
C MET F 144 46.84 31.79 -5.13
N GLU F 145 47.90 31.03 -4.84
CA GLU F 145 48.66 30.35 -5.91
C GLU F 145 47.80 29.31 -6.61
N LEU F 146 47.09 28.48 -5.84
CA LEU F 146 46.15 27.50 -6.40
C LEU F 146 45.10 28.21 -7.24
N PHE F 147 44.59 29.33 -6.75
CA PHE F 147 43.67 30.15 -7.55
C PHE F 147 44.24 30.54 -8.92
N ARG F 148 45.45 31.11 -8.94
CA ARG F 148 46.04 31.61 -10.18
CA ARG F 148 46.07 31.60 -10.17
C ARG F 148 46.39 30.47 -11.13
N GLU F 149 46.81 29.32 -10.59
CA GLU F 149 47.11 28.16 -11.42
C GLU F 149 45.84 27.59 -12.06
N SER F 150 44.77 27.46 -11.28
CA SER F 150 43.51 26.94 -11.82
C SER F 150 42.89 27.91 -12.82
N ALA F 151 42.96 29.21 -12.52
CA ALA F 151 42.47 30.27 -13.41
C ALA F 151 43.17 30.27 -14.77
N ALA F 152 44.50 30.08 -14.77
CA ALA F 152 45.28 29.98 -16.01
C ALA F 152 44.79 28.86 -16.94
N ILE F 153 44.51 27.69 -16.37
CA ILE F 153 43.98 26.56 -17.15
C ILE F 153 42.63 26.90 -17.79
N LEU F 154 41.74 27.52 -17.01
CA LEU F 154 40.44 27.95 -17.52
C LEU F 154 40.54 29.08 -18.55
N THR F 155 41.54 29.96 -18.40
CA THR F 155 41.82 31.02 -19.38
C THR F 155 42.24 30.40 -20.72
N GLU F 156 43.13 29.42 -20.68
CA GLU F 156 43.51 28.67 -21.88
C GLU F 156 42.30 28.02 -22.59
N GLN F 157 41.34 27.52 -21.82
CA GLN F 157 40.09 26.95 -22.36
C GLN F 157 38.95 27.97 -22.59
N LYS F 158 39.24 29.27 -22.49
CA LYS F 158 38.35 30.36 -22.91
C LYS F 158 37.06 30.48 -22.08
N ILE F 159 37.16 30.18 -20.78
CA ILE F 159 36.05 30.37 -19.85
C ILE F 159 35.93 31.87 -19.57
N GLN F 160 34.72 32.40 -19.69
CA GLN F 160 34.50 33.84 -19.50
C GLN F 160 34.80 34.25 -18.05
N TYR F 161 35.56 35.34 -17.90
CA TYR F 161 35.98 35.90 -16.59
C TYR F 161 36.87 34.98 -15.72
N SER F 162 37.50 33.96 -16.34
CA SER F 162 38.30 32.98 -15.61
C SER F 162 39.45 33.61 -14.80
N ASP F 163 40.15 34.57 -15.43
CA ASP F 163 41.30 35.23 -14.82
C ASP F 163 40.98 36.33 -13.80
N LYS F 164 39.73 36.80 -13.75
CA LYS F 164 39.38 37.96 -12.93
C LYS F 164 38.91 37.58 -11.52
N LEU F 165 39.79 37.78 -10.52
CA LEU F 165 39.49 37.40 -9.13
C LEU F 165 38.21 38.02 -8.59
N SER F 166 37.98 39.28 -8.94
CA SER F 166 36.81 40.00 -8.46
C SER F 166 35.48 39.37 -8.93
N TYR F 167 35.48 38.76 -10.11
CA TYR F 167 34.30 38.06 -10.61
C TYR F 167 33.97 36.87 -9.72
N HIS F 168 35.01 36.16 -9.27
CA HIS F 168 34.85 35.03 -8.34
C HIS F 168 34.33 35.51 -7.01
N GLN F 169 34.87 36.63 -6.53
CA GLN F 169 34.40 37.24 -5.29
C GLN F 169 32.93 37.68 -5.39
N MET F 170 32.55 38.22 -6.54
CA MET F 170 31.16 38.61 -6.76
C MET F 170 30.24 37.38 -6.72
N CYS F 171 30.61 36.32 -7.42
CA CYS F 171 29.82 35.07 -7.42
C CYS F 171 29.64 34.54 -6.01
N ARG F 172 30.70 34.53 -5.22
CA ARG F 172 30.64 34.11 -3.84
C ARG F 172 29.75 35.01 -3.00
N TRP F 173 29.86 36.32 -3.21
CA TRP F 173 29.08 37.29 -2.43
C TRP F 173 27.57 37.13 -2.70
N ASN F 174 27.21 37.03 -3.97
CA ASN F 174 25.81 36.77 -4.34
C ASN F 174 25.31 35.40 -3.87
N SER F 175 26.20 34.41 -3.81
CA SER F 175 25.85 33.06 -3.34
C SER F 175 25.54 33.00 -1.85
N GLY F 176 26.36 33.67 -1.04
CA GLY F 176 26.29 33.47 0.40
C GLY F 176 26.35 34.64 1.36
N MET F 177 26.65 35.84 0.86
CA MET F 177 26.93 36.97 1.76
C MET F 177 25.96 38.16 1.65
N PHE F 178 25.32 38.40 0.51
CA PHE F 178 24.38 39.55 0.41
C PHE F 178 23.32 39.53 1.50
N TYR F 179 22.79 38.34 1.80
CA TYR F 179 21.72 38.19 2.79
C TYR F 179 22.21 38.26 4.24
N LYS F 180 23.52 38.36 4.43
CA LYS F 180 24.12 38.61 5.75
C LYS F 180 24.59 40.06 5.94
N HIS F 181 24.47 40.91 4.91
CA HIS F 181 24.86 42.32 5.04
C HIS F 181 23.95 43.03 6.06
N PRO F 182 24.54 43.76 7.05
CA PRO F 182 23.70 44.41 8.08
C PRO F 182 22.60 45.35 7.56
N ALA F 183 22.87 46.07 6.50
CA ALA F 183 21.87 46.84 5.74
C ALA F 183 20.54 46.14 5.42
N LEU F 184 20.57 44.81 5.20
CA LEU F 184 19.37 44.05 4.87
C LEU F 184 18.74 43.32 6.05
N LYS F 185 19.26 43.49 7.26
CA LYS F 185 18.82 42.69 8.40
C LYS F 185 17.33 42.81 8.69
N ASN F 186 16.74 43.98 8.46
CA ASN F 186 15.32 44.19 8.73
C ASN F 186 14.42 43.97 7.52
N TYR F 187 15.02 43.58 6.39
CA TYR F 187 14.28 43.30 5.16
C TYR F 187 14.01 41.80 4.98
N LYS F 188 12.90 41.49 4.33
CA LYS F 188 12.52 40.12 4.02
C LYS F 188 12.66 39.78 2.54
N TYR F 189 12.24 40.69 1.66
CA TYR F 189 12.30 40.47 0.22
C TYR F 189 13.27 41.39 -0.49
N TYR F 190 13.90 40.89 -1.54
CA TYR F 190 14.78 41.69 -2.37
C TYR F 190 14.43 41.50 -3.82
N TRP F 191 14.71 42.53 -4.61
CA TRP F 191 14.69 42.46 -6.07
C TRP F 191 16.08 42.87 -6.54
N ARG F 192 16.84 41.89 -7.00
CA ARG F 192 18.17 42.13 -7.50
C ARG F 192 18.13 42.69 -8.91
N VAL F 193 18.90 43.76 -9.11
CA VAL F 193 19.00 44.46 -10.40
C VAL F 193 20.47 44.62 -10.82
N GLU F 194 20.75 44.46 -12.12
CA GLU F 194 22.08 44.72 -12.68
C GLU F 194 22.05 45.92 -13.62
N PRO F 195 23.21 46.55 -13.81
CA PRO F 195 23.32 47.58 -14.85
C PRO F 195 23.19 47.01 -16.26
N LYS F 196 22.71 47.84 -17.18
CA LYS F 196 22.62 47.52 -18.60
C LYS F 196 21.52 46.50 -18.90
N VAL F 197 20.48 46.44 -18.07
CA VAL F 197 19.33 45.58 -18.33
C VAL F 197 18.11 46.45 -18.66
N GLN F 198 17.20 45.89 -19.44
CA GLN F 198 15.98 46.59 -19.85
C GLN F 198 14.75 45.94 -19.22
N PHE F 199 13.77 46.76 -18.90
CA PHE F 199 12.42 46.31 -18.53
C PHE F 199 11.44 46.91 -19.54
N PHE F 200 10.60 46.06 -20.12
CA PHE F 200 9.75 46.42 -21.26
C PHE F 200 8.28 46.63 -20.95
N CYS F 201 7.80 46.17 -19.79
CA CYS F 201 6.37 46.08 -19.50
C CYS F 201 5.98 46.82 -18.26
N ASN F 202 4.89 47.59 -18.34
CA ASN F 202 4.31 48.19 -17.13
C ASN F 202 3.79 47.08 -16.23
N VAL F 203 4.07 47.21 -14.94
CA VAL F 203 3.61 46.25 -13.94
C VAL F 203 2.79 47.04 -12.92
N ASP F 204 1.52 46.67 -12.74
CA ASP F 204 0.57 47.48 -11.98
C ASP F 204 0.14 46.91 -10.64
N TYR F 205 0.93 45.97 -10.12
CA TYR F 205 0.72 45.47 -8.76
C TYR F 205 2.06 45.48 -8.01
N ASP F 206 1.98 45.46 -6.69
CA ASP F 206 3.14 45.42 -5.81
C ASP F 206 3.66 43.98 -5.81
N VAL F 207 4.73 43.74 -6.58
CA VAL F 207 5.31 42.41 -6.70
C VAL F 207 5.83 41.85 -5.37
N PHE F 208 6.30 42.72 -4.47
CA PHE F 208 6.79 42.28 -3.16
C PHE F 208 5.67 41.79 -2.28
N ARG F 209 4.53 42.49 -2.31
CA ARG F 209 3.38 42.06 -1.54
C ARG F 209 2.70 40.83 -2.17
N PHE F 210 2.81 40.66 -3.47
CA PHE F 210 2.44 39.39 -4.13
C PHE F 210 3.25 38.20 -3.57
N MET F 211 4.57 38.37 -3.48
CA MET F 211 5.47 37.36 -2.88
C MET F 211 5.04 37.06 -1.45
N GLU F 212 4.84 38.12 -0.67
CA GLU F 212 4.42 38.00 0.72
C GLU F 212 3.07 37.32 0.89
N ASP F 213 2.07 37.75 0.12
CA ASP F 213 0.70 37.23 0.26
C ASP F 213 0.63 35.74 -0.13
N ARG F 214 1.21 35.38 -1.26
CA ARG F 214 1.23 33.98 -1.72
C ARG F 214 2.28 33.15 -0.98
N ASN F 215 3.11 33.80 -0.15
CA ASN F 215 4.15 33.19 0.64
C ASN F 215 5.19 32.47 -0.22
N LEU F 216 5.67 33.18 -1.24
CA LEU F 216 6.59 32.64 -2.22
C LEU F 216 8.03 32.81 -1.76
N THR F 217 8.91 32.06 -2.41
CA THR F 217 10.33 32.01 -2.07
C THR F 217 11.20 32.73 -3.08
N TYR F 218 10.88 32.61 -4.36
CA TYR F 218 11.76 33.09 -5.40
C TYR F 218 10.99 33.30 -6.69
N GLY F 219 11.43 34.29 -7.46
CA GLY F 219 10.89 34.58 -8.79
C GLY F 219 11.98 34.82 -9.80
N PHE F 220 11.77 34.33 -11.03
CA PHE F 220 12.74 34.43 -12.10
C PHE F 220 12.05 34.82 -13.40
N THR F 221 12.84 35.20 -14.39
CA THR F 221 12.35 35.46 -15.74
C THR F 221 12.94 34.57 -16.80
N ILE F 222 14.21 34.19 -16.67
CA ILE F 222 14.93 33.49 -17.72
C ILE F 222 15.61 32.25 -17.10
N ASN F 223 15.69 31.17 -17.89
CA ASN F 223 16.20 29.89 -17.41
C ASN F 223 17.15 29.36 -18.46
N LEU F 224 18.43 29.24 -18.12
CA LEU F 224 19.50 28.99 -19.09
C LEU F 224 20.36 27.79 -18.73
N PHE F 225 20.97 27.19 -19.76
CA PHE F 225 22.12 26.30 -19.60
C PHE F 225 23.36 27.14 -19.26
N ASP F 226 24.34 26.51 -18.63
CA ASP F 226 25.61 27.16 -18.29
C ASP F 226 26.74 26.44 -18.99
N ASP F 227 27.92 27.03 -18.95
CA ASP F 227 29.15 26.38 -19.42
C ASP F 227 29.55 25.34 -18.37
N PRO F 228 29.52 24.03 -18.70
CA PRO F 228 29.86 23.02 -17.69
C PRO F 228 31.31 23.11 -17.17
N LYS F 229 32.20 23.72 -17.93
CA LYS F 229 33.59 23.90 -17.51
C LYS F 229 33.77 24.84 -16.34
N THR F 230 32.74 25.64 -16.04
CA THR F 230 32.76 26.50 -14.87
C THR F 230 32.41 25.81 -13.54
N VAL F 231 31.79 24.62 -13.62
CA VAL F 231 31.20 23.95 -12.46
C VAL F 231 31.45 22.43 -12.34
N PRO F 232 32.60 21.93 -12.81
CA PRO F 232 32.70 20.46 -12.87
C PRO F 232 32.53 19.70 -11.53
N THR F 233 32.97 20.26 -10.41
CA THR F 233 32.78 19.58 -9.12
C THR F 233 31.65 20.15 -8.28
N LEU F 234 30.82 21.03 -8.86
CA LEU F 234 29.71 21.62 -8.10
C LEU F 234 28.68 20.56 -7.70
N TRP F 235 28.23 19.74 -8.65
CA TRP F 235 27.24 18.70 -8.36
C TRP F 235 27.84 17.60 -7.43
N PRO F 236 29.06 17.13 -7.73
CA PRO F 236 29.69 16.21 -6.77
C PRO F 236 29.74 16.76 -5.34
N GLU F 237 30.07 18.04 -5.19
CA GLU F 237 30.13 18.65 -3.85
C GLU F 237 28.74 18.81 -3.25
N THR F 238 27.76 19.10 -4.10
CA THR F 238 26.37 19.15 -3.65
C THR F 238 25.91 17.80 -3.10
N LYS F 239 26.25 16.71 -3.79
CA LYS F 239 25.86 15.36 -3.35
C LYS F 239 26.54 14.98 -2.04
N LYS F 240 27.80 15.38 -1.87
CA LYS F 240 28.51 15.19 -0.60
C LYS F 240 27.77 15.89 0.53
N PHE F 241 27.35 17.12 0.28
CA PHE F 241 26.58 17.87 1.27
C PHE F 241 25.25 17.19 1.61
N LEU F 242 24.51 16.74 0.61
CA LEU F 242 23.25 16.01 0.84
C LEU F 242 23.45 14.73 1.63
N ALA F 243 24.51 13.98 1.33
CA ALA F 243 24.81 12.75 2.10
C ALA F 243 25.02 13.06 3.57
N ALA F 244 25.68 14.18 3.88
CA ALA F 244 25.92 14.58 5.26
C ALA F 244 24.70 15.17 5.97
N ASN F 245 23.66 15.51 5.20
CA ASN F 245 22.47 16.19 5.74
C ASN F 245 21.21 15.69 5.03
N PRO F 246 20.89 14.38 5.17
CA PRO F 246 19.82 13.77 4.38
C PRO F 246 18.41 14.32 4.68
N SER F 247 18.20 14.91 5.85
CA SER F 247 16.90 15.52 6.17
C SER F 247 16.63 16.86 5.45
N TYR F 248 17.63 17.44 4.79
CA TYR F 248 17.49 18.75 4.15
C TYR F 248 16.73 18.73 2.83
N LEU F 249 16.79 17.63 2.08
CA LEU F 249 16.09 17.54 0.79
C LEU F 249 14.59 17.81 0.94
N SER F 250 14.10 18.80 0.21
CA SER F 250 12.68 19.15 0.17
C SER F 250 11.82 18.02 -0.40
N SER F 251 10.60 17.87 0.09
CA SER F 251 9.66 16.87 -0.44
C SER F 251 9.01 17.30 -1.77
N ASN F 252 9.10 18.59 -2.11
CA ASN F 252 8.68 19.06 -3.43
C ASN F 252 9.86 19.79 -4.05
N ASN F 253 10.76 19.01 -4.66
CA ASN F 253 12.05 19.49 -5.16
C ASN F 253 12.11 19.44 -6.68
N MET F 254 13.23 19.93 -7.22
CA MET F 254 13.42 20.05 -8.66
C MET F 254 14.50 19.11 -9.18
N MET F 255 14.65 17.94 -8.56
CA MET F 255 15.73 17.01 -8.91
C MET F 255 15.73 16.65 -10.40
N GLY F 256 14.54 16.40 -10.96
CA GLY F 256 14.42 16.12 -12.39
C GLY F 256 15.04 17.18 -13.31
N TRP F 257 14.82 18.44 -12.95
CA TRP F 257 15.38 19.57 -13.70
C TRP F 257 16.89 19.65 -13.50
N LEU F 258 17.32 19.56 -12.25
CA LEU F 258 18.75 19.65 -11.91
C LEU F 258 19.58 18.54 -12.54
N THR F 259 19.02 17.34 -12.69
CA THR F 259 19.77 16.18 -13.21
C THR F 259 19.41 15.76 -14.63
N ASP F 260 18.66 16.61 -15.34
CA ASP F 260 18.21 16.28 -16.69
C ASP F 260 19.37 16.14 -17.64
N ASP F 261 19.28 15.15 -18.53
CA ASP F 261 20.21 14.97 -19.62
C ASP F 261 19.53 14.72 -20.97
N SER F 262 18.24 15.03 -21.07
CA SER F 262 17.45 14.71 -22.27
CA SER F 262 17.44 14.72 -22.25
C SER F 262 17.62 15.74 -23.38
N LEU F 263 18.03 16.96 -23.05
CA LEU F 263 18.17 18.01 -24.05
C LEU F 263 19.59 18.16 -24.56
N ARG F 264 20.55 18.29 -23.64
CA ARG F 264 21.96 18.51 -23.97
C ARG F 264 22.83 17.58 -23.09
N PRO F 265 22.84 16.26 -23.41
CA PRO F 265 23.49 15.26 -22.54
C PRO F 265 24.99 15.49 -22.30
N ASP F 266 25.71 16.06 -23.26
CA ASP F 266 27.13 16.40 -23.06
C ASP F 266 27.35 17.43 -21.94
N HIS F 267 26.40 18.36 -21.76
CA HIS F 267 26.47 19.32 -20.66
C HIS F 267 26.41 18.61 -19.32
N THR F 268 25.43 17.72 -19.19
CA THR F 268 25.21 16.99 -17.95
C THR F 268 26.39 16.07 -17.63
N GLU F 269 26.92 15.38 -18.65
CA GLU F 269 28.12 14.53 -18.49
C GLU F 269 29.34 15.37 -18.08
N ALA F 270 29.55 16.51 -18.72
CA ALA F 270 30.69 17.40 -18.42
C ALA F 270 30.59 18.04 -17.03
N ALA F 271 29.36 18.35 -16.59
CA ALA F 271 29.12 18.82 -15.22
C ALA F 271 28.87 17.69 -14.19
N ASN F 272 29.17 16.44 -14.57
CA ASN F 272 29.15 15.29 -13.66
C ASN F 272 27.81 15.09 -12.94
N GLY F 273 26.72 15.18 -13.70
CA GLY F 273 25.39 14.86 -13.20
C GLY F 273 24.42 16.03 -13.08
N TYR F 274 24.92 17.27 -13.18
CA TYR F 274 24.10 18.48 -13.12
C TYR F 274 23.84 18.99 -14.55
N SER F 275 22.58 19.31 -14.86
CA SER F 275 22.22 19.77 -16.19
C SER F 275 22.89 21.08 -16.64
N THR F 276 23.37 21.85 -15.65
CA THR F 276 23.90 23.21 -15.76
C THR F 276 22.80 24.26 -15.80
N CYS F 277 21.53 23.84 -15.83
CA CYS F 277 20.43 24.78 -15.93
C CYS F 277 20.27 25.59 -14.66
N HIS F 278 19.97 26.87 -14.85
CA HIS F 278 19.85 27.78 -13.74
C HIS F 278 18.91 28.92 -14.05
N PHE F 279 18.31 29.45 -13.00
CA PHE F 279 17.60 30.71 -13.06
C PHE F 279 18.66 31.79 -13.30
N TRP F 280 18.42 32.68 -14.26
CA TRP F 280 19.43 33.66 -14.64
C TRP F 280 19.43 34.81 -13.64
N SER F 281 20.31 34.70 -12.64
CA SER F 281 20.26 35.47 -11.39
C SER F 281 20.52 36.98 -11.50
N ASN F 282 20.96 37.48 -12.65
CA ASN F 282 20.99 38.95 -12.83
C ASN F 282 19.63 39.60 -12.51
N PHE F 283 18.54 38.87 -12.78
CA PHE F 283 17.21 39.18 -12.24
C PHE F 283 16.88 38.16 -11.16
N GLU F 284 16.49 38.63 -9.97
CA GLU F 284 15.87 37.78 -8.94
C GLU F 284 14.91 38.61 -8.13
N ILE F 285 13.78 38.01 -7.76
CA ILE F 285 12.95 38.49 -6.66
C ILE F 285 12.89 37.35 -5.65
N GLY F 286 13.29 37.61 -4.42
CA GLY F 286 13.51 36.53 -3.48
C GLY F 286 13.24 36.85 -2.03
N ASP F 287 13.03 35.77 -1.29
CA ASP F 287 12.85 35.78 0.14
C ASP F 287 14.23 35.58 0.78
N LEU F 288 14.75 36.65 1.38
CA LEU F 288 16.05 36.60 2.07
C LEU F 288 16.11 35.53 3.17
N ASP F 289 14.99 35.29 3.85
CA ASP F 289 14.94 34.28 4.92
C ASP F 289 15.03 32.83 4.42
N PHE F 290 14.76 32.58 3.14
CA PHE F 290 15.10 31.28 2.57
C PHE F 290 16.63 31.10 2.56
N PHE F 291 17.34 32.07 2.00
CA PHE F 291 18.81 31.97 1.88
C PHE F 291 19.50 32.02 3.25
N ARG F 292 18.90 32.73 4.20
CA ARG F 292 19.39 32.78 5.59
C ARG F 292 19.10 31.51 6.38
N GLY F 293 18.19 30.67 5.90
CA GLY F 293 17.78 29.48 6.61
C GLY F 293 18.88 28.45 6.73
N GLU F 294 18.66 27.51 7.63
CA GLU F 294 19.66 26.49 7.98
C GLU F 294 20.17 25.70 6.78
N GLN F 295 19.25 25.28 5.91
CA GLN F 295 19.57 24.39 4.80
C GLN F 295 20.42 25.10 3.76
N TYR F 296 19.90 26.20 3.20
CA TYR F 296 20.64 26.92 2.16
C TYR F 296 21.99 27.42 2.69
N ASP F 297 21.99 28.03 3.85
CA ASP F 297 23.22 28.64 4.34
C ASP F 297 24.29 27.58 4.66
N ALA F 298 23.87 26.42 5.16
CA ALA F 298 24.81 25.31 5.38
C ALA F 298 25.36 24.80 4.04
N TYR F 299 24.50 24.77 3.03
CA TYR F 299 24.93 24.46 1.66
C TYR F 299 26.01 25.44 1.17
N PHE F 300 25.75 26.74 1.34
CA PHE F 300 26.73 27.74 0.95
C PHE F 300 28.06 27.53 1.68
N ASN F 301 27.98 27.37 2.99
CA ASN F 301 29.18 27.17 3.81
C ASN F 301 29.98 25.93 3.39
N HIS F 302 29.29 24.86 3.03
CA HIS F 302 29.93 23.67 2.46
C HIS F 302 30.67 24.02 1.19
N LEU F 303 29.98 24.66 0.25
CA LEU F 303 30.60 25.11 -1.00
C LEU F 303 31.77 26.07 -0.79
N ASP F 304 31.64 26.97 0.18
CA ASP F 304 32.70 27.94 0.50
C ASP F 304 33.98 27.18 0.93
N ARG F 305 33.80 26.16 1.76
CA ARG F 305 34.91 25.29 2.22
CA ARG F 305 34.94 25.34 2.21
C ARG F 305 35.48 24.40 1.13
N ALA F 306 34.65 24.00 0.17
CA ALA F 306 35.08 23.16 -0.96
C ALA F 306 36.06 23.87 -1.88
N GLY F 307 35.91 25.20 -2.00
CA GLY F 307 36.88 26.02 -2.73
C GLY F 307 36.55 26.38 -4.17
N GLY F 308 35.45 25.81 -4.70
CA GLY F 308 35.14 25.98 -6.12
C GLY F 308 34.71 27.37 -6.58
N PHE F 309 34.35 28.26 -5.66
CA PHE F 309 34.15 29.67 -6.05
C PHE F 309 35.45 30.28 -6.59
N PHE F 310 36.60 29.80 -6.12
CA PHE F 310 37.92 30.30 -6.56
C PHE F 310 38.69 29.34 -7.45
N TYR F 311 38.66 28.05 -7.13
CA TYR F 311 39.40 27.04 -7.90
C TYR F 311 38.68 26.58 -9.17
N GLU F 312 37.39 26.84 -9.25
CA GLU F 312 36.61 26.70 -10.50
C GLU F 312 35.97 28.07 -10.71
N ARG F 313 34.83 28.17 -11.38
CA ARG F 313 34.17 29.48 -11.54
C ARG F 313 32.67 29.36 -11.29
N TRP F 314 32.34 28.87 -10.10
CA TRP F 314 30.96 28.63 -9.72
C TRP F 314 30.19 29.95 -9.68
N GLY F 315 29.19 30.06 -10.54
CA GLY F 315 28.33 31.24 -10.56
C GLY F 315 27.35 31.20 -9.42
N ASP F 316 26.93 32.39 -8.97
CA ASP F 316 25.81 32.45 -8.02
C ASP F 316 24.50 31.89 -8.62
N ALA F 317 24.34 31.94 -9.93
CA ALA F 317 23.10 31.44 -10.55
C ALA F 317 22.94 29.93 -10.35
N PRO F 318 23.95 29.12 -10.73
CA PRO F 318 23.79 27.69 -10.48
C PRO F 318 23.69 27.33 -9.01
N VAL F 319 24.39 28.06 -8.14
CA VAL F 319 24.36 27.79 -6.71
C VAL F 319 23.00 28.11 -6.11
N HIS F 320 22.46 29.28 -6.43
CA HIS F 320 21.06 29.59 -6.06
C HIS F 320 20.07 28.57 -6.61
N SER F 321 20.24 28.18 -7.87
CA SER F 321 19.32 27.26 -8.55
C SER F 321 19.32 25.88 -7.92
N ILE F 322 20.50 25.34 -7.63
CA ILE F 322 20.64 24.08 -6.92
C ILE F 322 20.05 24.20 -5.51
N GLY F 323 20.39 25.27 -4.81
CA GLY F 323 19.84 25.50 -3.47
C GLY F 323 18.34 25.51 -3.42
N LEU F 324 17.74 26.27 -4.33
CA LEU F 324 16.30 26.31 -4.48
C LEU F 324 15.74 24.94 -4.89
N GLY F 325 16.38 24.31 -5.86
CA GLY F 325 15.95 23.03 -6.38
C GLY F 325 15.97 21.90 -5.38
N LEU F 326 16.86 21.97 -4.38
CA LEU F 326 16.96 20.93 -3.35
C LEU F 326 16.28 21.27 -2.03
N PHE F 327 16.22 22.55 -1.66
CA PHE F 327 15.78 22.94 -0.31
C PHE F 327 14.52 23.81 -0.20
N ALA F 328 14.04 24.34 -1.31
CA ALA F 328 12.81 25.13 -1.31
C ALA F 328 11.65 24.22 -1.68
N ASP F 329 10.45 24.69 -1.40
CA ASP F 329 9.21 24.11 -1.95
C ASP F 329 9.05 24.62 -3.39
N ALA F 330 9.10 23.73 -4.38
CA ALA F 330 9.00 24.12 -5.79
C ALA F 330 7.74 24.90 -6.13
N ALA F 331 6.66 24.66 -5.38
CA ALA F 331 5.40 25.41 -5.52
C ALA F 331 5.58 26.90 -5.17
N LYS F 332 6.60 27.23 -4.38
CA LYS F 332 6.87 28.62 -3.98
C LYS F 332 7.88 29.35 -4.87
N VAL F 333 8.26 28.75 -6.00
CA VAL F 333 9.11 29.39 -6.99
C VAL F 333 8.21 29.76 -8.18
N HIS F 334 8.30 31.01 -8.63
CA HIS F 334 7.38 31.60 -9.61
C HIS F 334 8.11 32.14 -10.84
N TRP F 335 7.57 31.84 -12.01
CA TRP F 335 8.02 32.43 -13.26
C TRP F 335 7.29 33.75 -13.47
N PHE F 336 8.02 34.87 -13.36
CA PHE F 336 7.44 36.21 -13.55
C PHE F 336 7.33 36.50 -15.05
N ARG F 337 6.46 35.76 -15.73
CA ARG F 337 6.32 35.85 -17.18
C ARG F 337 5.88 37.25 -17.63
N ASP F 338 5.15 37.94 -16.77
CA ASP F 338 4.64 39.29 -17.07
C ASP F 338 5.66 40.43 -16.94
N ILE F 339 6.84 40.16 -16.37
CA ILE F 339 7.91 41.17 -16.29
C ILE F 339 8.79 41.03 -17.52
N GLY F 340 8.60 41.92 -18.51
CA GLY F 340 9.43 41.92 -19.71
C GLY F 340 10.84 42.28 -19.33
N TYR F 341 11.82 41.52 -19.82
CA TYR F 341 13.20 41.65 -19.31
C TYR F 341 14.25 41.28 -20.35
N ASN F 342 15.37 41.99 -20.31
CA ASN F 342 16.52 41.68 -21.15
C ASN F 342 17.82 42.01 -20.40
N HIS F 343 18.73 41.04 -20.39
CA HIS F 343 20.16 41.24 -20.13
C HIS F 343 20.74 40.59 -21.36
N ILE F 344 21.72 41.25 -21.99
CA ILE F 344 22.28 40.75 -23.25
C ILE F 344 22.77 39.31 -23.01
N PRO F 345 22.47 38.34 -23.88
CA PRO F 345 21.71 38.48 -25.12
C PRO F 345 20.30 37.85 -25.08
N TYR F 346 19.68 37.72 -23.90
CA TYR F 346 18.44 36.95 -23.76
C TYR F 346 17.29 37.77 -23.21
N TYR F 347 16.07 37.29 -23.47
CA TYR F 347 14.83 38.03 -23.23
C TYR F 347 13.78 37.16 -22.56
N ASN F 348 12.96 37.79 -21.73
CA ASN F 348 11.63 37.31 -21.42
C ASN F 348 10.71 38.42 -21.91
N CYS F 349 10.13 38.23 -23.10
CA CYS F 349 9.20 39.23 -23.69
C CYS F 349 7.80 38.63 -23.87
N PRO F 350 6.83 39.04 -23.03
CA PRO F 350 5.49 38.50 -23.13
C PRO F 350 4.62 39.28 -24.11
N ASN F 351 3.63 38.59 -24.65
CA ASN F 351 2.61 39.20 -25.51
C ASN F 351 1.58 39.90 -24.62
N SER F 352 1.76 41.20 -24.43
CA SER F 352 0.86 41.98 -23.58
C SER F 352 0.78 43.42 -24.08
N PRO F 353 -0.42 44.05 -23.97
CA PRO F 353 -0.51 45.46 -24.35
C PRO F 353 0.32 46.39 -23.44
N LYS F 354 0.69 45.91 -22.25
CA LYS F 354 1.53 46.71 -21.34
C LYS F 354 3.02 46.77 -21.72
N CYS F 355 3.44 45.99 -22.72
CA CYS F 355 4.85 45.93 -23.13
C CYS F 355 5.12 46.67 -24.43
N SER F 356 6.35 47.16 -24.59
CA SER F 356 6.80 47.67 -25.89
C SER F 356 8.31 47.47 -26.08
N LYS F 357 8.73 47.56 -27.34
CA LYS F 357 10.15 47.48 -27.76
C LYS F 357 10.84 46.12 -27.58
N CYS F 358 10.09 45.03 -27.39
CA CYS F 358 10.63 43.67 -27.49
C CYS F 358 9.68 42.81 -28.31
N THR F 359 10.21 41.82 -29.01
CA THR F 359 9.41 40.88 -29.78
C THR F 359 8.91 39.74 -28.88
N PRO F 360 7.58 39.57 -28.72
CA PRO F 360 7.10 38.51 -27.85
C PRO F 360 7.65 37.13 -28.21
N GLY F 361 8.18 36.42 -27.21
CA GLY F 361 8.68 35.07 -27.41
C GLY F 361 10.00 34.91 -28.13
N GLN F 362 10.70 36.01 -28.44
CA GLN F 362 12.01 35.92 -29.05
C GLN F 362 12.99 35.80 -27.89
N PHE F 363 13.60 34.62 -27.75
CA PHE F 363 14.44 34.28 -26.59
C PHE F 363 15.81 34.98 -26.64
N TYR F 364 16.40 35.07 -27.83
CA TYR F 364 17.77 35.60 -27.99
C TYR F 364 17.88 36.66 -29.09
N ALA F 365 18.93 37.48 -28.99
CA ALA F 365 19.37 38.35 -30.08
C ALA F 365 20.83 38.04 -30.35
N GLY F 366 21.14 37.67 -31.57
CA GLY F 366 22.49 37.27 -31.95
C GLY F 366 22.50 36.08 -32.85
N ALA F 367 23.61 35.35 -32.84
CA ALA F 367 23.79 34.20 -33.72
C ALA F 367 22.79 33.07 -33.36
N PRO F 368 22.33 32.31 -34.38
CA PRO F 368 21.31 31.26 -34.18
C PRO F 368 21.70 30.13 -33.19
N PHE F 369 22.99 29.89 -32.99
CA PHE F 369 23.41 28.89 -31.99
C PHE F 369 22.95 29.22 -30.56
N LEU F 370 22.65 30.49 -30.29
CA LEU F 370 22.13 30.92 -28.98
C LEU F 370 20.76 30.33 -28.60
N ALA F 371 20.00 29.82 -29.57
CA ALA F 371 18.71 29.18 -29.29
C ALA F 371 18.81 27.98 -28.32
N LYS F 372 19.92 27.25 -28.41
CA LYS F 372 20.22 26.09 -27.56
C LYS F 372 20.34 26.39 -26.06
N GLU F 373 20.51 27.65 -25.69
CA GLU F 373 20.78 28.03 -24.30
C GLU F 373 19.55 28.13 -23.44
N ASP F 374 18.36 28.11 -24.04
CA ASP F 374 17.10 28.13 -23.30
C ASP F 374 16.87 26.77 -22.63
N CYS F 375 16.75 26.76 -21.31
CA CYS F 375 16.46 25.54 -20.56
C CYS F 375 14.99 25.44 -20.10
N ARG F 376 14.15 26.42 -20.45
CA ARG F 376 12.74 26.36 -20.04
C ARG F 376 11.98 25.09 -20.49
N PRO F 377 12.30 24.53 -21.67
CA PRO F 377 11.64 23.26 -22.03
C PRO F 377 11.85 22.15 -21.01
N SER F 378 13.01 22.09 -20.37
CA SER F 378 13.23 21.18 -19.25
C SER F 378 12.51 21.62 -17.97
N TYR F 379 12.69 22.89 -17.59
CA TYR F 379 12.08 23.42 -16.38
C TYR F 379 10.56 23.29 -16.42
N PHE F 380 9.97 23.64 -17.55
CA PHE F 380 8.51 23.58 -17.68
C PHE F 380 7.98 22.14 -17.61
N LYS F 381 8.76 21.18 -18.08
CA LYS F 381 8.39 19.75 -18.00
C LYS F 381 8.52 19.21 -16.59
N HIS F 382 9.67 19.47 -15.96
CA HIS F 382 10.01 18.87 -14.68
C HIS F 382 9.46 19.59 -13.46
N VAL F 383 9.21 20.90 -13.59
CA VAL F 383 8.80 21.71 -12.45
C VAL F 383 7.47 22.41 -12.72
N GLY F 384 7.36 23.12 -13.85
CA GLY F 384 6.09 23.73 -14.25
C GLY F 384 6.23 25.18 -14.67
N MET F 385 5.10 25.77 -15.03
CA MET F 385 5.02 27.14 -15.57
C MET F 385 4.35 28.12 -14.59
N HIS F 386 4.18 27.67 -13.36
CA HIS F 386 3.51 28.43 -12.31
C HIS F 386 4.38 29.57 -11.79
MN MN G . 19.43 -16.70 26.54
PB GDP H . 17.13 -18.76 25.65
O1B GDP H . 18.01 -19.85 25.12
O2B GDP H . 17.80 -17.38 25.73
O3B GDP H . 15.72 -18.71 25.09
O3A GDP H . 16.91 -19.27 27.18
PA GDP H . 17.92 -18.99 28.43
O1A GDP H . 18.40 -20.31 28.99
O2A GDP H . 18.91 -17.88 28.02
O5' GDP H . 16.80 -18.45 29.45
C5' GDP H . 16.25 -17.13 29.32
C4' GDP H . 16.58 -16.30 30.56
O4' GDP H . 15.96 -16.90 31.69
C3' GDP H . 18.06 -16.24 30.91
O3' GDP H . 18.29 -14.97 31.54
C2' GDP H . 18.28 -17.41 31.86
O2' GDP H . 19.36 -17.17 32.76
C1' GDP H . 16.93 -17.47 32.57
N9 GDP H . 16.42 -18.80 33.00
C8 GDP H . 15.94 -19.82 32.23
N7 GDP H . 15.51 -20.83 33.01
C5 GDP H . 15.71 -20.47 34.30
C6 GDP H . 15.49 -21.07 35.63
O6 GDP H . 15.00 -22.21 35.71
N1 GDP H . 15.82 -20.36 36.73
C2 GDP H . 16.36 -19.11 36.64
N2 GDP H . 16.69 -18.43 37.77
N3 GDP H . 16.59 -18.51 35.45
C4 GDP H . 16.29 -19.13 34.28
NA NA I . 28.34 13.63 35.95
NA NA J . 13.98 -32.11 19.70
C1 GOL K . -3.32 -0.70 11.67
O1 GOL K . -4.31 -1.57 12.23
C2 GOL K . -2.08 -1.42 11.13
O2 GOL K . -1.52 -2.33 12.11
C3 GOL K . -2.37 -2.20 9.83
O3 GOL K . -3.58 -2.96 9.91
C1 GOL L . 3.46 4.21 11.79
O1 GOL L . 4.05 5.47 12.19
C2 GOL L . 2.73 3.56 12.96
O2 GOL L . 1.34 3.94 12.88
C3 GOL L . 3.31 3.96 14.32
O3 GOL L . 2.92 5.29 14.71
C1 GOL M . 15.28 -4.61 45.69
O1 GOL M . 14.39 -5.12 46.69
C2 GOL M . 14.78 -3.26 45.15
O2 GOL M . 13.48 -2.96 45.66
C3 GOL M . 15.75 -2.15 45.56
O3 GOL M . 15.20 -0.87 45.25
C1 GOL N . 14.73 -18.42 20.56
O1 GOL N . 15.20 -17.54 21.61
C2 GOL N . 14.80 -17.73 19.19
O2 GOL N . 15.36 -18.62 18.21
C3 GOL N . 13.43 -17.25 18.75
O3 GOL N . 12.90 -16.31 19.70
MN MN O . 46.95 -3.56 5.17
PB GDP P . 44.80 -1.13 5.11
O1B GDP P . 45.62 -2.29 4.51
O2B GDP P . 44.08 -0.27 4.11
O3B GDP P . 43.95 -1.49 6.30
O3A GDP P . 45.87 -0.10 5.72
PA GDP P . 47.20 -0.53 6.55
O1A GDP P . 46.96 -0.07 7.98
O2A GDP P . 47.56 -1.99 6.18
O5' GDP P . 48.23 0.50 5.89
C5' GDP P . 48.71 0.29 4.57
C4' GDP P . 50.23 0.11 4.58
O4' GDP P . 50.84 1.32 5.00
C3' GDP P . 50.74 -0.95 5.54
O3' GDP P . 51.94 -1.51 4.98
C2' GDP P . 51.02 -0.19 6.82
O2' GDP P . 52.07 -0.79 7.56
C1' GDP P . 51.43 1.17 6.30
N9 GDP P . 51.07 2.36 7.10
C8 GDP P . 49.85 2.92 7.31
N7 GDP P . 49.98 4.04 8.08
C5 GDP P . 51.29 4.21 8.34
C6 GDP P . 52.12 5.17 9.08
O6 GDP P . 51.58 6.14 9.67
N1 GDP P . 53.46 5.00 9.11
C2 GDP P . 54.05 3.96 8.49
N2 GDP P . 55.39 3.81 8.56
N3 GDP P . 53.34 3.02 7.80
C4 GDP P . 51.99 3.11 7.69
NA NA Q . 33.00 5.20 11.00
NA NA R . 71.45 -20.81 -8.84
C1 GOL S . 37.00 0.23 -24.14
O1 GOL S . 35.96 0.21 -23.17
C2 GOL S . 38.03 1.23 -23.64
O2 GOL S . 38.80 0.72 -22.53
C3 GOL S . 38.96 1.64 -24.76
O3 GOL S . 39.06 3.05 -24.73
C1 GOL T . 39.15 -1.59 -0.67
O1 GOL T . 40.43 -1.29 -1.25
C2 GOL T . 39.28 -1.82 0.84
O2 GOL T . 40.39 -1.06 1.33
C3 GOL T . 39.51 -3.28 1.20
O3 GOL T . 38.41 -3.80 1.98
C1 GOL U . 47.28 26.55 4.81
O1 GOL U . 47.22 25.86 6.06
C2 GOL U . 46.33 27.75 4.80
O2 GOL U . 44.99 27.34 4.47
C3 GOL U . 46.81 28.80 3.80
O3 GOL U . 46.92 28.27 2.46
C1 GOL V . 69.16 1.83 0.25
O1 GOL V . 69.54 3.16 0.64
C2 GOL V . 69.75 1.52 -1.11
O2 GOL V . 69.09 2.31 -2.09
C3 GOL V . 69.56 0.08 -1.50
O3 GOL V . 70.44 -0.22 -2.60
MN MN W . -31.94 -32.41 18.50
PB GDP X . -29.75 -30.28 19.49
O1B GDP X . -28.32 -29.92 19.20
O2B GDP X . -30.32 -31.33 18.55
O3B GDP X . -30.71 -29.17 19.88
O3A GDP X . -29.62 -30.98 20.94
PA GDP X . -30.69 -32.04 21.56
O1A GDP X . -31.24 -31.44 22.83
O2A GDP X . -31.62 -32.52 20.44
O5' GDP X . -29.60 -33.14 21.98
C5' GDP X . -28.96 -33.97 21.03
C4' GDP X . -29.23 -35.44 21.32
O4' GDP X . -28.65 -35.81 22.57
C3' GDP X . -30.69 -35.78 21.45
O3' GDP X . -30.85 -37.11 20.96
C2' GDP X . -30.98 -35.67 22.94
O2' GDP X . -32.02 -36.55 23.37
C1' GDP X . -29.67 -36.11 23.54
N9 GDP X . -29.24 -35.48 24.81
C8 GDP X . -28.80 -34.23 25.03
N7 GDP X . -28.42 -34.08 26.32
C5 GDP X . -28.59 -35.26 26.93
C6 GDP X . -28.41 -35.80 28.29
O6 GDP X . -27.96 -35.07 29.20
N1 GDP X . -28.71 -37.09 28.52
C2 GDP X . -29.19 -37.90 27.54
N2 GDP X . -29.48 -39.19 27.81
N3 GDP X . -29.40 -37.47 26.27
C4 GDP X . -29.12 -36.19 25.93
NA NA Y . -39.84 -60.99 3.81
C1 GOL Z . -28.31 -56.20 21.85
O1 GOL Z . -27.53 -57.03 21.00
C2 GOL Z . -27.46 -55.20 22.67
O2 GOL Z . -26.14 -55.70 22.86
C3 GOL Z . -28.10 -54.89 24.04
O3 GOL Z . -27.14 -54.86 25.12
C1 GOL AA . -25.70 -26.76 13.72
O1 GOL AA . -25.02 -28.01 13.79
C2 GOL AA . -26.73 -26.73 14.86
O2 GOL AA . -26.34 -25.75 15.82
C3 GOL AA . -28.11 -26.40 14.32
O3 GOL AA . -28.11 -25.11 13.74
MN MN BA . -35.32 -3.52 -34.95
PB GDP CA . -34.04 -1.12 -33.18
O1B GDP CA . -33.51 -0.94 -31.78
O2B GDP CA . -34.35 -2.57 -33.57
O3B GDP CA . -33.33 -0.34 -34.26
O3A GDP CA . -35.46 -0.34 -33.07
PA GDP CA . -36.71 -0.62 -34.05
O1A GDP CA . -36.51 -1.96 -34.78
O2A GDP CA . -36.96 0.67 -34.80
O5' GDP CA . -37.88 -0.74 -32.95
C5' GDP CA . -38.07 -1.90 -32.14
C4' GDP CA . -39.45 -2.53 -32.39
O4' GDP CA . -40.49 -1.65 -31.97
C3' GDP CA . -39.73 -2.79 -33.85
O3' GDP CA . -40.61 -3.92 -33.89
C2' GDP CA . -40.42 -1.54 -34.35
O2' GDP CA . -41.30 -1.80 -35.43
C1' GDP CA . -41.16 -1.09 -33.11
N9 GDP CA . -41.33 0.36 -32.89
C8 GDP CA . -40.39 1.28 -32.56
N7 GDP CA . -40.95 2.50 -32.41
C5 GDP CA . -42.26 2.38 -32.64
C6 GDP CA . -43.44 3.27 -32.66
O6 GDP CA . -43.29 4.48 -32.41
N1 GDP CA . -44.65 2.75 -32.94
C2 GDP CA . -44.82 1.44 -33.22
N2 GDP CA . -46.05 0.98 -33.51
N3 GDP CA . -43.78 0.56 -33.23
C4 GDP CA . -42.51 0.97 -32.95
NA NA DA . -25.67 11.03 -32.23
NA NA EA . -50.79 -32.77 -37.94
C1 GOL FA . -25.89 -23.28 -13.78
O1 GOL FA . -25.67 -23.41 -15.19
C2 GOL FA . -26.80 -22.10 -13.47
O2 GOL FA . -26.95 -22.00 -12.04
C3 GOL FA . -28.17 -22.27 -14.12
O3 GOL FA . -28.91 -23.36 -13.57
C1 GOL GA . -25.13 -16.77 -8.24
O1 GOL GA . -25.49 -15.67 -7.41
C2 GOL GA . -24.26 -16.35 -9.41
O2 GOL GA . -25.03 -15.58 -10.36
C3 GOL GA . -23.09 -15.50 -8.88
O3 GOL GA . -22.00 -15.53 -9.80
C1 GOL HA . -28.94 -2.68 -28.81
O1 GOL HA . -29.05 -3.75 -27.87
C2 GOL HA . -27.79 -3.03 -29.75
O2 GOL HA . -26.57 -3.06 -28.99
C3 GOL HA . -27.70 -2.03 -30.91
O3 GOL HA . -27.07 -2.66 -32.03
MN MN IA . -26.42 21.04 12.74
PB GDP JA . -27.71 18.70 10.94
O1B GDP JA . -26.62 19.66 11.40
O2B GDP JA . -27.42 18.00 9.63
O3B GDP JA . -28.30 17.86 12.04
O3A GDP JA . -28.99 19.61 10.54
PA GDP JA . -29.42 20.96 11.32
O1A GDP JA . -28.24 21.42 12.18
O2A GDP JA . -30.78 20.73 11.94
O5' GDP JA . -29.60 21.92 10.06
C5' GDP JA . -28.49 22.37 9.31
C4' GDP JA . -28.44 23.89 9.28
O4' GDP JA . -29.53 24.39 8.50
C3' GDP JA . -28.60 24.54 10.65
O3' GDP JA . -27.83 25.74 10.62
C2' GDP JA . -30.08 24.82 10.78
O2' GDP JA . -30.34 25.95 11.62
C1' GDP JA . -30.49 25.06 9.33
N9 GDP JA . -31.83 24.60 8.91
C8 GDP JA . -32.28 23.34 8.73
N7 GDP JA . -33.56 23.34 8.28
C5 GDP JA . -33.94 24.62 8.15
C6 GDP JA . -35.16 25.33 7.74
O6 GDP JA . -36.16 24.68 7.38
N1 GDP JA . -35.14 26.68 7.74
C2 GDP JA . -34.05 27.38 8.13
N2 GDP JA . -34.07 28.73 8.14
N3 GDP JA . -32.90 26.79 8.54
C4 GDP JA . -32.80 25.44 8.56
C1 GOL KA . -23.57 14.10 8.21
O1 GOL KA . -22.38 14.34 7.46
C2 GOL KA . -23.53 12.70 8.82
O2 GOL KA . -22.17 12.29 9.05
C3 GOL KA . -24.32 12.66 10.13
O3 GOL KA . -23.52 13.08 11.26
C1 GOL LA . -26.72 42.32 3.79
O1 GOL LA . -27.84 42.92 3.11
C2 GOL LA . -25.39 42.67 3.13
O2 GOL LA . -25.59 43.06 1.77
C3 GOL LA . -24.68 43.77 3.91
O3 GOL LA . -23.52 44.22 3.20
C1 GOL MA . -1.14 26.41 3.71
O1 GOL MA . -1.10 27.45 4.70
C2 GOL MA . -1.74 26.89 2.37
O2 GOL MA . -1.65 25.82 1.42
C3 GOL MA . -1.02 28.15 1.87
O3 GOL MA . -0.87 28.22 0.45
C1 GOL NA . -8.31 45.44 3.63
O1 GOL NA . -8.56 46.84 3.79
C2 GOL NA . -7.98 45.13 2.18
O2 GOL NA . -8.95 45.72 1.30
C3 GOL NA . -7.87 43.62 1.99
O3 GOL NA . -8.60 43.20 0.82
MN MN OA . 25.58 41.54 -16.14
PB GDP PA . 27.80 39.17 -16.23
O1B GDP PA . 27.91 37.72 -15.84
O2B GDP PA . 26.41 39.77 -16.10
O3B GDP PA . 28.56 39.54 -17.48
O3A GDP PA . 28.69 39.88 -15.08
PA GDP PA . 28.63 41.46 -14.76
O1A GDP PA . 29.94 42.05 -15.22
O2A GDP PA . 27.26 42.01 -15.25
O5' GDP PA . 28.64 41.40 -13.16
C5' GDP PA . 27.54 40.86 -12.45
C4' GDP PA . 27.00 41.84 -11.44
O4' GDP PA . 27.96 42.01 -10.40
C3' GDP PA . 26.75 43.25 -11.97
O3' GDP PA . 25.70 43.84 -11.20
C2' GDP PA . 28.07 43.97 -11.74
O2' GDP PA . 27.90 45.38 -11.58
C1' GDP PA . 28.54 43.32 -10.44
N9 GDP PA . 30.00 43.17 -10.24
C8 GDP PA . 30.85 42.33 -10.88
N7 GDP PA . 32.11 42.46 -10.38
C5 GDP PA . 32.06 43.38 -9.41
C6 GDP PA . 33.00 44.00 -8.46
O6 GDP PA . 34.20 43.68 -8.46
N1 GDP PA . 32.54 44.92 -7.58
C2 GDP PA . 31.24 45.28 -7.56
N2 GDP PA . 30.83 46.22 -6.67
N3 GDP PA . 30.32 44.76 -8.40
C4 GDP PA . 30.67 43.83 -9.32
C1 GOL QA . 24.81 31.76 -18.60
O1 GOL QA . 24.54 32.37 -17.33
C2 GOL QA . 26.00 32.43 -19.30
O2 GOL QA . 27.08 32.56 -18.38
C3 GOL QA . 25.62 33.80 -19.87
O3 GOL QA . 25.67 34.81 -18.85
C1 GOL RA . 17.98 51.09 4.97
O1 GOL RA . 16.73 50.65 5.54
C2 GOL RA . 19.00 49.96 5.00
O2 GOL RA . 19.13 49.43 6.32
C3 GOL RA . 20.36 50.46 4.49
O3 GOL RA . 21.28 50.82 5.54
#